data_5NIZ
# 
_entry.id   5NIZ 
# 
_audit_conform.dict_name       mmcif_pdbx.dic 
_audit_conform.dict_version    5.391 
_audit_conform.dict_location   http://mmcif.pdb.org/dictionaries/ascii/mmcif_pdbx.dic 
# 
loop_
_database_2.database_id 
_database_2.database_code 
_database_2.pdbx_database_accession 
_database_2.pdbx_DOI 
PDB   5NIZ         pdb_00005niz 10.2210/pdb5niz/pdb 
WWPDB D_1200004212 ?            ?                   
# 
loop_
_pdbx_audit_revision_history.ordinal 
_pdbx_audit_revision_history.data_content_type 
_pdbx_audit_revision_history.major_revision 
_pdbx_audit_revision_history.minor_revision 
_pdbx_audit_revision_history.revision_date 
1 'Structure model' 1 0 2017-11-15 
2 'Structure model' 1 1 2017-12-06 
3 'Structure model' 1 2 2017-12-27 
4 'Structure model' 1 3 2019-10-16 
5 'Structure model' 1 4 2024-05-08 
# 
_pdbx_audit_revision_details.ordinal             1 
_pdbx_audit_revision_details.revision_ordinal    1 
_pdbx_audit_revision_details.data_content_type   'Structure model' 
_pdbx_audit_revision_details.provider            repository 
_pdbx_audit_revision_details.type                'Initial release' 
_pdbx_audit_revision_details.description         ? 
_pdbx_audit_revision_details.details             ? 
# 
loop_
_pdbx_audit_revision_group.ordinal 
_pdbx_audit_revision_group.revision_ordinal 
_pdbx_audit_revision_group.data_content_type 
_pdbx_audit_revision_group.group 
1 2 'Structure model' 'Database references' 
2 3 'Structure model' 'Database references' 
3 4 'Structure model' 'Data collection'     
4 5 'Structure model' 'Data collection'     
5 5 'Structure model' 'Database references' 
# 
loop_
_pdbx_audit_revision_category.ordinal 
_pdbx_audit_revision_category.revision_ordinal 
_pdbx_audit_revision_category.data_content_type 
_pdbx_audit_revision_category.category 
1 2 'Structure model' citation       
2 3 'Structure model' citation       
3 4 'Structure model' reflns_shell   
4 5 'Structure model' chem_comp_atom 
5 5 'Structure model' chem_comp_bond 
6 5 'Structure model' database_2     
# 
loop_
_pdbx_audit_revision_item.ordinal 
_pdbx_audit_revision_item.revision_ordinal 
_pdbx_audit_revision_item.data_content_type 
_pdbx_audit_revision_item.item 
1 2 'Structure model' '_citation.journal_abbrev'            
2 2 'Structure model' '_citation.pdbx_database_id_DOI'      
3 2 'Structure model' '_citation.pdbx_database_id_PubMed'   
4 2 'Structure model' '_citation.title'                     
5 3 'Structure model' '_citation.journal_volume'            
6 3 'Structure model' '_citation.page_first'                
7 3 'Structure model' '_citation.page_last'                 
8 5 'Structure model' '_database_2.pdbx_DOI'                
9 5 'Structure model' '_database_2.pdbx_database_accession' 
# 
_pdbx_database_status.status_code                     REL 
_pdbx_database_status.status_code_sf                  REL 
_pdbx_database_status.status_code_mr                  ? 
_pdbx_database_status.entry_id                        5NIZ 
_pdbx_database_status.recvd_initial_deposition_date   2017-03-27 
_pdbx_database_status.SG_entry                        N 
_pdbx_database_status.deposit_site                    PDBE 
_pdbx_database_status.process_site                    PDBE 
_pdbx_database_status.status_code_cs                  ? 
_pdbx_database_status.methods_development_category    ? 
_pdbx_database_status.pdb_format_compatible           Y 
_pdbx_database_status.status_code_nmr_data            ? 
# 
loop_
_audit_author.name 
_audit_author.pdbx_ordinal 
_audit_author.identifier_ORCID 
'Pohl, E.'      1 0000-0002-9949-4471 
'Tatum, N.J.'   2 ?                   
'Cole, J.C.'    3 0000-0002-0291-6317 
'Baulard, A.R.' 4 ?                   
# 
_citation.abstract                  ? 
_citation.abstract_id_CAS           ? 
_citation.book_id_ISBN              ? 
_citation.book_publisher            ? 
_citation.book_publisher_city       ? 
_citation.book_title                ? 
_citation.coordinate_linkage        ? 
_citation.country                   UK 
_citation.database_id_Medline       ? 
_citation.details                   ? 
_citation.id                        primary 
_citation.journal_abbrev            'Org. Biomol. Chem.' 
_citation.journal_id_ASTM           ? 
_citation.journal_id_CSD            ? 
_citation.journal_id_ISSN           1477-0539 
_citation.journal_full              ? 
_citation.journal_issue             ? 
_citation.journal_volume            15 
_citation.language                  ? 
_citation.page_first                10245 
_citation.page_last                 10255 
_citation.title                     'New active leads for tuberculosis booster drugs by structure-based drug discovery.' 
_citation.year                      2017 
_citation.database_id_CSD           ? 
_citation.pdbx_database_id_DOI      10.1039/c7ob00910k 
_citation.pdbx_database_id_PubMed   29182187 
_citation.unpublished_flag          ? 
# 
loop_
_citation_author.citation_id 
_citation_author.name 
_citation_author.ordinal 
_citation_author.identifier_ORCID 
primary 'Tatum, N.J.'        1 ? 
primary 'Liebeschuetz, J.W.' 2 ? 
primary 'Cole, J.C.'         3 ? 
primary 'Frita, R.'          4 ? 
primary 'Herledan, A.'       5 ? 
primary 'Baulard, A.R.'      6 ? 
primary 'Willand, N.'        7 ? 
primary 'Pohl, E.'           8 ? 
# 
loop_
_entity.id 
_entity.type 
_entity.src_method 
_entity.pdbx_description 
_entity.formula_weight 
_entity.pdbx_number_of_molecules 
_entity.pdbx_ec 
_entity.pdbx_mutation 
_entity.pdbx_fragment 
_entity.details 
1 polymer     man 'HTH-type transcriptional regulator EthR'                                                  23781.705 1  ? ? ? ? 
2 non-polymer syn '1-[3-[5-[(1~{R},2~{R})-2-methylcyclopropyl]furan-2-yl]propanoyl]piperidine-4-carboxamide' 304.384   1  ? ? ? ? 
3 non-polymer syn 'SULFATE ION'                                                                              96.063    2  ? ? ? ? 
4 water       nat water                                                                                      18.015    75 ? ? ? ? 
# 
_entity_poly.entity_id                      1 
_entity_poly.type                           'polypeptide(L)' 
_entity_poly.nstd_linkage                   no 
_entity_poly.nstd_monomer                   no 
_entity_poly.pdbx_seq_one_letter_code       
;MTTSAASQASLPRGRRTARPSGDDRELAILATAENLLEDRPLADISVDDLAKGAGISRPTFYFYFPSKEAVLLTLLDRVV
NQADMALQTLAENPADTDRENMWRTGINVFFETFGSHKAVTRAGQAARATSVEVAELWSTFMQKWIAYTAAVIDAERDRG
AAPRTLPAHELATALNLMNERTLFASFAGEQPSVPEARVLDTLVHIWVTSIYGENR
;
_entity_poly.pdbx_seq_one_letter_code_can   
;MTTSAASQASLPRGRRTARPSGDDRELAILATAENLLEDRPLADISVDDLAKGAGISRPTFYFYFPSKEAVLLTLLDRVV
NQADMALQTLAENPADTDRENMWRTGINVFFETFGSHKAVTRAGQAARATSVEVAELWSTFMQKWIAYTAAVIDAERDRG
AAPRTLPAHELATALNLMNERTLFASFAGEQPSVPEARVLDTLVHIWVTSIYGENR
;
_entity_poly.pdbx_strand_id                 A 
_entity_poly.pdbx_target_identifier         ? 
# 
loop_
_pdbx_entity_nonpoly.entity_id 
_pdbx_entity_nonpoly.name 
_pdbx_entity_nonpoly.comp_id 
2 '1-[3-[5-[(1~{R},2~{R})-2-methylcyclopropyl]furan-2-yl]propanoyl]piperidine-4-carboxamide' 8YT 
3 'SULFATE ION'                                                                              SO4 
4 water                                                                                      HOH 
# 
loop_
_entity_poly_seq.entity_id 
_entity_poly_seq.num 
_entity_poly_seq.mon_id 
_entity_poly_seq.hetero 
1 1   MET n 
1 2   THR n 
1 3   THR n 
1 4   SER n 
1 5   ALA n 
1 6   ALA n 
1 7   SER n 
1 8   GLN n 
1 9   ALA n 
1 10  SER n 
1 11  LEU n 
1 12  PRO n 
1 13  ARG n 
1 14  GLY n 
1 15  ARG n 
1 16  ARG n 
1 17  THR n 
1 18  ALA n 
1 19  ARG n 
1 20  PRO n 
1 21  SER n 
1 22  GLY n 
1 23  ASP n 
1 24  ASP n 
1 25  ARG n 
1 26  GLU n 
1 27  LEU n 
1 28  ALA n 
1 29  ILE n 
1 30  LEU n 
1 31  ALA n 
1 32  THR n 
1 33  ALA n 
1 34  GLU n 
1 35  ASN n 
1 36  LEU n 
1 37  LEU n 
1 38  GLU n 
1 39  ASP n 
1 40  ARG n 
1 41  PRO n 
1 42  LEU n 
1 43  ALA n 
1 44  ASP n 
1 45  ILE n 
1 46  SER n 
1 47  VAL n 
1 48  ASP n 
1 49  ASP n 
1 50  LEU n 
1 51  ALA n 
1 52  LYS n 
1 53  GLY n 
1 54  ALA n 
1 55  GLY n 
1 56  ILE n 
1 57  SER n 
1 58  ARG n 
1 59  PRO n 
1 60  THR n 
1 61  PHE n 
1 62  TYR n 
1 63  PHE n 
1 64  TYR n 
1 65  PHE n 
1 66  PRO n 
1 67  SER n 
1 68  LYS n 
1 69  GLU n 
1 70  ALA n 
1 71  VAL n 
1 72  LEU n 
1 73  LEU n 
1 74  THR n 
1 75  LEU n 
1 76  LEU n 
1 77  ASP n 
1 78  ARG n 
1 79  VAL n 
1 80  VAL n 
1 81  ASN n 
1 82  GLN n 
1 83  ALA n 
1 84  ASP n 
1 85  MET n 
1 86  ALA n 
1 87  LEU n 
1 88  GLN n 
1 89  THR n 
1 90  LEU n 
1 91  ALA n 
1 92  GLU n 
1 93  ASN n 
1 94  PRO n 
1 95  ALA n 
1 96  ASP n 
1 97  THR n 
1 98  ASP n 
1 99  ARG n 
1 100 GLU n 
1 101 ASN n 
1 102 MET n 
1 103 TRP n 
1 104 ARG n 
1 105 THR n 
1 106 GLY n 
1 107 ILE n 
1 108 ASN n 
1 109 VAL n 
1 110 PHE n 
1 111 PHE n 
1 112 GLU n 
1 113 THR n 
1 114 PHE n 
1 115 GLY n 
1 116 SER n 
1 117 HIS n 
1 118 LYS n 
1 119 ALA n 
1 120 VAL n 
1 121 THR n 
1 122 ARG n 
1 123 ALA n 
1 124 GLY n 
1 125 GLN n 
1 126 ALA n 
1 127 ALA n 
1 128 ARG n 
1 129 ALA n 
1 130 THR n 
1 131 SER n 
1 132 VAL n 
1 133 GLU n 
1 134 VAL n 
1 135 ALA n 
1 136 GLU n 
1 137 LEU n 
1 138 TRP n 
1 139 SER n 
1 140 THR n 
1 141 PHE n 
1 142 MET n 
1 143 GLN n 
1 144 LYS n 
1 145 TRP n 
1 146 ILE n 
1 147 ALA n 
1 148 TYR n 
1 149 THR n 
1 150 ALA n 
1 151 ALA n 
1 152 VAL n 
1 153 ILE n 
1 154 ASP n 
1 155 ALA n 
1 156 GLU n 
1 157 ARG n 
1 158 ASP n 
1 159 ARG n 
1 160 GLY n 
1 161 ALA n 
1 162 ALA n 
1 163 PRO n 
1 164 ARG n 
1 165 THR n 
1 166 LEU n 
1 167 PRO n 
1 168 ALA n 
1 169 HIS n 
1 170 GLU n 
1 171 LEU n 
1 172 ALA n 
1 173 THR n 
1 174 ALA n 
1 175 LEU n 
1 176 ASN n 
1 177 LEU n 
1 178 MET n 
1 179 ASN n 
1 180 GLU n 
1 181 ARG n 
1 182 THR n 
1 183 LEU n 
1 184 PHE n 
1 185 ALA n 
1 186 SER n 
1 187 PHE n 
1 188 ALA n 
1 189 GLY n 
1 190 GLU n 
1 191 GLN n 
1 192 PRO n 
1 193 SER n 
1 194 VAL n 
1 195 PRO n 
1 196 GLU n 
1 197 ALA n 
1 198 ARG n 
1 199 VAL n 
1 200 LEU n 
1 201 ASP n 
1 202 THR n 
1 203 LEU n 
1 204 VAL n 
1 205 HIS n 
1 206 ILE n 
1 207 TRP n 
1 208 VAL n 
1 209 THR n 
1 210 SER n 
1 211 ILE n 
1 212 TYR n 
1 213 GLY n 
1 214 GLU n 
1 215 ASN n 
1 216 ARG n 
# 
_entity_src_gen.entity_id                          1 
_entity_src_gen.pdbx_src_id                        1 
_entity_src_gen.pdbx_alt_source_flag               sample 
_entity_src_gen.pdbx_seq_type                      'Biological sequence' 
_entity_src_gen.pdbx_beg_seq_num                   1 
_entity_src_gen.pdbx_end_seq_num                   216 
_entity_src_gen.gene_src_common_name               ? 
_entity_src_gen.gene_src_genus                     ? 
_entity_src_gen.pdbx_gene_src_gene                 'ethR, etaR, Rv3855' 
_entity_src_gen.gene_src_species                   ? 
_entity_src_gen.gene_src_strain                    ? 
_entity_src_gen.gene_src_tissue                    ? 
_entity_src_gen.gene_src_tissue_fraction           ? 
_entity_src_gen.gene_src_details                   ? 
_entity_src_gen.pdbx_gene_src_fragment             ? 
_entity_src_gen.pdbx_gene_src_scientific_name      'Mycobacterium tuberculosis' 
_entity_src_gen.pdbx_gene_src_ncbi_taxonomy_id     1773 
_entity_src_gen.pdbx_gene_src_variant              ? 
_entity_src_gen.pdbx_gene_src_cell_line            ? 
_entity_src_gen.pdbx_gene_src_atcc                 ? 
_entity_src_gen.pdbx_gene_src_organ                ? 
_entity_src_gen.pdbx_gene_src_organelle            ? 
_entity_src_gen.pdbx_gene_src_cell                 ? 
_entity_src_gen.pdbx_gene_src_cellular_location    ? 
_entity_src_gen.host_org_common_name               ? 
_entity_src_gen.pdbx_host_org_scientific_name      'Escherichia coli' 
_entity_src_gen.pdbx_host_org_ncbi_taxonomy_id     562 
_entity_src_gen.host_org_genus                     ? 
_entity_src_gen.pdbx_host_org_gene                 ? 
_entity_src_gen.pdbx_host_org_organ                ? 
_entity_src_gen.host_org_species                   ? 
_entity_src_gen.pdbx_host_org_tissue               ? 
_entity_src_gen.pdbx_host_org_tissue_fraction      ? 
_entity_src_gen.pdbx_host_org_strain               ? 
_entity_src_gen.pdbx_host_org_variant              ? 
_entity_src_gen.pdbx_host_org_cell_line            ? 
_entity_src_gen.pdbx_host_org_atcc                 ? 
_entity_src_gen.pdbx_host_org_culture_collection   ? 
_entity_src_gen.pdbx_host_org_cell                 ? 
_entity_src_gen.pdbx_host_org_organelle            ? 
_entity_src_gen.pdbx_host_org_cellular_location    ? 
_entity_src_gen.pdbx_host_org_vector_type          ? 
_entity_src_gen.pdbx_host_org_vector               ? 
_entity_src_gen.host_org_details                   ? 
_entity_src_gen.expression_system_id               ? 
_entity_src_gen.plasmid_name                       ? 
_entity_src_gen.plasmid_details                    ? 
_entity_src_gen.pdbx_description                   ? 
# 
loop_
_chem_comp.id 
_chem_comp.type 
_chem_comp.mon_nstd_flag 
_chem_comp.name 
_chem_comp.pdbx_synonyms 
_chem_comp.formula 
_chem_comp.formula_weight 
8YT non-polymer         . '1-[3-[5-[(1~{R},2~{R})-2-methylcyclopropyl]furan-2-yl]propanoyl]piperidine-4-carboxamide' ? 
'C17 H24 N2 O3'  304.384 
ALA 'L-peptide linking' y ALANINE                                                                                    ? 
'C3 H7 N O2'     89.093  
ARG 'L-peptide linking' y ARGININE                                                                                   ? 
'C6 H15 N4 O2 1' 175.209 
ASN 'L-peptide linking' y ASPARAGINE                                                                                 ? 
'C4 H8 N2 O3'    132.118 
ASP 'L-peptide linking' y 'ASPARTIC ACID'                                                                            ? 
'C4 H7 N O4'     133.103 
GLN 'L-peptide linking' y GLUTAMINE                                                                                  ? 
'C5 H10 N2 O3'   146.144 
GLU 'L-peptide linking' y 'GLUTAMIC ACID'                                                                            ? 
'C5 H9 N O4'     147.129 
GLY 'peptide linking'   y GLYCINE                                                                                    ? 
'C2 H5 N O2'     75.067  
HIS 'L-peptide linking' y HISTIDINE                                                                                  ? 
'C6 H10 N3 O2 1' 156.162 
HOH non-polymer         . WATER                                                                                      ? 'H2 O' 
18.015  
ILE 'L-peptide linking' y ISOLEUCINE                                                                                 ? 
'C6 H13 N O2'    131.173 
LEU 'L-peptide linking' y LEUCINE                                                                                    ? 
'C6 H13 N O2'    131.173 
LYS 'L-peptide linking' y LYSINE                                                                                     ? 
'C6 H15 N2 O2 1' 147.195 
MET 'L-peptide linking' y METHIONINE                                                                                 ? 
'C5 H11 N O2 S'  149.211 
PHE 'L-peptide linking' y PHENYLALANINE                                                                              ? 
'C9 H11 N O2'    165.189 
PRO 'L-peptide linking' y PROLINE                                                                                    ? 
'C5 H9 N O2'     115.130 
SER 'L-peptide linking' y SERINE                                                                                     ? 
'C3 H7 N O3'     105.093 
SO4 non-polymer         . 'SULFATE ION'                                                                              ? 'O4 S -2' 
96.063  
THR 'L-peptide linking' y THREONINE                                                                                  ? 
'C4 H9 N O3'     119.119 
TRP 'L-peptide linking' y TRYPTOPHAN                                                                                 ? 
'C11 H12 N2 O2'  204.225 
TYR 'L-peptide linking' y TYROSINE                                                                                   ? 
'C9 H11 N O3'    181.189 
VAL 'L-peptide linking' y VALINE                                                                                     ? 
'C5 H11 N O2'    117.146 
# 
loop_
_pdbx_poly_seq_scheme.asym_id 
_pdbx_poly_seq_scheme.entity_id 
_pdbx_poly_seq_scheme.seq_id 
_pdbx_poly_seq_scheme.mon_id 
_pdbx_poly_seq_scheme.ndb_seq_num 
_pdbx_poly_seq_scheme.pdb_seq_num 
_pdbx_poly_seq_scheme.auth_seq_num 
_pdbx_poly_seq_scheme.pdb_mon_id 
_pdbx_poly_seq_scheme.auth_mon_id 
_pdbx_poly_seq_scheme.pdb_strand_id 
_pdbx_poly_seq_scheme.pdb_ins_code 
_pdbx_poly_seq_scheme.hetero 
A 1 1   MET 1   1   ?   ?   ?   A . n 
A 1 2   THR 2   2   ?   ?   ?   A . n 
A 1 3   THR 3   3   ?   ?   ?   A . n 
A 1 4   SER 4   4   ?   ?   ?   A . n 
A 1 5   ALA 5   5   ?   ?   ?   A . n 
A 1 6   ALA 6   6   ?   ?   ?   A . n 
A 1 7   SER 7   7   ?   ?   ?   A . n 
A 1 8   GLN 8   8   ?   ?   ?   A . n 
A 1 9   ALA 9   9   ?   ?   ?   A . n 
A 1 10  SER 10  10  ?   ?   ?   A . n 
A 1 11  LEU 11  11  ?   ?   ?   A . n 
A 1 12  PRO 12  12  ?   ?   ?   A . n 
A 1 13  ARG 13  13  ?   ?   ?   A . n 
A 1 14  GLY 14  14  ?   ?   ?   A . n 
A 1 15  ARG 15  15  ?   ?   ?   A . n 
A 1 16  ARG 16  16  ?   ?   ?   A . n 
A 1 17  THR 17  17  ?   ?   ?   A . n 
A 1 18  ALA 18  18  ?   ?   ?   A . n 
A 1 19  ARG 19  19  ?   ?   ?   A . n 
A 1 20  PRO 20  20  ?   ?   ?   A . n 
A 1 21  SER 21  21  ?   ?   ?   A . n 
A 1 22  GLY 22  22  ?   ?   ?   A . n 
A 1 23  ASP 23  23  23  ASP ALA A . n 
A 1 24  ASP 24  24  24  ASP ALA A . n 
A 1 25  ARG 25  25  25  ARG ARG A . n 
A 1 26  GLU 26  26  26  GLU GLU A . n 
A 1 27  LEU 27  27  27  LEU LEU A . n 
A 1 28  ALA 28  28  28  ALA ALA A . n 
A 1 29  ILE 29  29  29  ILE ILE A . n 
A 1 30  LEU 30  30  30  LEU LEU A . n 
A 1 31  ALA 31  31  31  ALA ALA A . n 
A 1 32  THR 32  32  32  THR THR A . n 
A 1 33  ALA 33  33  33  ALA ALA A . n 
A 1 34  GLU 34  34  34  GLU GLU A . n 
A 1 35  ASN 35  35  35  ASN ASN A . n 
A 1 36  LEU 36  36  36  LEU LEU A . n 
A 1 37  LEU 37  37  37  LEU LEU A . n 
A 1 38  GLU 38  38  38  GLU GLU A . n 
A 1 39  ASP 39  39  39  ASP ASP A . n 
A 1 40  ARG 40  40  40  ARG ARG A . n 
A 1 41  PRO 41  41  41  PRO PRO A . n 
A 1 42  LEU 42  42  42  LEU LEU A . n 
A 1 43  ALA 43  43  43  ALA ALA A . n 
A 1 44  ASP 44  44  44  ASP ASP A . n 
A 1 45  ILE 45  45  45  ILE ILE A . n 
A 1 46  SER 46  46  46  SER SER A . n 
A 1 47  VAL 47  47  47  VAL VAL A . n 
A 1 48  ASP 48  48  48  ASP ASP A . n 
A 1 49  ASP 49  49  49  ASP ASP A . n 
A 1 50  LEU 50  50  50  LEU LEU A . n 
A 1 51  ALA 51  51  51  ALA ALA A . n 
A 1 52  LYS 52  52  52  LYS LYS A . n 
A 1 53  GLY 53  53  53  GLY GLY A . n 
A 1 54  ALA 54  54  54  ALA ALA A . n 
A 1 55  GLY 55  55  55  GLY GLY A . n 
A 1 56  ILE 56  56  56  ILE ILE A . n 
A 1 57  SER 57  57  57  SER SER A . n 
A 1 58  ARG 58  58  58  ARG ARG A . n 
A 1 59  PRO 59  59  59  PRO PRO A . n 
A 1 60  THR 60  60  60  THR THR A . n 
A 1 61  PHE 61  61  61  PHE PHE A . n 
A 1 62  TYR 62  62  62  TYR TYR A . n 
A 1 63  PHE 63  63  63  PHE PHE A . n 
A 1 64  TYR 64  64  64  TYR TYR A . n 
A 1 65  PHE 65  65  65  PHE PHE A . n 
A 1 66  PRO 66  66  66  PRO PRO A . n 
A 1 67  SER 67  67  67  SER SER A . n 
A 1 68  LYS 68  68  68  LYS LYS A . n 
A 1 69  GLU 69  69  69  GLU GLU A . n 
A 1 70  ALA 70  70  70  ALA ALA A . n 
A 1 71  VAL 71  71  71  VAL VAL A . n 
A 1 72  LEU 72  72  72  LEU LEU A . n 
A 1 73  LEU 73  73  73  LEU LEU A . n 
A 1 74  THR 74  74  74  THR THR A . n 
A 1 75  LEU 75  75  75  LEU LEU A . n 
A 1 76  LEU 76  76  76  LEU LEU A . n 
A 1 77  ASP 77  77  77  ASP ASP A . n 
A 1 78  ARG 78  78  78  ARG ARG A . n 
A 1 79  VAL 79  79  79  VAL VAL A . n 
A 1 80  VAL 80  80  80  VAL VAL A . n 
A 1 81  ASN 81  81  81  ASN ASN A . n 
A 1 82  GLN 82  82  82  GLN GLN A . n 
A 1 83  ALA 83  83  83  ALA ALA A . n 
A 1 84  ASP 84  84  84  ASP ASP A . n 
A 1 85  MET 85  85  85  MET MET A . n 
A 1 86  ALA 86  86  86  ALA ALA A . n 
A 1 87  LEU 87  87  87  LEU LEU A . n 
A 1 88  GLN 88  88  88  GLN GLN A . n 
A 1 89  THR 89  89  89  THR THR A . n 
A 1 90  LEU 90  90  90  LEU LEU A . n 
A 1 91  ALA 91  91  91  ALA ALA A . n 
A 1 92  GLU 92  92  92  GLU GLU A . n 
A 1 93  ASN 93  93  93  ASN ASN A . n 
A 1 94  PRO 94  94  94  PRO PRO A . n 
A 1 95  ALA 95  95  95  ALA ALA A . n 
A 1 96  ASP 96  96  96  ASP ALA A . n 
A 1 97  THR 97  97  97  THR THR A . n 
A 1 98  ASP 98  98  98  ASP ASP A . n 
A 1 99  ARG 99  99  99  ARG ARG A . n 
A 1 100 GLU 100 100 100 GLU GLU A . n 
A 1 101 ASN 101 101 101 ASN ASN A . n 
A 1 102 MET 102 102 102 MET MET A . n 
A 1 103 TRP 103 103 103 TRP TRP A . n 
A 1 104 ARG 104 104 104 ARG ARG A . n 
A 1 105 THR 105 105 105 THR THR A . n 
A 1 106 GLY 106 106 106 GLY GLY A . n 
A 1 107 ILE 107 107 107 ILE ILE A . n 
A 1 108 ASN 108 108 108 ASN ASN A . n 
A 1 109 VAL 109 109 109 VAL VAL A . n 
A 1 110 PHE 110 110 110 PHE PHE A . n 
A 1 111 PHE 111 111 111 PHE PHE A . n 
A 1 112 GLU 112 112 112 GLU GLU A . n 
A 1 113 THR 113 113 113 THR THR A . n 
A 1 114 PHE 114 114 114 PHE PHE A . n 
A 1 115 GLY 115 115 115 GLY GLY A . n 
A 1 116 SER 116 116 116 SER SER A . n 
A 1 117 HIS 117 117 117 HIS HIS A . n 
A 1 118 LYS 118 118 118 LYS LYS A . n 
A 1 119 ALA 119 119 119 ALA ALA A . n 
A 1 120 VAL 120 120 120 VAL VAL A . n 
A 1 121 THR 121 121 121 THR THR A . n 
A 1 122 ARG 122 122 122 ARG ARG A . n 
A 1 123 ALA 123 123 123 ALA ALA A . n 
A 1 124 GLY 124 124 124 GLY GLY A . n 
A 1 125 GLN 125 125 125 GLN GLN A . n 
A 1 126 ALA 126 126 126 ALA ALA A . n 
A 1 127 ALA 127 127 127 ALA ALA A . n 
A 1 128 ARG 128 128 128 ARG ARG A . n 
A 1 129 ALA 129 129 129 ALA ALA A . n 
A 1 130 THR 130 130 130 THR THR A . n 
A 1 131 SER 131 131 131 SER SER A . n 
A 1 132 VAL 132 132 132 VAL VAL A . n 
A 1 133 GLU 133 133 133 GLU GLU A . n 
A 1 134 VAL 134 134 134 VAL VAL A . n 
A 1 135 ALA 135 135 135 ALA ALA A . n 
A 1 136 GLU 136 136 136 GLU GLU A . n 
A 1 137 LEU 137 137 137 LEU LEU A . n 
A 1 138 TRP 138 138 138 TRP TRP A . n 
A 1 139 SER 139 139 139 SER SER A . n 
A 1 140 THR 140 140 140 THR THR A . n 
A 1 141 PHE 141 141 141 PHE PHE A . n 
A 1 142 MET 142 142 142 MET MET A . n 
A 1 143 GLN 143 143 143 GLN GLN A . n 
A 1 144 LYS 144 144 144 LYS LYS A . n 
A 1 145 TRP 145 145 145 TRP TRP A . n 
A 1 146 ILE 146 146 146 ILE ILE A . n 
A 1 147 ALA 147 147 147 ALA ALA A . n 
A 1 148 TYR 148 148 148 TYR TYR A . n 
A 1 149 THR 149 149 149 THR THR A . n 
A 1 150 ALA 150 150 150 ALA ALA A . n 
A 1 151 ALA 151 151 151 ALA ALA A . n 
A 1 152 VAL 152 152 152 VAL VAL A . n 
A 1 153 ILE 153 153 153 ILE ILE A . n 
A 1 154 ASP 154 154 154 ASP ASP A . n 
A 1 155 ALA 155 155 155 ALA ALA A . n 
A 1 156 GLU 156 156 156 GLU GLU A . n 
A 1 157 ARG 157 157 157 ARG ARG A . n 
A 1 158 ASP 158 158 158 ASP ASP A . n 
A 1 159 ARG 159 159 159 ARG ARG A . n 
A 1 160 GLY 160 160 160 GLY GLY A . n 
A 1 161 ALA 161 161 161 ALA ALA A . n 
A 1 162 ALA 162 162 162 ALA ALA A . n 
A 1 163 PRO 163 163 163 PRO PRO A . n 
A 1 164 ARG 164 164 164 ARG ARG A . n 
A 1 165 THR 165 165 165 THR THR A . n 
A 1 166 LEU 166 166 166 LEU LEU A . n 
A 1 167 PRO 167 167 167 PRO PRO A . n 
A 1 168 ALA 168 168 168 ALA ALA A . n 
A 1 169 HIS 169 169 169 HIS HIS A . n 
A 1 170 GLU 170 170 170 GLU GLU A . n 
A 1 171 LEU 171 171 171 LEU LEU A . n 
A 1 172 ALA 172 172 172 ALA ALA A . n 
A 1 173 THR 173 173 173 THR THR A . n 
A 1 174 ALA 174 174 174 ALA ALA A . n 
A 1 175 LEU 175 175 175 LEU LEU A . n 
A 1 176 ASN 176 176 176 ASN ASN A . n 
A 1 177 LEU 177 177 177 LEU LEU A . n 
A 1 178 MET 178 178 178 MET MET A . n 
A 1 179 ASN 179 179 179 ASN ASN A . n 
A 1 180 GLU 180 180 180 GLU GLU A . n 
A 1 181 ARG 181 181 181 ARG ARG A . n 
A 1 182 THR 182 182 182 THR THR A . n 
A 1 183 LEU 183 183 183 LEU LEU A . n 
A 1 184 PHE 184 184 184 PHE PHE A . n 
A 1 185 ALA 185 185 185 ALA ALA A . n 
A 1 186 SER 186 186 186 SER SER A . n 
A 1 187 PHE 187 187 187 PHE PHE A . n 
A 1 188 ALA 188 188 188 ALA ALA A . n 
A 1 189 GLY 189 189 189 GLY GLY A . n 
A 1 190 GLU 190 190 190 GLU GLU A . n 
A 1 191 GLN 191 191 191 GLN GLN A . n 
A 1 192 PRO 192 192 192 PRO PRO A . n 
A 1 193 SER 193 193 193 SER SER A . n 
A 1 194 VAL 194 194 194 VAL VAL A . n 
A 1 195 PRO 195 195 195 PRO PRO A . n 
A 1 196 GLU 196 196 196 GLU GLU A . n 
A 1 197 ALA 197 197 197 ALA ALA A . n 
A 1 198 ARG 198 198 198 ARG ARG A . n 
A 1 199 VAL 199 199 199 VAL VAL A . n 
A 1 200 LEU 200 200 200 LEU LEU A . n 
A 1 201 ASP 201 201 201 ASP ASP A . n 
A 1 202 THR 202 202 202 THR THR A . n 
A 1 203 LEU 203 203 203 LEU LEU A . n 
A 1 204 VAL 204 204 204 VAL VAL A . n 
A 1 205 HIS 205 205 205 HIS HIS A . n 
A 1 206 ILE 206 206 206 ILE ILE A . n 
A 1 207 TRP 207 207 207 TRP TRP A . n 
A 1 208 VAL 208 208 208 VAL VAL A . n 
A 1 209 THR 209 209 209 THR THR A . n 
A 1 210 SER 210 210 210 SER SER A . n 
A 1 211 ILE 211 211 211 ILE ILE A . n 
A 1 212 TYR 212 212 212 TYR TYR A . n 
A 1 213 GLY 213 213 213 GLY GLY A . n 
A 1 214 GLU 214 214 214 GLU ALA A . n 
A 1 215 ASN 215 215 ?   ?   ?   A . n 
A 1 216 ARG 216 216 ?   ?   ?   A . n 
# 
loop_
_pdbx_nonpoly_scheme.asym_id 
_pdbx_nonpoly_scheme.entity_id 
_pdbx_nonpoly_scheme.mon_id 
_pdbx_nonpoly_scheme.ndb_seq_num 
_pdbx_nonpoly_scheme.pdb_seq_num 
_pdbx_nonpoly_scheme.auth_seq_num 
_pdbx_nonpoly_scheme.pdb_mon_id 
_pdbx_nonpoly_scheme.auth_mon_id 
_pdbx_nonpoly_scheme.pdb_strand_id 
_pdbx_nonpoly_scheme.pdb_ins_code 
B 2 8YT 1  301 1  8YT LIG A . 
C 3 SO4 1  302 1  SO4 SO4 A . 
D 3 SO4 1  303 2  SO4 SO4 A . 
E 4 HOH 1  401 25 HOH HOH A . 
E 4 HOH 2  402 54 HOH HOH A . 
E 4 HOH 3  403 74 HOH HOH A . 
E 4 HOH 4  404 35 HOH HOH A . 
E 4 HOH 5  405 75 HOH HOH A . 
E 4 HOH 6  406 55 HOH HOH A . 
E 4 HOH 7  407 63 HOH HOH A . 
E 4 HOH 8  408 6  HOH HOH A . 
E 4 HOH 9  409 53 HOH HOH A . 
E 4 HOH 10 410 37 HOH HOH A . 
E 4 HOH 11 411 19 HOH HOH A . 
E 4 HOH 12 412 18 HOH HOH A . 
E 4 HOH 13 413 12 HOH HOH A . 
E 4 HOH 14 414 22 HOH HOH A . 
E 4 HOH 15 415 16 HOH HOH A . 
E 4 HOH 16 416 36 HOH HOH A . 
E 4 HOH 17 417 72 HOH HOH A . 
E 4 HOH 18 418 40 HOH HOH A . 
E 4 HOH 19 419 29 HOH HOH A . 
E 4 HOH 20 420 3  HOH HOH A . 
E 4 HOH 21 421 14 HOH HOH A . 
E 4 HOH 22 422 39 HOH HOH A . 
E 4 HOH 23 423 42 HOH HOH A . 
E 4 HOH 24 424 8  HOH HOH A . 
E 4 HOH 25 425 56 HOH HOH A . 
E 4 HOH 26 426 27 HOH HOH A . 
E 4 HOH 27 427 26 HOH HOH A . 
E 4 HOH 28 428 51 HOH HOH A . 
E 4 HOH 29 429 32 HOH HOH A . 
E 4 HOH 30 430 11 HOH HOH A . 
E 4 HOH 31 431 2  HOH HOH A . 
E 4 HOH 32 432 58 HOH HOH A . 
E 4 HOH 33 433 23 HOH HOH A . 
E 4 HOH 34 434 1  HOH HOH A . 
E 4 HOH 35 435 70 HOH HOH A . 
E 4 HOH 36 436 45 HOH HOH A . 
E 4 HOH 37 437 28 HOH HOH A . 
E 4 HOH 38 438 31 HOH HOH A . 
E 4 HOH 39 439 4  HOH HOH A . 
E 4 HOH 40 440 59 HOH HOH A . 
E 4 HOH 41 441 21 HOH HOH A . 
E 4 HOH 42 442 57 HOH HOH A . 
E 4 HOH 43 443 34 HOH HOH A . 
E 4 HOH 44 444 20 HOH HOH A . 
E 4 HOH 45 445 10 HOH HOH A . 
E 4 HOH 46 446 24 HOH HOH A . 
E 4 HOH 47 447 30 HOH HOH A . 
E 4 HOH 48 448 67 HOH HOH A . 
E 4 HOH 49 449 71 HOH HOH A . 
E 4 HOH 50 450 9  HOH HOH A . 
E 4 HOH 51 451 17 HOH HOH A . 
E 4 HOH 52 452 44 HOH HOH A . 
E 4 HOH 53 453 66 HOH HOH A . 
E 4 HOH 54 454 7  HOH HOH A . 
E 4 HOH 55 455 68 HOH HOH A . 
E 4 HOH 56 456 38 HOH HOH A . 
E 4 HOH 57 457 61 HOH HOH A . 
E 4 HOH 58 458 5  HOH HOH A . 
E 4 HOH 59 459 69 HOH HOH A . 
E 4 HOH 60 460 64 HOH HOH A . 
E 4 HOH 61 461 15 HOH HOH A . 
E 4 HOH 62 462 50 HOH HOH A . 
E 4 HOH 63 463 49 HOH HOH A . 
E 4 HOH 64 464 46 HOH HOH A . 
E 4 HOH 65 465 33 HOH HOH A . 
E 4 HOH 66 466 65 HOH HOH A . 
E 4 HOH 67 467 52 HOH HOH A . 
E 4 HOH 68 468 13 HOH HOH A . 
E 4 HOH 69 469 48 HOH HOH A . 
E 4 HOH 70 470 62 HOH HOH A . 
E 4 HOH 71 471 47 HOH HOH A . 
E 4 HOH 72 472 73 HOH HOH A . 
E 4 HOH 73 473 43 HOH HOH A . 
E 4 HOH 74 474 41 HOH HOH A . 
E 4 HOH 75 475 60 HOH HOH A . 
# 
loop_
_pdbx_unobs_or_zero_occ_atoms.id 
_pdbx_unobs_or_zero_occ_atoms.PDB_model_num 
_pdbx_unobs_or_zero_occ_atoms.polymer_flag 
_pdbx_unobs_or_zero_occ_atoms.occupancy_flag 
_pdbx_unobs_or_zero_occ_atoms.auth_asym_id 
_pdbx_unobs_or_zero_occ_atoms.auth_comp_id 
_pdbx_unobs_or_zero_occ_atoms.auth_seq_id 
_pdbx_unobs_or_zero_occ_atoms.PDB_ins_code 
_pdbx_unobs_or_zero_occ_atoms.auth_atom_id 
_pdbx_unobs_or_zero_occ_atoms.label_alt_id 
_pdbx_unobs_or_zero_occ_atoms.label_asym_id 
_pdbx_unobs_or_zero_occ_atoms.label_comp_id 
_pdbx_unobs_or_zero_occ_atoms.label_seq_id 
_pdbx_unobs_or_zero_occ_atoms.label_atom_id 
1  1 Y 1 A ASP 23  ? CG  ? A ASP 23  CG  
2  1 Y 1 A ASP 23  ? OD1 ? A ASP 23  OD1 
3  1 Y 1 A ASP 23  ? OD2 ? A ASP 23  OD2 
4  1 Y 1 A ASP 24  ? CG  ? A ASP 24  CG  
5  1 Y 1 A ASP 24  ? OD1 ? A ASP 24  OD1 
6  1 Y 1 A ASP 24  ? OD2 ? A ASP 24  OD2 
7  1 Y 1 A ASP 96  ? CG  ? A ASP 96  CG  
8  1 Y 1 A ASP 96  ? OD1 ? A ASP 96  OD1 
9  1 Y 1 A ASP 96  ? OD2 ? A ASP 96  OD2 
10 1 Y 1 A GLU 214 ? CG  ? A GLU 214 CG  
11 1 Y 1 A GLU 214 ? CD  ? A GLU 214 CD  
12 1 Y 1 A GLU 214 ? OE1 ? A GLU 214 OE1 
13 1 Y 1 A GLU 214 ? OE2 ? A GLU 214 OE2 
# 
loop_
_software.citation_id 
_software.classification 
_software.compiler_name 
_software.compiler_version 
_software.contact_author 
_software.contact_author_email 
_software.date 
_software.description 
_software.dependencies 
_software.hardware 
_software.language 
_software.location 
_software.mods 
_software.name 
_software.os 
_software.os_version 
_software.type 
_software.version 
_software.pdbx_ordinal 
? refinement       ? ? ? ? ? ? ? ? ? ? ? REFMAC ? ? ? 5.8.0135 1 
? 'data reduction' ? ? ? ? ? ? ? ? ? ? ? XDS    ? ? ? .        2 
? 'data scaling'   ? ? ? ? ? ? ? ? ? ? ? XDS    ? ? ? .        3 
? phasing          ? ? ? ? ? ? ? ? ? ? ? PHASER ? ? ? .        4 
# 
_cell.angle_alpha                  90.00 
_cell.angle_alpha_esd              ? 
_cell.angle_beta                   90.00 
_cell.angle_beta_esd               ? 
_cell.angle_gamma                  90.00 
_cell.angle_gamma_esd              ? 
_cell.entry_id                     5NIZ 
_cell.details                      ? 
_cell.formula_units_Z              ? 
_cell.length_a                     120.477 
_cell.length_a_esd                 ? 
_cell.length_b                     120.477 
_cell.length_b_esd                 ? 
_cell.length_c                     33.650 
_cell.length_c_esd                 ? 
_cell.volume                       ? 
_cell.volume_esd                   ? 
_cell.Z_PDB                        8 
_cell.reciprocal_angle_alpha       ? 
_cell.reciprocal_angle_beta        ? 
_cell.reciprocal_angle_gamma       ? 
_cell.reciprocal_angle_alpha_esd   ? 
_cell.reciprocal_angle_beta_esd    ? 
_cell.reciprocal_angle_gamma_esd   ? 
_cell.reciprocal_length_a          ? 
_cell.reciprocal_length_b          ? 
_cell.reciprocal_length_c          ? 
_cell.reciprocal_length_a_esd      ? 
_cell.reciprocal_length_b_esd      ? 
_cell.reciprocal_length_c_esd      ? 
_cell.pdbx_unique_axis             ? 
# 
_symmetry.entry_id                         5NIZ 
_symmetry.cell_setting                     ? 
_symmetry.Int_Tables_number                92 
_symmetry.space_group_name_Hall            ? 
_symmetry.space_group_name_H-M             'P 41 21 2' 
_symmetry.pdbx_full_space_group_name_H-M   ? 
# 
_exptl.absorpt_coefficient_mu     ? 
_exptl.absorpt_correction_T_max   ? 
_exptl.absorpt_correction_T_min   ? 
_exptl.absorpt_correction_type    ? 
_exptl.absorpt_process_details    ? 
_exptl.entry_id                   5NIZ 
_exptl.crystals_number            1 
_exptl.details                    ? 
_exptl.method                     'X-RAY DIFFRACTION' 
_exptl.method_details             ? 
# 
_exptl_crystal.colour                      ? 
_exptl_crystal.density_diffrn              ? 
_exptl_crystal.density_Matthews            2.57 
_exptl_crystal.density_method              ? 
_exptl_crystal.density_percent_sol         52.09 
_exptl_crystal.description                 ? 
_exptl_crystal.F_000                       ? 
_exptl_crystal.id                          1 
_exptl_crystal.preparation                 ? 
_exptl_crystal.size_max                    ? 
_exptl_crystal.size_mid                    ? 
_exptl_crystal.size_min                    ? 
_exptl_crystal.size_rad                    ? 
_exptl_crystal.colour_lustre               ? 
_exptl_crystal.colour_modifier             ? 
_exptl_crystal.colour_primary              ? 
_exptl_crystal.density_meas                ? 
_exptl_crystal.density_meas_esd            ? 
_exptl_crystal.density_meas_gt             ? 
_exptl_crystal.density_meas_lt             ? 
_exptl_crystal.density_meas_temp           ? 
_exptl_crystal.density_meas_temp_esd       ? 
_exptl_crystal.density_meas_temp_gt        ? 
_exptl_crystal.density_meas_temp_lt        ? 
_exptl_crystal.pdbx_crystal_image_url      ? 
_exptl_crystal.pdbx_crystal_image_format   ? 
_exptl_crystal.pdbx_mosaicity              ? 
_exptl_crystal.pdbx_mosaicity_esd          ? 
# 
_exptl_crystal_grow.apparatus       ? 
_exptl_crystal_grow.atmosphere      ? 
_exptl_crystal_grow.crystal_id      1 
_exptl_crystal_grow.details         ? 
_exptl_crystal_grow.method          'VAPOR DIFFUSION, HANGING DROP' 
_exptl_crystal_grow.method_ref      ? 
_exptl_crystal_grow.pH              ? 
_exptl_crystal_grow.pressure        ? 
_exptl_crystal_grow.pressure_esd    ? 
_exptl_crystal_grow.seeding         ? 
_exptl_crystal_grow.seeding_ref     ? 
_exptl_crystal_grow.temp            293 
_exptl_crystal_grow.temp_details    ? 
_exptl_crystal_grow.temp_esd        ? 
_exptl_crystal_grow.time            ? 
_exptl_crystal_grow.pdbx_details    'MEs pH 6-6.5, 1.4-1.6 M AS' 
_exptl_crystal_grow.pdbx_pH_range   ? 
# 
_diffrn.ambient_environment    ? 
_diffrn.ambient_temp           100 
_diffrn.ambient_temp_details   ? 
_diffrn.ambient_temp_esd       ? 
_diffrn.crystal_id             1 
_diffrn.crystal_support        ? 
_diffrn.crystal_treatment      ? 
_diffrn.details                ? 
_diffrn.id                     1 
_diffrn.ambient_pressure       ? 
_diffrn.ambient_pressure_esd   ? 
_diffrn.ambient_pressure_gt    ? 
_diffrn.ambient_pressure_lt    ? 
_diffrn.ambient_temp_gt        ? 
_diffrn.ambient_temp_lt        ? 
# 
_diffrn_detector.details                      ? 
_diffrn_detector.detector                     PIXEL 
_diffrn_detector.diffrn_id                    1 
_diffrn_detector.type                         'DECTRIS PILATUS 6M' 
_diffrn_detector.area_resol_mean              ? 
_diffrn_detector.dtime                        ? 
_diffrn_detector.pdbx_frames_total            ? 
_diffrn_detector.pdbx_collection_time_total   ? 
_diffrn_detector.pdbx_collection_date         2015-03-01 
# 
_diffrn_radiation.collimation                      ? 
_diffrn_radiation.diffrn_id                        1 
_diffrn_radiation.filter_edge                      ? 
_diffrn_radiation.inhomogeneity                    ? 
_diffrn_radiation.monochromator                    DCM 
_diffrn_radiation.polarisn_norm                    ? 
_diffrn_radiation.polarisn_ratio                   ? 
_diffrn_radiation.probe                            ? 
_diffrn_radiation.type                             ? 
_diffrn_radiation.xray_symbol                      ? 
_diffrn_radiation.wavelength_id                    1 
_diffrn_radiation.pdbx_monochromatic_or_laue_m_l   M 
_diffrn_radiation.pdbx_wavelength_list             ? 
_diffrn_radiation.pdbx_wavelength                  ? 
_diffrn_radiation.pdbx_diffrn_protocol             'SINGLE WAVELENGTH' 
_diffrn_radiation.pdbx_analyzer                    ? 
_diffrn_radiation.pdbx_scattering_type             x-ray 
# 
_diffrn_radiation_wavelength.id           1 
_diffrn_radiation_wavelength.wavelength   0.9600 
_diffrn_radiation_wavelength.wt           1.0 
# 
_diffrn_source.current                     ? 
_diffrn_source.details                     ? 
_diffrn_source.diffrn_id                   1 
_diffrn_source.power                       ? 
_diffrn_source.size                        ? 
_diffrn_source.source                      SYNCHROTRON 
_diffrn_source.target                      ? 
_diffrn_source.type                        'DIAMOND BEAMLINE I03' 
_diffrn_source.voltage                     ? 
_diffrn_source.take-off_angle              ? 
_diffrn_source.pdbx_wavelength_list        0.9600 
_diffrn_source.pdbx_wavelength             ? 
_diffrn_source.pdbx_synchrotron_beamline   I03 
_diffrn_source.pdbx_synchrotron_site       Diamond 
# 
_reflns.B_iso_Wilson_estimate            ? 
_reflns.entry_id                         5NIZ 
_reflns.data_reduction_details           ? 
_reflns.data_reduction_method            ? 
_reflns.d_resolution_high                1.95 
_reflns.d_resolution_low                 84.91 
_reflns.details                          ? 
_reflns.limit_h_max                      ? 
_reflns.limit_h_min                      ? 
_reflns.limit_k_max                      ? 
_reflns.limit_k_min                      ? 
_reflns.limit_l_max                      ? 
_reflns.limit_l_min                      ? 
_reflns.number_all                       ? 
_reflns.number_obs                       18652 
_reflns.observed_criterion               ? 
_reflns.observed_criterion_F_max         ? 
_reflns.observed_criterion_F_min         ? 
_reflns.observed_criterion_I_max         ? 
_reflns.observed_criterion_I_min         ? 
_reflns.observed_criterion_sigma_F       ? 
_reflns.observed_criterion_sigma_I       ? 
_reflns.percent_possible_obs             99.8 
_reflns.R_free_details                   ? 
_reflns.Rmerge_F_all                     ? 
_reflns.Rmerge_F_obs                     ? 
_reflns.Friedel_coverage                 ? 
_reflns.number_gt                        ? 
_reflns.threshold_expression             ? 
_reflns.pdbx_redundancy                  8.3 
_reflns.pdbx_Rmerge_I_obs                ? 
_reflns.pdbx_Rmerge_I_all                ? 
_reflns.pdbx_Rsym_value                  ? 
_reflns.pdbx_netI_over_av_sigmaI         ? 
_reflns.pdbx_netI_over_sigmaI            13.6 
_reflns.pdbx_res_netI_over_av_sigmaI_2   ? 
_reflns.pdbx_res_netI_over_sigmaI_2      ? 
_reflns.pdbx_chi_squared                 ? 
_reflns.pdbx_scaling_rejects             ? 
_reflns.pdbx_d_res_high_opt              ? 
_reflns.pdbx_d_res_low_opt               ? 
_reflns.pdbx_d_res_opt_method            ? 
_reflns.phase_calculation_details        ? 
_reflns.pdbx_Rrim_I_all                  ? 
_reflns.pdbx_Rpim_I_all                  ? 
_reflns.pdbx_d_opt                       ? 
_reflns.pdbx_number_measured_all         ? 
_reflns.pdbx_diffrn_id                   1 
_reflns.pdbx_ordinal                     1 
_reflns.pdbx_CC_half                     ? 
_reflns.pdbx_R_split                     ? 
# 
_refine.aniso_B[1][1]                            0.01 
_refine.aniso_B[1][2]                            0.00 
_refine.aniso_B[1][3]                            0.00 
_refine.aniso_B[2][2]                            0.01 
_refine.aniso_B[2][3]                            0.00 
_refine.aniso_B[3][3]                            -0.01 
_refine.B_iso_max                                ? 
_refine.B_iso_mean                               34.558 
_refine.B_iso_min                                ? 
_refine.correlation_coeff_Fo_to_Fc               0.961 
_refine.correlation_coeff_Fo_to_Fc_free          0.921 
_refine.details                                  'HYDROGENS HAVE BEEN ADDED IN THE RIDING POSITIONS' 
_refine.diff_density_max                         ? 
_refine.diff_density_max_esd                     ? 
_refine.diff_density_min                         ? 
_refine.diff_density_min_esd                     ? 
_refine.diff_density_rms                         ? 
_refine.diff_density_rms_esd                     ? 
_refine.entry_id                                 5NIZ 
_refine.pdbx_refine_id                           'X-RAY DIFFRACTION' 
_refine.ls_abs_structure_details                 ? 
_refine.ls_abs_structure_Flack                   ? 
_refine.ls_abs_structure_Flack_esd               ? 
_refine.ls_abs_structure_Rogers                  ? 
_refine.ls_abs_structure_Rogers_esd              ? 
_refine.ls_d_res_high                            1.95 
_refine.ls_d_res_low                             84.91 
_refine.ls_extinction_coef                       ? 
_refine.ls_extinction_coef_esd                   ? 
_refine.ls_extinction_expression                 ? 
_refine.ls_extinction_method                     ? 
_refine.ls_goodness_of_fit_all                   ? 
_refine.ls_goodness_of_fit_all_esd               ? 
_refine.ls_goodness_of_fit_obs                   ? 
_refine.ls_goodness_of_fit_obs_esd               ? 
_refine.ls_hydrogen_treatment                    ? 
_refine.ls_matrix_type                           ? 
_refine.ls_number_constraints                    ? 
_refine.ls_number_parameters                     ? 
_refine.ls_number_reflns_all                     ? 
_refine.ls_number_reflns_obs                     17755 
_refine.ls_number_reflns_R_free                  897 
_refine.ls_number_reflns_R_work                  ? 
_refine.ls_number_restraints                     ? 
_refine.ls_percent_reflns_obs                    99.59 
_refine.ls_percent_reflns_R_free                 4.8 
_refine.ls_R_factor_all                          ? 
_refine.ls_R_factor_obs                          0.17792 
_refine.ls_R_factor_R_free                       0.22928 
_refine.ls_R_factor_R_free_error                 ? 
_refine.ls_R_factor_R_free_error_details         ? 
_refine.ls_R_factor_R_work                       0.17541 
_refine.ls_R_Fsqd_factor_obs                     ? 
_refine.ls_R_I_factor_obs                        ? 
_refine.ls_redundancy_reflns_all                 ? 
_refine.ls_redundancy_reflns_obs                 ? 
_refine.ls_restrained_S_all                      ? 
_refine.ls_restrained_S_obs                      ? 
_refine.ls_shift_over_esd_max                    ? 
_refine.ls_shift_over_esd_mean                   ? 
_refine.ls_structure_factor_coef                 ? 
_refine.ls_weighting_details                     ? 
_refine.ls_weighting_scheme                      ? 
_refine.ls_wR_factor_all                         ? 
_refine.ls_wR_factor_obs                         ? 
_refine.ls_wR_factor_R_free                      ? 
_refine.ls_wR_factor_R_work                      ? 
_refine.occupancy_max                            ? 
_refine.occupancy_min                            ? 
_refine.solvent_model_details                    ? 
_refine.solvent_model_param_bsol                 ? 
_refine.solvent_model_param_ksol                 ? 
_refine.ls_R_factor_gt                           ? 
_refine.ls_goodness_of_fit_gt                    ? 
_refine.ls_goodness_of_fit_ref                   ? 
_refine.ls_shift_over_su_max                     ? 
_refine.ls_shift_over_su_max_lt                  ? 
_refine.ls_shift_over_su_mean                    ? 
_refine.ls_shift_over_su_mean_lt                 ? 
_refine.pdbx_ls_sigma_I                          ? 
_refine.pdbx_ls_sigma_F                          ? 
_refine.pdbx_ls_sigma_Fsqd                       ? 
_refine.pdbx_data_cutoff_high_absF               ? 
_refine.pdbx_data_cutoff_high_rms_absF           ? 
_refine.pdbx_data_cutoff_low_absF                ? 
_refine.pdbx_isotropic_thermal_model             ? 
_refine.pdbx_ls_cross_valid_method               THROUGHOUT 
_refine.pdbx_method_to_determine_struct          'MOLECULAR REPLACEMENT' 
_refine.pdbx_starting_model                      ? 
_refine.pdbx_stereochemistry_target_values       ? 
_refine.pdbx_R_Free_selection_details            RANDOM 
_refine.pdbx_stereochem_target_val_spec_case     ? 
_refine.pdbx_overall_ESU_R                       0.132 
_refine.pdbx_overall_ESU_R_Free                  0.138 
_refine.pdbx_solvent_vdw_probe_radii             1.20 
_refine.pdbx_solvent_ion_probe_radii             0.80 
_refine.pdbx_solvent_shrinkage_radii             0.80 
_refine.pdbx_real_space_R                        ? 
_refine.pdbx_density_correlation                 ? 
_refine.pdbx_pd_number_of_powder_patterns        ? 
_refine.pdbx_pd_number_of_points                 ? 
_refine.pdbx_pd_meas_number_of_points            ? 
_refine.pdbx_pd_proc_ls_prof_R_factor            ? 
_refine.pdbx_pd_proc_ls_prof_wR_factor           ? 
_refine.pdbx_pd_Marquardt_correlation_coeff      ? 
_refine.pdbx_pd_Fsqrd_R_factor                   ? 
_refine.pdbx_pd_ls_matrix_band_width             ? 
_refine.pdbx_overall_phase_error                 ? 
_refine.pdbx_overall_SU_R_free_Cruickshank_DPI   ? 
_refine.pdbx_overall_SU_R_free_Blow_DPI          ? 
_refine.pdbx_overall_SU_R_Blow_DPI               ? 
_refine.pdbx_TLS_residual_ADP_flag               ? 
_refine.pdbx_diffrn_id                           1 
_refine.overall_SU_B                             3.588 
_refine.overall_SU_ML                            0.102 
_refine.overall_SU_R_Cruickshank_DPI             ? 
_refine.overall_SU_R_free                        ? 
_refine.overall_FOM_free_R_set                   ? 
_refine.overall_FOM_work_R_set                   ? 
_refine.pdbx_average_fsc_overall                 ? 
_refine.pdbx_average_fsc_work                    ? 
_refine.pdbx_average_fsc_free                    ? 
# 
_refine_hist.pdbx_refine_id                   'X-RAY DIFFRACTION' 
_refine_hist.cycle_id                         1 
_refine_hist.pdbx_number_atoms_protein        1486 
_refine_hist.pdbx_number_atoms_nucleic_acid   0 
_refine_hist.pdbx_number_atoms_ligand         32 
_refine_hist.number_atoms_solvent             75 
_refine_hist.number_atoms_total               1593 
_refine_hist.d_res_high                       1.95 
_refine_hist.d_res_low                        84.91 
# 
loop_
_refine_ls_restr.pdbx_refine_id 
_refine_ls_restr.criterion 
_refine_ls_restr.dev_ideal 
_refine_ls_restr.dev_ideal_target 
_refine_ls_restr.number 
_refine_ls_restr.rejects 
_refine_ls_restr.type 
_refine_ls_restr.weight 
_refine_ls_restr.pdbx_restraint_function 
'X-RAY DIFFRACTION' ? 0.015  0.020  1587 ? r_bond_refined_d             ? ? 
'X-RAY DIFFRACTION' ? 0.004  0.020  1512 ? r_bond_other_d               ? ? 
'X-RAY DIFFRACTION' ? 1.618  1.964  2177 ? r_angle_refined_deg          ? ? 
'X-RAY DIFFRACTION' ? 0.978  3.005  3462 ? r_angle_other_deg            ? ? 
'X-RAY DIFFRACTION' ? 4.996  5.000  203  ? r_dihedral_angle_1_deg       ? ? 
'X-RAY DIFFRACTION' ? 40.188 23.380 71   ? r_dihedral_angle_2_deg       ? ? 
'X-RAY DIFFRACTION' ? 14.962 15.000 245  ? r_dihedral_angle_3_deg       ? ? 
'X-RAY DIFFRACTION' ? 16.527 15.000 13   ? r_dihedral_angle_4_deg       ? ? 
'X-RAY DIFFRACTION' ? 0.104  0.200  255  ? r_chiral_restr               ? ? 
'X-RAY DIFFRACTION' ? 0.011  0.021  1803 ? r_gen_planes_refined         ? ? 
'X-RAY DIFFRACTION' ? 0.002  0.020  373  ? r_gen_planes_other           ? ? 
'X-RAY DIFFRACTION' ? ?      ?      ?    ? r_nbd_refined                ? ? 
'X-RAY DIFFRACTION' ? ?      ?      ?    ? r_nbd_other                  ? ? 
'X-RAY DIFFRACTION' ? ?      ?      ?    ? r_nbtor_refined              ? ? 
'X-RAY DIFFRACTION' ? ?      ?      ?    ? r_nbtor_other                ? ? 
'X-RAY DIFFRACTION' ? ?      ?      ?    ? r_xyhbond_nbd_refined        ? ? 
'X-RAY DIFFRACTION' ? ?      ?      ?    ? r_xyhbond_nbd_other          ? ? 
'X-RAY DIFFRACTION' ? ?      ?      ?    ? r_metal_ion_refined          ? ? 
'X-RAY DIFFRACTION' ? ?      ?      ?    ? r_metal_ion_other            ? ? 
'X-RAY DIFFRACTION' ? ?      ?      ?    ? r_symmetry_vdw_refined       ? ? 
'X-RAY DIFFRACTION' ? ?      ?      ?    ? r_symmetry_vdw_other         ? ? 
'X-RAY DIFFRACTION' ? ?      ?      ?    ? r_symmetry_hbond_refined     ? ? 
'X-RAY DIFFRACTION' ? ?      ?      ?    ? r_symmetry_hbond_other       ? ? 
'X-RAY DIFFRACTION' ? ?      ?      ?    ? r_symmetry_metal_ion_refined ? ? 
'X-RAY DIFFRACTION' ? ?      ?      ?    ? r_symmetry_metal_ion_other   ? ? 
'X-RAY DIFFRACTION' ? 3.075  3.098  779  ? r_mcbond_it                  ? ? 
'X-RAY DIFFRACTION' ? 3.072  3.096  778  ? r_mcbond_other               ? ? 
'X-RAY DIFFRACTION' ? 4.264  4.638  975  ? r_mcangle_it                 ? ? 
'X-RAY DIFFRACTION' ? 4.263  4.640  976  ? r_mcangle_other              ? ? 
'X-RAY DIFFRACTION' ? 4.635  3.682  808  ? r_scbond_it                  ? ? 
'X-RAY DIFFRACTION' ? 4.616  3.676  801  ? r_scbond_other               ? ? 
'X-RAY DIFFRACTION' ? ?      ?      ?    ? r_scangle_it                 ? ? 
'X-RAY DIFFRACTION' ? 7.021  5.287  1182 ? r_scangle_other              ? ? 
'X-RAY DIFFRACTION' ? 8.903  26.139 1913 ? r_long_range_B_refined       ? ? 
'X-RAY DIFFRACTION' ? 8.886  26.045 1896 ? r_long_range_B_other         ? ? 
'X-RAY DIFFRACTION' ? ?      ?      ?    ? r_rigid_bond_restr           ? ? 
'X-RAY DIFFRACTION' ? ?      ?      ?    ? r_sphericity_free            ? ? 
'X-RAY DIFFRACTION' ? ?      ?      ?    ? r_sphericity_bonded          ? ? 
# 
_refine_ls_shell.pdbx_refine_id                   'X-RAY DIFFRACTION' 
_refine_ls_shell.d_res_high                       1.949 
_refine_ls_shell.d_res_low                        2.000 
_refine_ls_shell.number_reflns_all                ? 
_refine_ls_shell.number_reflns_obs                ? 
_refine_ls_shell.number_reflns_R_free             52 
_refine_ls_shell.number_reflns_R_work             1240 
_refine_ls_shell.percent_reflns_obs               95.35 
_refine_ls_shell.percent_reflns_R_free            ? 
_refine_ls_shell.R_factor_all                     ? 
_refine_ls_shell.R_factor_obs                     ? 
_refine_ls_shell.R_factor_R_free                  0.243 
_refine_ls_shell.R_factor_R_free_error            ? 
_refine_ls_shell.R_factor_R_work                  0.215 
_refine_ls_shell.redundancy_reflns_all            ? 
_refine_ls_shell.redundancy_reflns_obs            ? 
_refine_ls_shell.wR_factor_all                    ? 
_refine_ls_shell.wR_factor_obs                    ? 
_refine_ls_shell.wR_factor_R_free                 ? 
_refine_ls_shell.wR_factor_R_work                 ? 
_refine_ls_shell.pdbx_total_number_of_bins_used   20 
_refine_ls_shell.pdbx_phase_error                 ? 
_refine_ls_shell.pdbx_fsc_work                    ? 
_refine_ls_shell.pdbx_fsc_free                    ? 
# 
_struct.entry_id                     5NIZ 
_struct.title                        'EthR complex' 
_struct.pdbx_model_details           ? 
_struct.pdbx_formula_weight          ? 
_struct.pdbx_formula_weight_method   ? 
_struct.pdbx_model_type_details      ? 
_struct.pdbx_CASP_flag               N 
# 
_struct_keywords.entry_id        5NIZ 
_struct_keywords.text            'TetR repressor, DNA binding protein, protein ligand complex' 
_struct_keywords.pdbx_keywords   'DNA BINDING PROTEIN' 
# 
loop_
_struct_asym.id 
_struct_asym.pdbx_blank_PDB_chainid_flag 
_struct_asym.pdbx_modified 
_struct_asym.entity_id 
_struct_asym.details 
A N N 1 ? 
B N N 2 ? 
C N N 3 ? 
D N N 3 ? 
E N N 4 ? 
# 
_struct_ref.id                         1 
_struct_ref.db_name                    UNP 
_struct_ref.db_code                    ETHR_MYCTU 
_struct_ref.pdbx_db_accession          P9WMC1 
_struct_ref.pdbx_db_isoform            ? 
_struct_ref.entity_id                  1 
_struct_ref.pdbx_seq_one_letter_code   
;MTTSAASQASLPRGRRTARPSGDDRELAILATAENLLEDRPLADISVDDLAKGAGISRPTFYFYFPSKEAVLLTLLDRVV
NQADMALQTLAENPADTDRENMWRTGINVFFETFGSHKAVTRAGQAARATSVEVAELWSTFMQKWIAYTAAVIDAERDRG
AAPRTLPAHELATALNLMNERTLFASFAGEQPSVPEARVLDTLVHIWVTSIYGENR
;
_struct_ref.pdbx_align_begin           1 
# 
_struct_ref_seq.align_id                      1 
_struct_ref_seq.ref_id                        1 
_struct_ref_seq.pdbx_PDB_id_code              5NIZ 
_struct_ref_seq.pdbx_strand_id                A 
_struct_ref_seq.seq_align_beg                 1 
_struct_ref_seq.pdbx_seq_align_beg_ins_code   ? 
_struct_ref_seq.seq_align_end                 216 
_struct_ref_seq.pdbx_seq_align_end_ins_code   ? 
_struct_ref_seq.pdbx_db_accession             P9WMC1 
_struct_ref_seq.db_align_beg                  1 
_struct_ref_seq.pdbx_db_align_beg_ins_code    ? 
_struct_ref_seq.db_align_end                  216 
_struct_ref_seq.pdbx_db_align_end_ins_code    ? 
_struct_ref_seq.pdbx_auth_seq_align_beg       1 
_struct_ref_seq.pdbx_auth_seq_align_end       216 
# 
_pdbx_struct_assembly.id                   1 
_pdbx_struct_assembly.details              author_and_software_defined_assembly 
_pdbx_struct_assembly.method_details       PISA 
_pdbx_struct_assembly.oligomeric_details   dimeric 
_pdbx_struct_assembly.oligomeric_count     2 
# 
loop_
_pdbx_struct_assembly_prop.biol_id 
_pdbx_struct_assembly_prop.type 
_pdbx_struct_assembly_prop.value 
_pdbx_struct_assembly_prop.details 
1 'ABSA (A^2)' 3410  ? 
1 MORE         -74   ? 
1 'SSA (A^2)'  16900 ? 
# 
_pdbx_struct_assembly_gen.assembly_id       1 
_pdbx_struct_assembly_gen.oper_expression   1,2 
_pdbx_struct_assembly_gen.asym_id_list      A,B,C,D,E 
# 
_pdbx_struct_assembly_auth_evidence.id                     1 
_pdbx_struct_assembly_auth_evidence.assembly_id            1 
_pdbx_struct_assembly_auth_evidence.experimental_support   'gel filtration' 
_pdbx_struct_assembly_auth_evidence.details                ? 
# 
loop_
_pdbx_struct_oper_list.id 
_pdbx_struct_oper_list.type 
_pdbx_struct_oper_list.name 
_pdbx_struct_oper_list.symmetry_operation 
_pdbx_struct_oper_list.matrix[1][1] 
_pdbx_struct_oper_list.matrix[1][2] 
_pdbx_struct_oper_list.matrix[1][3] 
_pdbx_struct_oper_list.vector[1] 
_pdbx_struct_oper_list.matrix[2][1] 
_pdbx_struct_oper_list.matrix[2][2] 
_pdbx_struct_oper_list.matrix[2][3] 
_pdbx_struct_oper_list.vector[2] 
_pdbx_struct_oper_list.matrix[3][1] 
_pdbx_struct_oper_list.matrix[3][2] 
_pdbx_struct_oper_list.matrix[3][3] 
_pdbx_struct_oper_list.vector[3] 
1 'identity operation'         1_555 x,y,z  1.0000000000  0.0000000000 0.0000000000  0.0000000000   0.0000000000 1.0000000000 0.0000000000  0.0000000000 0.0000000000  0.0000000000  1.0000000000  0.0000000000  
2 'crystal symmetry operation' 7_555 y,x,-z -0.9571697192 0.2794314807 -0.0757903441 -16.6981669312 0.2794314807 0.8230548793 -0.4944681115 7.1698733036 -0.0757903441 -0.4944681115 -0.8658851601 16.9982225419 
# 
loop_
_struct_conf.conf_type_id 
_struct_conf.id 
_struct_conf.pdbx_PDB_helix_id 
_struct_conf.beg_label_comp_id 
_struct_conf.beg_label_asym_id 
_struct_conf.beg_label_seq_id 
_struct_conf.pdbx_beg_PDB_ins_code 
_struct_conf.end_label_comp_id 
_struct_conf.end_label_asym_id 
_struct_conf.end_label_seq_id 
_struct_conf.pdbx_end_PDB_ins_code 
_struct_conf.beg_auth_comp_id 
_struct_conf.beg_auth_asym_id 
_struct_conf.beg_auth_seq_id 
_struct_conf.end_auth_comp_id 
_struct_conf.end_auth_asym_id 
_struct_conf.end_auth_seq_id 
_struct_conf.pdbx_PDB_helix_class 
_struct_conf.details 
_struct_conf.pdbx_PDB_helix_length 
HELX_P HELX_P1  AA1 ASP A 23  ? GLU A 38  ? ASP A 23  GLU A 38  1 ? 16 
HELX_P HELX_P2  AA2 PRO A 41  ? ILE A 45  ? PRO A 41  ILE A 45  5 ? 5  
HELX_P HELX_P3  AA3 SER A 46  ? GLY A 55  ? SER A 46  GLY A 55  1 ? 10 
HELX_P HELX_P4  AA4 SER A 57  ? PHE A 65  ? SER A 57  PHE A 65  1 ? 9  
HELX_P HELX_P5  AA5 SER A 67  ? ASN A 93  ? SER A 67  ASN A 93  1 ? 27 
HELX_P HELX_P6  AA6 ASP A 98  ? SER A 116 ? ASP A 98  SER A 116 1 ? 19 
HELX_P HELX_P7  AA7 HIS A 117 ? ALA A 127 ? HIS A 117 ALA A 127 1 ? 11 
HELX_P HELX_P8  AA8 SER A 131 ? ARG A 159 ? SER A 131 ARG A 159 1 ? 29 
HELX_P HELX_P9  AA9 PRO A 167 ? GLY A 189 ? PRO A 167 GLY A 189 1 ? 23 
HELX_P HELX_P10 AB1 PRO A 195 ? GLY A 213 ? PRO A 195 GLY A 213 1 ? 19 
# 
_struct_conf_type.id          HELX_P 
_struct_conf_type.criteria    ? 
_struct_conf_type.reference   ? 
# 
_struct_mon_prot_cis.pdbx_id                1 
_struct_mon_prot_cis.label_comp_id          GLN 
_struct_mon_prot_cis.label_seq_id           191 
_struct_mon_prot_cis.label_asym_id          A 
_struct_mon_prot_cis.label_alt_id           . 
_struct_mon_prot_cis.pdbx_PDB_ins_code      ? 
_struct_mon_prot_cis.auth_comp_id           GLN 
_struct_mon_prot_cis.auth_seq_id            191 
_struct_mon_prot_cis.auth_asym_id           A 
_struct_mon_prot_cis.pdbx_label_comp_id_2   PRO 
_struct_mon_prot_cis.pdbx_label_seq_id_2    192 
_struct_mon_prot_cis.pdbx_label_asym_id_2   A 
_struct_mon_prot_cis.pdbx_PDB_ins_code_2    ? 
_struct_mon_prot_cis.pdbx_auth_comp_id_2    PRO 
_struct_mon_prot_cis.pdbx_auth_seq_id_2     192 
_struct_mon_prot_cis.pdbx_auth_asym_id_2    A 
_struct_mon_prot_cis.pdbx_PDB_model_num     1 
_struct_mon_prot_cis.pdbx_omega_angle       7.11 
# 
loop_
_struct_site.id 
_struct_site.pdbx_evidence_code 
_struct_site.pdbx_auth_asym_id 
_struct_site.pdbx_auth_comp_id 
_struct_site.pdbx_auth_seq_id 
_struct_site.pdbx_auth_ins_code 
_struct_site.pdbx_num_residues 
_struct_site.details 
AC1 Software A 8YT 301 ? 16 'binding site for residue 8YT A 301' 
AC2 Software A SO4 302 ? 5  'binding site for residue SO4 A 302' 
AC3 Software A SO4 303 ? 3  'binding site for residue SO4 A 303' 
# 
loop_
_struct_site_gen.id 
_struct_site_gen.site_id 
_struct_site_gen.pdbx_num_res 
_struct_site_gen.label_comp_id 
_struct_site_gen.label_asym_id 
_struct_site_gen.label_seq_id 
_struct_site_gen.pdbx_auth_ins_code 
_struct_site_gen.auth_comp_id 
_struct_site_gen.auth_asym_id 
_struct_site_gen.auth_seq_id 
_struct_site_gen.label_atom_id 
_struct_site_gen.label_alt_id 
_struct_site_gen.symmetry 
_struct_site_gen.details 
1  AC1 16 LEU A 87  ? LEU A 87  . ? 1_555 ? 
2  AC1 16 TRP A 103 ? TRP A 103 . ? 1_555 ? 
3  AC1 16 GLY A 106 ? GLY A 106 . ? 1_555 ? 
4  AC1 16 ILE A 107 ? ILE A 107 . ? 1_555 ? 
5  AC1 16 PHE A 110 ? PHE A 110 . ? 1_555 ? 
6  AC1 16 PHE A 114 ? PHE A 114 . ? 1_555 ? 
7  AC1 16 TRP A 138 ? TRP A 138 . ? 1_555 ? 
8  AC1 16 MET A 142 ? MET A 142 . ? 1_555 ? 
9  AC1 16 TRP A 145 ? TRP A 145 . ? 1_555 ? 
10 AC1 16 TYR A 148 ? TYR A 148 . ? 1_555 ? 
11 AC1 16 THR A 149 ? THR A 149 . ? 1_555 ? 
12 AC1 16 ASN A 176 ? ASN A 176 . ? 1_555 ? 
13 AC1 16 ASN A 179 ? ASN A 179 . ? 1_555 ? 
14 AC1 16 GLU A 180 ? GLU A 180 . ? 1_555 ? 
15 AC1 16 PHE A 184 ? PHE A 184 . ? 1_555 ? 
16 AC1 16 TRP A 207 ? TRP A 207 . ? 1_555 ? 
17 AC2 5  SER A 46  ? SER A 46  . ? 1_555 ? 
18 AC2 5  VAL A 47  ? VAL A 47  . ? 1_555 ? 
19 AC2 5  LYS A 68  ? LYS A 68  . ? 1_555 ? 
20 AC2 5  HOH E .   ? HOH A 403 . ? 1_555 ? 
21 AC2 5  HOH E .   ? HOH A 437 . ? 1_555 ? 
22 AC3 3  ASP A 98  ? ASP A 98  . ? 1_555 ? 
23 AC3 3  ARG A 99  ? ARG A 99  . ? 1_555 ? 
24 AC3 3  HOH E .   ? HOH A 415 . ? 1_555 ? 
# 
loop_
_pdbx_validate_torsion.id 
_pdbx_validate_torsion.PDB_model_num 
_pdbx_validate_torsion.auth_comp_id 
_pdbx_validate_torsion.auth_asym_id 
_pdbx_validate_torsion.auth_seq_id 
_pdbx_validate_torsion.PDB_ins_code 
_pdbx_validate_torsion.label_alt_id 
_pdbx_validate_torsion.phi 
_pdbx_validate_torsion.psi 
1 1 HIS A 117 ? ? -145.59 56.05   
2 1 THR A 165 ? ? -96.87  -105.58 
# 
loop_
_pdbx_unobs_or_zero_occ_residues.id 
_pdbx_unobs_or_zero_occ_residues.PDB_model_num 
_pdbx_unobs_or_zero_occ_residues.polymer_flag 
_pdbx_unobs_or_zero_occ_residues.occupancy_flag 
_pdbx_unobs_or_zero_occ_residues.auth_asym_id 
_pdbx_unobs_or_zero_occ_residues.auth_comp_id 
_pdbx_unobs_or_zero_occ_residues.auth_seq_id 
_pdbx_unobs_or_zero_occ_residues.PDB_ins_code 
_pdbx_unobs_or_zero_occ_residues.label_asym_id 
_pdbx_unobs_or_zero_occ_residues.label_comp_id 
_pdbx_unobs_or_zero_occ_residues.label_seq_id 
1  1 Y 1 A MET 1   ? A MET 1   
2  1 Y 1 A THR 2   ? A THR 2   
3  1 Y 1 A THR 3   ? A THR 3   
4  1 Y 1 A SER 4   ? A SER 4   
5  1 Y 1 A ALA 5   ? A ALA 5   
6  1 Y 1 A ALA 6   ? A ALA 6   
7  1 Y 1 A SER 7   ? A SER 7   
8  1 Y 1 A GLN 8   ? A GLN 8   
9  1 Y 1 A ALA 9   ? A ALA 9   
10 1 Y 1 A SER 10  ? A SER 10  
11 1 Y 1 A LEU 11  ? A LEU 11  
12 1 Y 1 A PRO 12  ? A PRO 12  
13 1 Y 1 A ARG 13  ? A ARG 13  
14 1 Y 1 A GLY 14  ? A GLY 14  
15 1 Y 1 A ARG 15  ? A ARG 15  
16 1 Y 1 A ARG 16  ? A ARG 16  
17 1 Y 1 A THR 17  ? A THR 17  
18 1 Y 1 A ALA 18  ? A ALA 18  
19 1 Y 1 A ARG 19  ? A ARG 19  
20 1 Y 1 A PRO 20  ? A PRO 20  
21 1 Y 1 A SER 21  ? A SER 21  
22 1 Y 1 A GLY 22  ? A GLY 22  
23 1 Y 1 A ASN 215 ? A ASN 215 
24 1 Y 1 A ARG 216 ? A ARG 216 
# 
loop_
_chem_comp_atom.comp_id 
_chem_comp_atom.atom_id 
_chem_comp_atom.type_symbol 
_chem_comp_atom.pdbx_aromatic_flag 
_chem_comp_atom.pdbx_stereo_config 
_chem_comp_atom.pdbx_ordinal 
8YT CAO  C N N 1   
8YT CAP  C N N 2   
8YT CAQ  C N N 3   
8YT CAT  C N N 4   
8YT OAU  O N N 5   
8YT NAV  N N N 6   
8YT CAR  C N N 7   
8YT CAS  C N N 8   
8YT NAN  N N N 9   
8YT CAL  C N N 10  
8YT OAM  O N N 11  
8YT CAK  C N N 12  
8YT CAJ  C N N 13  
8YT CAH  C Y N 14  
8YT OAI  O Y N 15  
8YT CAG  C Y N 16  
8YT CAF  C Y N 17  
8YT CAE  C Y N 18  
8YT CAD  C N R 19  
8YT CAC  C N N 20  
8YT CAB  C N R 21  
8YT CAA  C N N 22  
8YT H1   H N N 23  
8YT H2   H N N 24  
8YT H3   H N N 25  
8YT H4   H N N 26  
8YT H5   H N N 27  
8YT H6   H N N 28  
8YT H7   H N N 29  
8YT H8   H N N 30  
8YT H9   H N N 31  
8YT H10  H N N 32  
8YT H11  H N N 33  
8YT H12  H N N 34  
8YT H13  H N N 35  
8YT H14  H N N 36  
8YT H15  H N N 37  
8YT H16  H N N 38  
8YT H17  H N N 39  
8YT H18  H N N 40  
8YT H19  H N N 41  
8YT H20  H N N 42  
8YT H21  H N N 43  
8YT H22  H N N 44  
8YT H23  H N N 45  
8YT H24  H N N 46  
ALA N    N N N 47  
ALA CA   C N S 48  
ALA C    C N N 49  
ALA O    O N N 50  
ALA CB   C N N 51  
ALA OXT  O N N 52  
ALA H    H N N 53  
ALA H2   H N N 54  
ALA HA   H N N 55  
ALA HB1  H N N 56  
ALA HB2  H N N 57  
ALA HB3  H N N 58  
ALA HXT  H N N 59  
ARG N    N N N 60  
ARG CA   C N S 61  
ARG C    C N N 62  
ARG O    O N N 63  
ARG CB   C N N 64  
ARG CG   C N N 65  
ARG CD   C N N 66  
ARG NE   N N N 67  
ARG CZ   C N N 68  
ARG NH1  N N N 69  
ARG NH2  N N N 70  
ARG OXT  O N N 71  
ARG H    H N N 72  
ARG H2   H N N 73  
ARG HA   H N N 74  
ARG HB2  H N N 75  
ARG HB3  H N N 76  
ARG HG2  H N N 77  
ARG HG3  H N N 78  
ARG HD2  H N N 79  
ARG HD3  H N N 80  
ARG HE   H N N 81  
ARG HH11 H N N 82  
ARG HH12 H N N 83  
ARG HH21 H N N 84  
ARG HH22 H N N 85  
ARG HXT  H N N 86  
ASN N    N N N 87  
ASN CA   C N S 88  
ASN C    C N N 89  
ASN O    O N N 90  
ASN CB   C N N 91  
ASN CG   C N N 92  
ASN OD1  O N N 93  
ASN ND2  N N N 94  
ASN OXT  O N N 95  
ASN H    H N N 96  
ASN H2   H N N 97  
ASN HA   H N N 98  
ASN HB2  H N N 99  
ASN HB3  H N N 100 
ASN HD21 H N N 101 
ASN HD22 H N N 102 
ASN HXT  H N N 103 
ASP N    N N N 104 
ASP CA   C N S 105 
ASP C    C N N 106 
ASP O    O N N 107 
ASP CB   C N N 108 
ASP CG   C N N 109 
ASP OD1  O N N 110 
ASP OD2  O N N 111 
ASP OXT  O N N 112 
ASP H    H N N 113 
ASP H2   H N N 114 
ASP HA   H N N 115 
ASP HB2  H N N 116 
ASP HB3  H N N 117 
ASP HD2  H N N 118 
ASP HXT  H N N 119 
GLN N    N N N 120 
GLN CA   C N S 121 
GLN C    C N N 122 
GLN O    O N N 123 
GLN CB   C N N 124 
GLN CG   C N N 125 
GLN CD   C N N 126 
GLN OE1  O N N 127 
GLN NE2  N N N 128 
GLN OXT  O N N 129 
GLN H    H N N 130 
GLN H2   H N N 131 
GLN HA   H N N 132 
GLN HB2  H N N 133 
GLN HB3  H N N 134 
GLN HG2  H N N 135 
GLN HG3  H N N 136 
GLN HE21 H N N 137 
GLN HE22 H N N 138 
GLN HXT  H N N 139 
GLU N    N N N 140 
GLU CA   C N S 141 
GLU C    C N N 142 
GLU O    O N N 143 
GLU CB   C N N 144 
GLU CG   C N N 145 
GLU CD   C N N 146 
GLU OE1  O N N 147 
GLU OE2  O N N 148 
GLU OXT  O N N 149 
GLU H    H N N 150 
GLU H2   H N N 151 
GLU HA   H N N 152 
GLU HB2  H N N 153 
GLU HB3  H N N 154 
GLU HG2  H N N 155 
GLU HG3  H N N 156 
GLU HE2  H N N 157 
GLU HXT  H N N 158 
GLY N    N N N 159 
GLY CA   C N N 160 
GLY C    C N N 161 
GLY O    O N N 162 
GLY OXT  O N N 163 
GLY H    H N N 164 
GLY H2   H N N 165 
GLY HA2  H N N 166 
GLY HA3  H N N 167 
GLY HXT  H N N 168 
HIS N    N N N 169 
HIS CA   C N S 170 
HIS C    C N N 171 
HIS O    O N N 172 
HIS CB   C N N 173 
HIS CG   C Y N 174 
HIS ND1  N Y N 175 
HIS CD2  C Y N 176 
HIS CE1  C Y N 177 
HIS NE2  N Y N 178 
HIS OXT  O N N 179 
HIS H    H N N 180 
HIS H2   H N N 181 
HIS HA   H N N 182 
HIS HB2  H N N 183 
HIS HB3  H N N 184 
HIS HD1  H N N 185 
HIS HD2  H N N 186 
HIS HE1  H N N 187 
HIS HE2  H N N 188 
HIS HXT  H N N 189 
HOH O    O N N 190 
HOH H1   H N N 191 
HOH H2   H N N 192 
ILE N    N N N 193 
ILE CA   C N S 194 
ILE C    C N N 195 
ILE O    O N N 196 
ILE CB   C N S 197 
ILE CG1  C N N 198 
ILE CG2  C N N 199 
ILE CD1  C N N 200 
ILE OXT  O N N 201 
ILE H    H N N 202 
ILE H2   H N N 203 
ILE HA   H N N 204 
ILE HB   H N N 205 
ILE HG12 H N N 206 
ILE HG13 H N N 207 
ILE HG21 H N N 208 
ILE HG22 H N N 209 
ILE HG23 H N N 210 
ILE HD11 H N N 211 
ILE HD12 H N N 212 
ILE HD13 H N N 213 
ILE HXT  H N N 214 
LEU N    N N N 215 
LEU CA   C N S 216 
LEU C    C N N 217 
LEU O    O N N 218 
LEU CB   C N N 219 
LEU CG   C N N 220 
LEU CD1  C N N 221 
LEU CD2  C N N 222 
LEU OXT  O N N 223 
LEU H    H N N 224 
LEU H2   H N N 225 
LEU HA   H N N 226 
LEU HB2  H N N 227 
LEU HB3  H N N 228 
LEU HG   H N N 229 
LEU HD11 H N N 230 
LEU HD12 H N N 231 
LEU HD13 H N N 232 
LEU HD21 H N N 233 
LEU HD22 H N N 234 
LEU HD23 H N N 235 
LEU HXT  H N N 236 
LYS N    N N N 237 
LYS CA   C N S 238 
LYS C    C N N 239 
LYS O    O N N 240 
LYS CB   C N N 241 
LYS CG   C N N 242 
LYS CD   C N N 243 
LYS CE   C N N 244 
LYS NZ   N N N 245 
LYS OXT  O N N 246 
LYS H    H N N 247 
LYS H2   H N N 248 
LYS HA   H N N 249 
LYS HB2  H N N 250 
LYS HB3  H N N 251 
LYS HG2  H N N 252 
LYS HG3  H N N 253 
LYS HD2  H N N 254 
LYS HD3  H N N 255 
LYS HE2  H N N 256 
LYS HE3  H N N 257 
LYS HZ1  H N N 258 
LYS HZ2  H N N 259 
LYS HZ3  H N N 260 
LYS HXT  H N N 261 
MET N    N N N 262 
MET CA   C N S 263 
MET C    C N N 264 
MET O    O N N 265 
MET CB   C N N 266 
MET CG   C N N 267 
MET SD   S N N 268 
MET CE   C N N 269 
MET OXT  O N N 270 
MET H    H N N 271 
MET H2   H N N 272 
MET HA   H N N 273 
MET HB2  H N N 274 
MET HB3  H N N 275 
MET HG2  H N N 276 
MET HG3  H N N 277 
MET HE1  H N N 278 
MET HE2  H N N 279 
MET HE3  H N N 280 
MET HXT  H N N 281 
PHE N    N N N 282 
PHE CA   C N S 283 
PHE C    C N N 284 
PHE O    O N N 285 
PHE CB   C N N 286 
PHE CG   C Y N 287 
PHE CD1  C Y N 288 
PHE CD2  C Y N 289 
PHE CE1  C Y N 290 
PHE CE2  C Y N 291 
PHE CZ   C Y N 292 
PHE OXT  O N N 293 
PHE H    H N N 294 
PHE H2   H N N 295 
PHE HA   H N N 296 
PHE HB2  H N N 297 
PHE HB3  H N N 298 
PHE HD1  H N N 299 
PHE HD2  H N N 300 
PHE HE1  H N N 301 
PHE HE2  H N N 302 
PHE HZ   H N N 303 
PHE HXT  H N N 304 
PRO N    N N N 305 
PRO CA   C N S 306 
PRO C    C N N 307 
PRO O    O N N 308 
PRO CB   C N N 309 
PRO CG   C N N 310 
PRO CD   C N N 311 
PRO OXT  O N N 312 
PRO H    H N N 313 
PRO HA   H N N 314 
PRO HB2  H N N 315 
PRO HB3  H N N 316 
PRO HG2  H N N 317 
PRO HG3  H N N 318 
PRO HD2  H N N 319 
PRO HD3  H N N 320 
PRO HXT  H N N 321 
SER N    N N N 322 
SER CA   C N S 323 
SER C    C N N 324 
SER O    O N N 325 
SER CB   C N N 326 
SER OG   O N N 327 
SER OXT  O N N 328 
SER H    H N N 329 
SER H2   H N N 330 
SER HA   H N N 331 
SER HB2  H N N 332 
SER HB3  H N N 333 
SER HG   H N N 334 
SER HXT  H N N 335 
SO4 S    S N N 336 
SO4 O1   O N N 337 
SO4 O2   O N N 338 
SO4 O3   O N N 339 
SO4 O4   O N N 340 
THR N    N N N 341 
THR CA   C N S 342 
THR C    C N N 343 
THR O    O N N 344 
THR CB   C N R 345 
THR OG1  O N N 346 
THR CG2  C N N 347 
THR OXT  O N N 348 
THR H    H N N 349 
THR H2   H N N 350 
THR HA   H N N 351 
THR HB   H N N 352 
THR HG1  H N N 353 
THR HG21 H N N 354 
THR HG22 H N N 355 
THR HG23 H N N 356 
THR HXT  H N N 357 
TRP N    N N N 358 
TRP CA   C N S 359 
TRP C    C N N 360 
TRP O    O N N 361 
TRP CB   C N N 362 
TRP CG   C Y N 363 
TRP CD1  C Y N 364 
TRP CD2  C Y N 365 
TRP NE1  N Y N 366 
TRP CE2  C Y N 367 
TRP CE3  C Y N 368 
TRP CZ2  C Y N 369 
TRP CZ3  C Y N 370 
TRP CH2  C Y N 371 
TRP OXT  O N N 372 
TRP H    H N N 373 
TRP H2   H N N 374 
TRP HA   H N N 375 
TRP HB2  H N N 376 
TRP HB3  H N N 377 
TRP HD1  H N N 378 
TRP HE1  H N N 379 
TRP HE3  H N N 380 
TRP HZ2  H N N 381 
TRP HZ3  H N N 382 
TRP HH2  H N N 383 
TRP HXT  H N N 384 
TYR N    N N N 385 
TYR CA   C N S 386 
TYR C    C N N 387 
TYR O    O N N 388 
TYR CB   C N N 389 
TYR CG   C Y N 390 
TYR CD1  C Y N 391 
TYR CD2  C Y N 392 
TYR CE1  C Y N 393 
TYR CE2  C Y N 394 
TYR CZ   C Y N 395 
TYR OH   O N N 396 
TYR OXT  O N N 397 
TYR H    H N N 398 
TYR H2   H N N 399 
TYR HA   H N N 400 
TYR HB2  H N N 401 
TYR HB3  H N N 402 
TYR HD1  H N N 403 
TYR HD2  H N N 404 
TYR HE1  H N N 405 
TYR HE2  H N N 406 
TYR HH   H N N 407 
TYR HXT  H N N 408 
VAL N    N N N 409 
VAL CA   C N S 410 
VAL C    C N N 411 
VAL O    O N N 412 
VAL CB   C N N 413 
VAL CG1  C N N 414 
VAL CG2  C N N 415 
VAL OXT  O N N 416 
VAL H    H N N 417 
VAL H2   H N N 418 
VAL HA   H N N 419 
VAL HB   H N N 420 
VAL HG11 H N N 421 
VAL HG12 H N N 422 
VAL HG13 H N N 423 
VAL HG21 H N N 424 
VAL HG22 H N N 425 
VAL HG23 H N N 426 
VAL HXT  H N N 427 
# 
loop_
_chem_comp_bond.comp_id 
_chem_comp_bond.atom_id_1 
_chem_comp_bond.atom_id_2 
_chem_comp_bond.value_order 
_chem_comp_bond.pdbx_aromatic_flag 
_chem_comp_bond.pdbx_stereo_config 
_chem_comp_bond.pdbx_ordinal 
8YT CAA CAB  sing N N 1   
8YT CAB CAD  sing N N 2   
8YT CAB CAC  sing N N 3   
8YT OAI CAE  sing Y N 4   
8YT OAI CAH  sing Y N 5   
8YT CAD CAE  sing N N 6   
8YT CAD CAC  sing N N 7   
8YT CAJ CAH  sing N N 8   
8YT CAJ CAK  sing N N 9   
8YT CAE CAF  doub Y N 10  
8YT CAH CAG  doub Y N 11  
8YT CAK CAL  sing N N 12  
8YT CAO CAP  sing N N 13  
8YT CAO NAN  sing N N 14  
8YT CAF CAG  sing Y N 15  
8YT CAP CAQ  sing N N 16  
8YT CAL NAN  sing N N 17  
8YT CAL OAM  doub N N 18  
8YT NAN CAS  sing N N 19  
8YT CAQ CAT  sing N N 20  
8YT CAQ CAR  sing N N 21  
8YT OAU CAT  doub N N 22  
8YT CAT NAV  sing N N 23  
8YT CAS CAR  sing N N 24  
8YT CAO H1   sing N N 25  
8YT CAO H2   sing N N 26  
8YT CAP H3   sing N N 27  
8YT CAP H4   sing N N 28  
8YT CAQ H5   sing N N 29  
8YT NAV H6   sing N N 30  
8YT NAV H7   sing N N 31  
8YT CAR H8   sing N N 32  
8YT CAR H9   sing N N 33  
8YT CAS H10  sing N N 34  
8YT CAS H11  sing N N 35  
8YT CAK H12  sing N N 36  
8YT CAK H13  sing N N 37  
8YT CAJ H14  sing N N 38  
8YT CAJ H15  sing N N 39  
8YT CAG H16  sing N N 40  
8YT CAF H17  sing N N 41  
8YT CAD H18  sing N N 42  
8YT CAC H19  sing N N 43  
8YT CAC H20  sing N N 44  
8YT CAB H21  sing N N 45  
8YT CAA H22  sing N N 46  
8YT CAA H23  sing N N 47  
8YT CAA H24  sing N N 48  
ALA N   CA   sing N N 49  
ALA N   H    sing N N 50  
ALA N   H2   sing N N 51  
ALA CA  C    sing N N 52  
ALA CA  CB   sing N N 53  
ALA CA  HA   sing N N 54  
ALA C   O    doub N N 55  
ALA C   OXT  sing N N 56  
ALA CB  HB1  sing N N 57  
ALA CB  HB2  sing N N 58  
ALA CB  HB3  sing N N 59  
ALA OXT HXT  sing N N 60  
ARG N   CA   sing N N 61  
ARG N   H    sing N N 62  
ARG N   H2   sing N N 63  
ARG CA  C    sing N N 64  
ARG CA  CB   sing N N 65  
ARG CA  HA   sing N N 66  
ARG C   O    doub N N 67  
ARG C   OXT  sing N N 68  
ARG CB  CG   sing N N 69  
ARG CB  HB2  sing N N 70  
ARG CB  HB3  sing N N 71  
ARG CG  CD   sing N N 72  
ARG CG  HG2  sing N N 73  
ARG CG  HG3  sing N N 74  
ARG CD  NE   sing N N 75  
ARG CD  HD2  sing N N 76  
ARG CD  HD3  sing N N 77  
ARG NE  CZ   sing N N 78  
ARG NE  HE   sing N N 79  
ARG CZ  NH1  sing N N 80  
ARG CZ  NH2  doub N N 81  
ARG NH1 HH11 sing N N 82  
ARG NH1 HH12 sing N N 83  
ARG NH2 HH21 sing N N 84  
ARG NH2 HH22 sing N N 85  
ARG OXT HXT  sing N N 86  
ASN N   CA   sing N N 87  
ASN N   H    sing N N 88  
ASN N   H2   sing N N 89  
ASN CA  C    sing N N 90  
ASN CA  CB   sing N N 91  
ASN CA  HA   sing N N 92  
ASN C   O    doub N N 93  
ASN C   OXT  sing N N 94  
ASN CB  CG   sing N N 95  
ASN CB  HB2  sing N N 96  
ASN CB  HB3  sing N N 97  
ASN CG  OD1  doub N N 98  
ASN CG  ND2  sing N N 99  
ASN ND2 HD21 sing N N 100 
ASN ND2 HD22 sing N N 101 
ASN OXT HXT  sing N N 102 
ASP N   CA   sing N N 103 
ASP N   H    sing N N 104 
ASP N   H2   sing N N 105 
ASP CA  C    sing N N 106 
ASP CA  CB   sing N N 107 
ASP CA  HA   sing N N 108 
ASP C   O    doub N N 109 
ASP C   OXT  sing N N 110 
ASP CB  CG   sing N N 111 
ASP CB  HB2  sing N N 112 
ASP CB  HB3  sing N N 113 
ASP CG  OD1  doub N N 114 
ASP CG  OD2  sing N N 115 
ASP OD2 HD2  sing N N 116 
ASP OXT HXT  sing N N 117 
GLN N   CA   sing N N 118 
GLN N   H    sing N N 119 
GLN N   H2   sing N N 120 
GLN CA  C    sing N N 121 
GLN CA  CB   sing N N 122 
GLN CA  HA   sing N N 123 
GLN C   O    doub N N 124 
GLN C   OXT  sing N N 125 
GLN CB  CG   sing N N 126 
GLN CB  HB2  sing N N 127 
GLN CB  HB3  sing N N 128 
GLN CG  CD   sing N N 129 
GLN CG  HG2  sing N N 130 
GLN CG  HG3  sing N N 131 
GLN CD  OE1  doub N N 132 
GLN CD  NE2  sing N N 133 
GLN NE2 HE21 sing N N 134 
GLN NE2 HE22 sing N N 135 
GLN OXT HXT  sing N N 136 
GLU N   CA   sing N N 137 
GLU N   H    sing N N 138 
GLU N   H2   sing N N 139 
GLU CA  C    sing N N 140 
GLU CA  CB   sing N N 141 
GLU CA  HA   sing N N 142 
GLU C   O    doub N N 143 
GLU C   OXT  sing N N 144 
GLU CB  CG   sing N N 145 
GLU CB  HB2  sing N N 146 
GLU CB  HB3  sing N N 147 
GLU CG  CD   sing N N 148 
GLU CG  HG2  sing N N 149 
GLU CG  HG3  sing N N 150 
GLU CD  OE1  doub N N 151 
GLU CD  OE2  sing N N 152 
GLU OE2 HE2  sing N N 153 
GLU OXT HXT  sing N N 154 
GLY N   CA   sing N N 155 
GLY N   H    sing N N 156 
GLY N   H2   sing N N 157 
GLY CA  C    sing N N 158 
GLY CA  HA2  sing N N 159 
GLY CA  HA3  sing N N 160 
GLY C   O    doub N N 161 
GLY C   OXT  sing N N 162 
GLY OXT HXT  sing N N 163 
HIS N   CA   sing N N 164 
HIS N   H    sing N N 165 
HIS N   H2   sing N N 166 
HIS CA  C    sing N N 167 
HIS CA  CB   sing N N 168 
HIS CA  HA   sing N N 169 
HIS C   O    doub N N 170 
HIS C   OXT  sing N N 171 
HIS CB  CG   sing N N 172 
HIS CB  HB2  sing N N 173 
HIS CB  HB3  sing N N 174 
HIS CG  ND1  sing Y N 175 
HIS CG  CD2  doub Y N 176 
HIS ND1 CE1  doub Y N 177 
HIS ND1 HD1  sing N N 178 
HIS CD2 NE2  sing Y N 179 
HIS CD2 HD2  sing N N 180 
HIS CE1 NE2  sing Y N 181 
HIS CE1 HE1  sing N N 182 
HIS NE2 HE2  sing N N 183 
HIS OXT HXT  sing N N 184 
HOH O   H1   sing N N 185 
HOH O   H2   sing N N 186 
ILE N   CA   sing N N 187 
ILE N   H    sing N N 188 
ILE N   H2   sing N N 189 
ILE CA  C    sing N N 190 
ILE CA  CB   sing N N 191 
ILE CA  HA   sing N N 192 
ILE C   O    doub N N 193 
ILE C   OXT  sing N N 194 
ILE CB  CG1  sing N N 195 
ILE CB  CG2  sing N N 196 
ILE CB  HB   sing N N 197 
ILE CG1 CD1  sing N N 198 
ILE CG1 HG12 sing N N 199 
ILE CG1 HG13 sing N N 200 
ILE CG2 HG21 sing N N 201 
ILE CG2 HG22 sing N N 202 
ILE CG2 HG23 sing N N 203 
ILE CD1 HD11 sing N N 204 
ILE CD1 HD12 sing N N 205 
ILE CD1 HD13 sing N N 206 
ILE OXT HXT  sing N N 207 
LEU N   CA   sing N N 208 
LEU N   H    sing N N 209 
LEU N   H2   sing N N 210 
LEU CA  C    sing N N 211 
LEU CA  CB   sing N N 212 
LEU CA  HA   sing N N 213 
LEU C   O    doub N N 214 
LEU C   OXT  sing N N 215 
LEU CB  CG   sing N N 216 
LEU CB  HB2  sing N N 217 
LEU CB  HB3  sing N N 218 
LEU CG  CD1  sing N N 219 
LEU CG  CD2  sing N N 220 
LEU CG  HG   sing N N 221 
LEU CD1 HD11 sing N N 222 
LEU CD1 HD12 sing N N 223 
LEU CD1 HD13 sing N N 224 
LEU CD2 HD21 sing N N 225 
LEU CD2 HD22 sing N N 226 
LEU CD2 HD23 sing N N 227 
LEU OXT HXT  sing N N 228 
LYS N   CA   sing N N 229 
LYS N   H    sing N N 230 
LYS N   H2   sing N N 231 
LYS CA  C    sing N N 232 
LYS CA  CB   sing N N 233 
LYS CA  HA   sing N N 234 
LYS C   O    doub N N 235 
LYS C   OXT  sing N N 236 
LYS CB  CG   sing N N 237 
LYS CB  HB2  sing N N 238 
LYS CB  HB3  sing N N 239 
LYS CG  CD   sing N N 240 
LYS CG  HG2  sing N N 241 
LYS CG  HG3  sing N N 242 
LYS CD  CE   sing N N 243 
LYS CD  HD2  sing N N 244 
LYS CD  HD3  sing N N 245 
LYS CE  NZ   sing N N 246 
LYS CE  HE2  sing N N 247 
LYS CE  HE3  sing N N 248 
LYS NZ  HZ1  sing N N 249 
LYS NZ  HZ2  sing N N 250 
LYS NZ  HZ3  sing N N 251 
LYS OXT HXT  sing N N 252 
MET N   CA   sing N N 253 
MET N   H    sing N N 254 
MET N   H2   sing N N 255 
MET CA  C    sing N N 256 
MET CA  CB   sing N N 257 
MET CA  HA   sing N N 258 
MET C   O    doub N N 259 
MET C   OXT  sing N N 260 
MET CB  CG   sing N N 261 
MET CB  HB2  sing N N 262 
MET CB  HB3  sing N N 263 
MET CG  SD   sing N N 264 
MET CG  HG2  sing N N 265 
MET CG  HG3  sing N N 266 
MET SD  CE   sing N N 267 
MET CE  HE1  sing N N 268 
MET CE  HE2  sing N N 269 
MET CE  HE3  sing N N 270 
MET OXT HXT  sing N N 271 
PHE N   CA   sing N N 272 
PHE N   H    sing N N 273 
PHE N   H2   sing N N 274 
PHE CA  C    sing N N 275 
PHE CA  CB   sing N N 276 
PHE CA  HA   sing N N 277 
PHE C   O    doub N N 278 
PHE C   OXT  sing N N 279 
PHE CB  CG   sing N N 280 
PHE CB  HB2  sing N N 281 
PHE CB  HB3  sing N N 282 
PHE CG  CD1  doub Y N 283 
PHE CG  CD2  sing Y N 284 
PHE CD1 CE1  sing Y N 285 
PHE CD1 HD1  sing N N 286 
PHE CD2 CE2  doub Y N 287 
PHE CD2 HD2  sing N N 288 
PHE CE1 CZ   doub Y N 289 
PHE CE1 HE1  sing N N 290 
PHE CE2 CZ   sing Y N 291 
PHE CE2 HE2  sing N N 292 
PHE CZ  HZ   sing N N 293 
PHE OXT HXT  sing N N 294 
PRO N   CA   sing N N 295 
PRO N   CD   sing N N 296 
PRO N   H    sing N N 297 
PRO CA  C    sing N N 298 
PRO CA  CB   sing N N 299 
PRO CA  HA   sing N N 300 
PRO C   O    doub N N 301 
PRO C   OXT  sing N N 302 
PRO CB  CG   sing N N 303 
PRO CB  HB2  sing N N 304 
PRO CB  HB3  sing N N 305 
PRO CG  CD   sing N N 306 
PRO CG  HG2  sing N N 307 
PRO CG  HG3  sing N N 308 
PRO CD  HD2  sing N N 309 
PRO CD  HD3  sing N N 310 
PRO OXT HXT  sing N N 311 
SER N   CA   sing N N 312 
SER N   H    sing N N 313 
SER N   H2   sing N N 314 
SER CA  C    sing N N 315 
SER CA  CB   sing N N 316 
SER CA  HA   sing N N 317 
SER C   O    doub N N 318 
SER C   OXT  sing N N 319 
SER CB  OG   sing N N 320 
SER CB  HB2  sing N N 321 
SER CB  HB3  sing N N 322 
SER OG  HG   sing N N 323 
SER OXT HXT  sing N N 324 
SO4 S   O1   doub N N 325 
SO4 S   O2   doub N N 326 
SO4 S   O3   sing N N 327 
SO4 S   O4   sing N N 328 
THR N   CA   sing N N 329 
THR N   H    sing N N 330 
THR N   H2   sing N N 331 
THR CA  C    sing N N 332 
THR CA  CB   sing N N 333 
THR CA  HA   sing N N 334 
THR C   O    doub N N 335 
THR C   OXT  sing N N 336 
THR CB  OG1  sing N N 337 
THR CB  CG2  sing N N 338 
THR CB  HB   sing N N 339 
THR OG1 HG1  sing N N 340 
THR CG2 HG21 sing N N 341 
THR CG2 HG22 sing N N 342 
THR CG2 HG23 sing N N 343 
THR OXT HXT  sing N N 344 
TRP N   CA   sing N N 345 
TRP N   H    sing N N 346 
TRP N   H2   sing N N 347 
TRP CA  C    sing N N 348 
TRP CA  CB   sing N N 349 
TRP CA  HA   sing N N 350 
TRP C   O    doub N N 351 
TRP C   OXT  sing N N 352 
TRP CB  CG   sing N N 353 
TRP CB  HB2  sing N N 354 
TRP CB  HB3  sing N N 355 
TRP CG  CD1  doub Y N 356 
TRP CG  CD2  sing Y N 357 
TRP CD1 NE1  sing Y N 358 
TRP CD1 HD1  sing N N 359 
TRP CD2 CE2  doub Y N 360 
TRP CD2 CE3  sing Y N 361 
TRP NE1 CE2  sing Y N 362 
TRP NE1 HE1  sing N N 363 
TRP CE2 CZ2  sing Y N 364 
TRP CE3 CZ3  doub Y N 365 
TRP CE3 HE3  sing N N 366 
TRP CZ2 CH2  doub Y N 367 
TRP CZ2 HZ2  sing N N 368 
TRP CZ3 CH2  sing Y N 369 
TRP CZ3 HZ3  sing N N 370 
TRP CH2 HH2  sing N N 371 
TRP OXT HXT  sing N N 372 
TYR N   CA   sing N N 373 
TYR N   H    sing N N 374 
TYR N   H2   sing N N 375 
TYR CA  C    sing N N 376 
TYR CA  CB   sing N N 377 
TYR CA  HA   sing N N 378 
TYR C   O    doub N N 379 
TYR C   OXT  sing N N 380 
TYR CB  CG   sing N N 381 
TYR CB  HB2  sing N N 382 
TYR CB  HB3  sing N N 383 
TYR CG  CD1  doub Y N 384 
TYR CG  CD2  sing Y N 385 
TYR CD1 CE1  sing Y N 386 
TYR CD1 HD1  sing N N 387 
TYR CD2 CE2  doub Y N 388 
TYR CD2 HD2  sing N N 389 
TYR CE1 CZ   doub Y N 390 
TYR CE1 HE1  sing N N 391 
TYR CE2 CZ   sing Y N 392 
TYR CE2 HE2  sing N N 393 
TYR CZ  OH   sing N N 394 
TYR OH  HH   sing N N 395 
TYR OXT HXT  sing N N 396 
VAL N   CA   sing N N 397 
VAL N   H    sing N N 398 
VAL N   H2   sing N N 399 
VAL CA  C    sing N N 400 
VAL CA  CB   sing N N 401 
VAL CA  HA   sing N N 402 
VAL C   O    doub N N 403 
VAL C   OXT  sing N N 404 
VAL CB  CG1  sing N N 405 
VAL CB  CG2  sing N N 406 
VAL CB  HB   sing N N 407 
VAL CG1 HG11 sing N N 408 
VAL CG1 HG12 sing N N 409 
VAL CG1 HG13 sing N N 410 
VAL CG2 HG21 sing N N 411 
VAL CG2 HG22 sing N N 412 
VAL CG2 HG23 sing N N 413 
VAL OXT HXT  sing N N 414 
# 
_atom_sites.entry_id                    5NIZ 
_atom_sites.fract_transf_matrix[1][1]   0.00474017 
_atom_sites.fract_transf_matrix[1][2]   0.00390664 
_atom_sites.fract_transf_matrix[1][3]   -0.00558202 
_atom_sites.fract_transf_matrix[2][1]   -0.00302244 
_atom_sites.fract_transf_matrix[2][2]   0.00730006 
_atom_sites.fract_transf_matrix[2][3]   0.00254242 
_atom_sites.fract_transf_matrix[3][1]   0.02186312 
_atom_sites.fract_transf_matrix[3][2]   0.00207920 
_atom_sites.fract_transf_matrix[3][3]   0.02002100 
_atom_sites.fract_transf_vector[1]      -0.136114 
_atom_sites.fract_transf_vector[2]      -0.282140 
_atom_sites.fract_transf_vector[3]      0.004923 
# 
loop_
_atom_type.symbol 
C 
N 
O 
S 
# 
loop_
_atom_site.group_PDB 
_atom_site.id 
_atom_site.type_symbol 
_atom_site.label_atom_id 
_atom_site.label_alt_id 
_atom_site.label_comp_id 
_atom_site.label_asym_id 
_atom_site.label_entity_id 
_atom_site.label_seq_id 
_atom_site.pdbx_PDB_ins_code 
_atom_site.Cartn_x 
_atom_site.Cartn_y 
_atom_site.Cartn_z 
_atom_site.occupancy 
_atom_site.B_iso_or_equiv 
_atom_site.pdbx_formal_charge 
_atom_site.auth_seq_id 
_atom_site.auth_comp_id 
_atom_site.auth_asym_id 
_atom_site.auth_atom_id 
_atom_site.pdbx_PDB_model_num 
ATOM   1    N N   . ASP A 1 23  ? 10.968  -22.785 -7.034  1.00 69.91 ? 23  ASP A N   1 
ATOM   2    C CA  . ASP A 1 23  ? 10.418  -21.410 -7.196  1.00 63.50 ? 23  ASP A CA  1 
ATOM   3    C C   . ASP A 1 23  ? 9.208   -21.424 -8.115  1.00 64.65 ? 23  ASP A C   1 
ATOM   4    O O   . ASP A 1 23  ? 8.246   -20.741 -7.835  1.00 66.48 ? 23  ASP A O   1 
ATOM   5    C CB  . ASP A 1 23  ? 11.475  -20.441 -7.714  1.00 61.26 ? 23  ASP A CB  1 
ATOM   6    N N   . ASP A 1 24  ? 9.225   -22.208 -9.193  1.00 59.02 ? 24  ASP A N   1 
ATOM   7    C CA  . ASP A 1 24  ? 8.082   -22.232 -10.096 1.00 58.39 ? 24  ASP A CA  1 
ATOM   8    C C   . ASP A 1 24  ? 6.829   -22.672 -9.345  1.00 60.25 ? 24  ASP A C   1 
ATOM   9    O O   . ASP A 1 24  ? 5.732   -22.200 -9.626  1.00 51.50 ? 24  ASP A O   1 
ATOM   10   C CB  . ASP A 1 24  ? 8.334   -23.149 -11.287 1.00 60.06 ? 24  ASP A CB  1 
ATOM   11   N N   . ARG A 1 25  ? 6.993   -23.586 -8.389  1.00 53.57 ? 25  ARG A N   1 
ATOM   12   C CA  . ARG A 1 25  ? 5.866   -24.052 -7.604  1.00 49.58 ? 25  ARG A CA  1 
ATOM   13   C C   . ARG A 1 25  ? 5.539   -23.064 -6.497  1.00 43.04 ? 25  ARG A C   1 
ATOM   14   O O   . ARG A 1 25  ? 4.387   -22.907 -6.119  1.00 37.80 ? 25  ARG A O   1 
ATOM   15   C CB  . ARG A 1 25  ? 6.121   -25.454 -7.075  1.00 52.60 ? 25  ARG A CB  1 
ATOM   16   C CG  . ARG A 1 25  ? 6.025   -26.480 -8.200  1.00 61.54 ? 25  ARG A CG  1 
ATOM   17   C CD  . ARG A 1 25  ? 6.111   -27.924 -7.742  1.00 65.35 ? 25  ARG A CD  1 
ATOM   18   N NE  . ARG A 1 25  ? 7.356   -28.233 -7.040  1.00 71.82 ? 25  ARG A NE  1 
ATOM   19   C CZ  . ARG A 1 25  ? 7.696   -29.446 -6.592  1.00 78.10 ? 25  ARG A CZ  1 
ATOM   20   N NH1 . ARG A 1 25  ? 6.896   -30.498 -6.775  1.00 85.93 ? 25  ARG A NH1 1 
ATOM   21   N NH2 . ARG A 1 25  ? 8.850   -29.615 -5.956  1.00 72.92 ? 25  ARG A NH2 1 
ATOM   22   N N   . GLU A 1 26  ? 6.541   -22.381 -5.979  1.00 45.03 ? 26  GLU A N   1 
ATOM   23   C CA  . GLU A 1 26  ? 6.265   -21.314 -5.019  1.00 48.43 ? 26  GLU A CA  1 
ATOM   24   C C   . GLU A 1 26  ? 5.407   -20.194 -5.646  1.00 41.82 ? 26  GLU A C   1 
ATOM   25   O O   . GLU A 1 26  ? 4.426   -19.769 -5.051  1.00 38.24 ? 26  GLU A O   1 
ATOM   26   C CB  . GLU A 1 26  ? 7.555   -20.740 -4.478  1.00 50.33 ? 26  GLU A CB  1 
ATOM   27   C CG  . GLU A 1 26  ? 7.322   -19.953 -3.217  1.00 53.43 ? 26  GLU A CG  1 
ATOM   28   C CD  . GLU A 1 26  ? 8.601   -19.474 -2.589  1.00 60.53 ? 26  GLU A CD  1 
ATOM   29   O OE1 . GLU A 1 26  ? 9.438   -20.336 -2.245  1.00 54.48 ? 26  GLU A OE1 1 
ATOM   30   O OE2 . GLU A 1 26  ? 8.733   -18.238 -2.411  1.00 66.60 ? 26  GLU A OE2 1 
ATOM   31   N N   . LEU A 1 27  ? 5.770   -19.801 -6.864  1.00 38.14 ? 27  LEU A N   1 
ATOM   32   C CA  . LEU A 1 27  ? 5.056   -18.811 -7.674  1.00 43.04 ? 27  LEU A CA  1 
ATOM   33   C C   . LEU A 1 27  ? 3.633   -19.236 -7.978  1.00 43.20 ? 27  LEU A C   1 
ATOM   34   O O   . LEU A 1 27  ? 2.665   -18.419 -7.978  1.00 40.74 ? 27  LEU A O   1 
ATOM   35   C CB  . LEU A 1 27  ? 5.798   -18.560 -9.001  1.00 45.94 ? 27  LEU A CB  1 
ATOM   36   C CG  . LEU A 1 27  ? 7.182   -17.889 -8.919  1.00 48.95 ? 27  LEU A CG  1 
ATOM   37   C CD1 . LEU A 1 27  ? 7.802   -17.665 -10.297 1.00 52.80 ? 27  LEU A CD1 1 
ATOM   38   C CD2 . LEU A 1 27  ? 7.104   -16.571 -8.181  1.00 50.37 ? 27  LEU A CD2 1 
ATOM   39   N N   . ALA A 1 28  ? 3.493   -20.522 -8.242  1.00 38.05 ? 28  ALA A N   1 
ATOM   40   C CA  . ALA A 1 28  ? 2.189   -21.113 -8.451  1.00 38.89 ? 28  ALA A CA  1 
ATOM   41   C C   . ALA A 1 28  ? 1.333   -20.938 -7.228  1.00 32.93 ? 28  ALA A C   1 
ATOM   42   O O   . ALA A 1 28  ? 0.129   -20.642 -7.331  1.00 34.19 ? 28  ALA A O   1 
ATOM   43   C CB  . ALA A 1 28  ? 2.328   -22.605 -8.779  1.00 36.82 ? 28  ALA A CB  1 
ATOM   44   N N   . ILE A 1 29  ? 1.904   -21.219 -6.060  1.00 28.20 ? 29  ILE A N   1 
ATOM   45   C CA  . ILE A 1 29  ? 1.112   -21.115 -4.854  1.00 26.21 ? 29  ILE A CA  1 
ATOM   46   C C   . ILE A 1 29  ? 0.714   -19.621 -4.689  1.00 25.84 ? 29  ILE A C   1 
ATOM   47   O O   . ILE A 1 29  ? -0.429  -19.298 -4.349  1.00 28.15 ? 29  ILE A O   1 
ATOM   48   C CB  . ILE A 1 29  ? 1.902   -21.566 -3.598  1.00 27.19 ? 29  ILE A CB  1 
ATOM   49   C CG1 . ILE A 1 29  ? 2.124   -23.093 -3.594  1.00 31.04 ? 29  ILE A CG1 1 
ATOM   50   C CG2 . ILE A 1 29  ? 1.187   -21.133 -2.331  1.00 26.51 ? 29  ILE A CG2 1 
ATOM   51   C CD1 . ILE A 1 29  ? 3.149   -23.556 -2.568  1.00 32.16 ? 29  ILE A CD1 1 
ATOM   52   N N   . LEU A 1 30  ? 1.672   -18.733 -4.858  1.00 27.12 ? 30  LEU A N   1 
ATOM   53   C CA  . LEU A 1 30  ? 1.336   -17.293 -4.701  1.00 30.36 ? 30  LEU A CA  1 
ATOM   54   C C   . LEU A 1 30  ? 0.259   -16.807 -5.678  1.00 28.75 ? 30  LEU A C   1 
ATOM   55   O O   . LEU A 1 30  ? -0.657  -16.088 -5.282  1.00 29.35 ? 30  LEU A O   1 
ATOM   56   C CB  . LEU A 1 30  ? 2.582   -16.437 -4.854  1.00 31.36 ? 30  LEU A CB  1 
ATOM   57   C CG  . LEU A 1 30  ? 3.651   -16.692 -3.778  1.00 30.95 ? 30  LEU A CG  1 
ATOM   58   C CD1 . LEU A 1 30  ? 5.020   -16.249 -4.284  1.00 35.35 ? 30  LEU A CD1 1 
ATOM   59   C CD2 . LEU A 1 30  ? 3.247   -16.018 -2.490  1.00 31.18 ? 30  LEU A CD2 1 
ATOM   60   N N   . ALA A 1 31  ? 0.352   -17.213 -6.937  1.00 30.29 ? 31  ALA A N   1 
ATOM   61   C CA  . ALA A 1 31  ? -0.651  -16.833 -7.963  1.00 32.43 ? 31  ALA A CA  1 
ATOM   62   C C   . ALA A 1 31  ? -2.017  -17.382 -7.657  1.00 36.18 ? 31  ALA A C   1 
ATOM   63   O O   . ALA A 1 31  ? -3.028  -16.667 -7.748  1.00 33.58 ? 31  ALA A O   1 
ATOM   64   C CB  . ALA A 1 31  ? -0.202  -17.290 -9.351  1.00 38.98 ? 31  ALA A CB  1 
ATOM   65   N N   . THR A 1 32  ? -2.056  -18.624 -7.175  1.00 33.13 ? 32  THR A N   1 
ATOM   66   C CA  . THR A 1 32  ? -3.289  -19.228 -6.746  1.00 30.47 ? 32  THR A CA  1 
ATOM   67   C C   . THR A 1 32  ? -3.873  -18.465 -5.582  1.00 31.24 ? 32  THR A C   1 
ATOM   68   O O   . THR A 1 32  ? -5.058  -18.186 -5.584  1.00 36.43 ? 32  THR A O   1 
ATOM   69   C CB  . THR A 1 32  ? -3.062  -20.713 -6.318  1.00 30.47 ? 32  THR A CB  1 
ATOM   70   O OG1 . THR A 1 32  ? -2.563  -21.457 -7.429  1.00 33.98 ? 32  THR A OG1 1 
ATOM   71   C CG2 . THR A 1 32  ? -4.313  -21.354 -5.852  1.00 32.90 ? 32  THR A CG2 1 
ATOM   72   N N   . ALA A 1 33  ? -3.060  -18.114 -4.584  1.00 27.54 ? 33  ALA A N   1 
ATOM   73   C CA  . ALA A 1 33  ? -3.581  -17.389 -3.445  1.00 29.51 ? 33  ALA A CA  1 
ATOM   74   C C   . ALA A 1 33  ? -4.171  -16.021 -3.875  1.00 26.42 ? 33  ALA A C   1 
ATOM   75   O O   . ALA A 1 33  ? -5.276  -15.654 -3.433  1.00 28.71 ? 33  ALA A O   1 
ATOM   76   C CB  . ALA A 1 33  ? -2.510  -17.207 -2.374  1.00 27.81 ? 33  ALA A CB  1 
ATOM   77   N N   . GLU A 1 34  ? -3.449  -15.321 -4.756  1.00 29.74 ? 34  GLU A N   1 
ATOM   78   C CA  . GLU A 1 34  ? -3.893  -14.031 -5.225  1.00 33.14 ? 34  GLU A CA  1 
ATOM   79   C C   . GLU A 1 34  ? -5.212  -14.188 -5.986  1.00 35.48 ? 34  GLU A C   1 
ATOM   80   O O   . GLU A 1 34  ? -6.156  -13.445 -5.726  1.00 34.74 ? 34  GLU A O   1 
ATOM   81   C CB  . GLU A 1 34  ? -2.836  -13.322 -6.067  1.00 34.75 ? 34  GLU A CB  1 
ATOM   82   C CG  . GLU A 1 34  ? -3.184  -11.832 -6.229  1.00 41.97 ? 34  GLU A CG  1 
ATOM   83   C CD  . GLU A 1 34  ? -2.012  -10.945 -6.664  1.00 51.21 ? 34  GLU A CD  1 
ATOM   84   O OE1 . GLU A 1 34  ? -1.029  -11.498 -7.204  1.00 46.63 ? 34  GLU A OE1 1 
ATOM   85   O OE2 . GLU A 1 34  ? -2.085  -9.690  -6.493  1.00 45.30 ? 34  GLU A OE2 1 
ATOM   86   N N   . ASN A 1 35  ? -5.315  -15.206 -6.834  1.00 35.79 ? 35  ASN A N   1 
ATOM   87   C CA  A ASN A 1 35  ? -6.538  -15.409 -7.610  0.50 38.24 ? 35  ASN A CA  1 
ATOM   88   C CA  B ASN A 1 35  ? -6.540  -15.414 -7.603  0.50 37.77 ? 35  ASN A CA  1 
ATOM   89   C C   . ASN A 1 35  ? -7.711  -15.769 -6.706  1.00 37.91 ? 35  ASN A C   1 
ATOM   90   O O   . ASN A 1 35  ? -8.820  -15.306 -6.915  1.00 43.97 ? 35  ASN A O   1 
ATOM   91   C CB  A ASN A 1 35  ? -6.330  -16.448 -8.710  0.50 43.51 ? 35  ASN A CB  1 
ATOM   92   C CB  B ASN A 1 35  ? -6.363  -16.482 -8.665  0.50 42.19 ? 35  ASN A CB  1 
ATOM   93   C CG  A ASN A 1 35  ? -5.437  -15.937 -9.831  0.50 44.34 ? 35  ASN A CG  1 
ATOM   94   C CG  B ASN A 1 35  ? -7.503  -16.490 -9.656  0.50 42.02 ? 35  ASN A CG  1 
ATOM   95   O OD1 A ASN A 1 35  ? -5.097  -14.754 -9.874  0.50 52.55 ? 35  ASN A OD1 1 
ATOM   96   O OD1 B ASN A 1 35  ? -7.625  -15.584 -10.477 0.50 48.46 ? 35  ASN A OD1 1 
ATOM   97   N ND2 A ASN A 1 35  ? -5.068  -16.817 -10.747 0.50 42.76 ? 35  ASN A ND2 1 
ATOM   98   N ND2 B ASN A 1 35  ? -8.377  -17.471 -9.539  0.50 40.02 ? 35  ASN A ND2 1 
ATOM   99   N N   . LEU A 1 36  ? -7.471  -16.568 -5.671  1.00 35.26 ? 36  LEU A N   1 
ATOM   100  C CA  . LEU A 1 36  ? -8.566  -16.960 -4.806  1.00 34.31 ? 36  LEU A CA  1 
ATOM   101  C C   . LEU A 1 36  ? -9.009  -15.828 -3.934  1.00 34.60 ? 36  LEU A C   1 
ATOM   102  O O   . LEU A 1 36  ? -10.187 -15.719 -3.648  1.00 38.20 ? 36  LEU A O   1 
ATOM   103  C CB  . LEU A 1 36  ? -8.224  -18.184 -3.966  1.00 36.71 ? 36  LEU A CB  1 
ATOM   104  C CG  . LEU A 1 36  ? -7.974  -19.464 -4.777  1.00 37.61 ? 36  LEU A CG  1 
ATOM   105  C CD1 . LEU A 1 36  ? -7.626  -20.637 -3.875  1.00 38.97 ? 36  LEU A CD1 1 
ATOM   106  C CD2 . LEU A 1 36  ? -9.162  -19.829 -5.645  1.00 41.60 ? 36  LEU A CD2 1 
ATOM   107  N N   . LEU A 1 37  ? -8.064  -15.008 -3.472  1.00 32.87 ? 37  LEU A N   1 
ATOM   108  C CA  . LEU A 1 37  ? -8.385  -13.870 -2.603  1.00 33.50 ? 37  LEU A CA  1 
ATOM   109  C C   . LEU A 1 37  ? -9.258  -12.846 -3.322  1.00 31.94 ? 37  LEU A C   1 
ATOM   110  O O   . LEU A 1 37  ? -9.979  -12.117 -2.679  1.00 38.96 ? 37  LEU A O   1 
ATOM   111  C CB  . LEU A 1 37  ? -7.127  -13.218 -2.050  1.00 30.50 ? 37  LEU A CB  1 
ATOM   112  C CG  . LEU A 1 37  ? -6.484  -13.943 -0.855  1.00 30.55 ? 37  LEU A CG  1 
ATOM   113  C CD1 . LEU A 1 37  ? -5.061  -13.428 -0.685  1.00 31.79 ? 37  LEU A CD1 1 
ATOM   114  C CD2 . LEU A 1 37  ? -7.270  -13.830 0.449   1.00 33.86 ? 37  LEU A CD2 1 
ATOM   115  N N   . GLU A 1 38  ? -9.240  -12.851 -4.633  1.00 35.39 ? 38  GLU A N   1 
ATOM   116  C CA  . GLU A 1 38  ? -10.224 -12.095 -5.413  1.00 43.67 ? 38  GLU A CA  1 
ATOM   117  C C   . GLU A 1 38  ? -11.677 -12.505 -5.162  1.00 50.46 ? 38  GLU A C   1 
ATOM   118  O O   . GLU A 1 38  ? -12.544 -11.665 -5.205  1.00 52.99 ? 38  GLU A O   1 
ATOM   119  C CB  . GLU A 1 38  ? -9.880  -12.105 -6.888  1.00 46.02 ? 38  GLU A CB  1 
ATOM   120  C CG  . GLU A 1 38  ? -8.638  -11.271 -7.158  1.00 55.48 ? 38  GLU A CG  1 
ATOM   121  C CD  . GLU A 1 38  ? -7.975  -11.528 -8.498  1.00 69.79 ? 38  GLU A CD  1 
ATOM   122  O OE1 . GLU A 1 38  ? -7.164  -10.670 -8.913  1.00 74.20 ? 38  GLU A OE1 1 
ATOM   123  O OE2 . GLU A 1 38  ? -8.222  -12.579 -9.129  1.00 79.01 ? 38  GLU A OE2 1 
ATOM   124  N N   . ASP A 1 39  ? -11.928 -13.753 -4.777  1.00 58.55 ? 39  ASP A N   1 
ATOM   125  C CA  . ASP A 1 39  ? -13.290 -14.237 -4.614  1.00 58.79 ? 39  ASP A CA  1 
ATOM   126  C C   . ASP A 1 39  ? -13.730 -14.478 -3.179  1.00 59.15 ? 39  ASP A C   1 
ATOM   127  O O   . ASP A 1 39  ? -14.905 -14.331 -2.886  1.00 55.96 ? 39  ASP A O   1 
ATOM   128  C CB  . ASP A 1 39  ? -13.448 -15.479 -5.454  1.00 63.75 ? 39  ASP A CB  1 
ATOM   129  C CG  . ASP A 1 39  ? -12.900 -15.277 -6.857  1.00 76.66 ? 39  ASP A CG  1 
ATOM   130  O OD1 . ASP A 1 39  ? -13.370 -14.336 -7.538  1.00 71.14 ? 39  ASP A OD1 1 
ATOM   131  O OD2 . ASP A 1 39  ? -11.963 -16.006 -7.260  1.00 84.07 ? 39  ASP A OD2 1 
ATOM   132  N N   . ARG A 1 40  ? -12.803 -14.825 -2.288  1.00 53.14 ? 40  ARG A N   1 
ATOM   133  C CA  . ARG A 1 40  ? -13.124 -15.117 -0.887  1.00 50.69 ? 40  ARG A CA  1 
ATOM   134  C C   . ARG A 1 40  ? -12.102 -14.486 0.024   1.00 53.89 ? 40  ARG A C   1 
ATOM   135  O O   . ARG A 1 40  ? -10.987 -14.225 -0.414  1.00 62.19 ? 40  ARG A O   1 
ATOM   136  C CB  . ARG A 1 40  ? -13.035 -16.610 -0.621  1.00 58.11 ? 40  ARG A CB  1 
ATOM   137  C CG  . ARG A 1 40  ? -13.054 -17.501 -1.854  1.00 64.10 ? 40  ARG A CG  1 
ATOM   138  C CD  . ARG A 1 40  ? -13.758 -18.802 -1.512  1.00 69.87 ? 40  ARG A CD  1 
ATOM   139  N NE  . ARG A 1 40  ? -12.830 -19.898 -1.310  1.00 64.77 ? 40  ARG A NE  1 
ATOM   140  C CZ  . ARG A 1 40  ? -12.199 -20.528 -2.293  1.00 66.76 ? 40  ARG A CZ  1 
ATOM   141  N NH1 . ARG A 1 40  ? -12.335 -20.130 -3.555  1.00 69.36 ? 40  ARG A NH1 1 
ATOM   142  N NH2 . ARG A 1 40  ? -11.384 -21.539 -2.007  1.00 66.60 ? 40  ARG A NH2 1 
ATOM   143  N N   . PRO A 1 41  ? -12.433 -14.320 1.317   1.00 49.19 ? 41  PRO A N   1 
ATOM   144  C CA  . PRO A 1 41  ? -11.412 -13.970 2.317   1.00 47.10 ? 41  PRO A CA  1 
ATOM   145  C C   . PRO A 1 41  ? -10.521 -15.177 2.673   1.00 47.49 ? 41  PRO A C   1 
ATOM   146  O O   . PRO A 1 41  ? -10.851 -16.315 2.296   1.00 46.80 ? 41  PRO A O   1 
ATOM   147  C CB  . PRO A 1 41  ? -12.227 -13.535 3.541   1.00 49.08 ? 41  PRO A CB  1 
ATOM   148  C CG  . PRO A 1 41  ? -13.585 -14.138 3.353   1.00 54.35 ? 41  PRO A CG  1 
ATOM   149  C CD  . PRO A 1 41  ? -13.778 -14.469 1.900   1.00 53.15 ? 41  PRO A CD  1 
ATOM   150  N N   . LEU A 1 42  ? -9.425  -14.913 3.396   1.00 46.96 ? 42  LEU A N   1 
ATOM   151  C CA  . LEU A 1 42  ? -8.412  -15.934 3.701   1.00 48.37 ? 42  LEU A CA  1 
ATOM   152  C C   . LEU A 1 42  ? -8.954  -17.008 4.635   1.00 53.75 ? 42  LEU A C   1 
ATOM   153  O O   . LEU A 1 42  ? -8.477  -18.156 4.633   1.00 51.94 ? 42  LEU A O   1 
ATOM   154  C CB  . LEU A 1 42  ? -7.145  -15.320 4.311   1.00 48.48 ? 42  LEU A CB  1 
ATOM   155  C CG  . LEU A 1 42  ? -5.937  -16.281 4.269   1.00 49.04 ? 42  LEU A CG  1 
ATOM   156  C CD1 . LEU A 1 42  ? -5.645  -16.756 2.848   1.00 48.45 ? 42  LEU A CD1 1 
ATOM   157  C CD2 . LEU A 1 42  ? -4.671  -15.702 4.877   1.00 51.67 ? 42  LEU A CD2 1 
ATOM   158  N N   . ALA A 1 43  ? -9.921  -16.622 5.451   1.00 54.38 ? 43  ALA A N   1 
ATOM   159  C CA  . ALA A 1 43  ? -10.709 -17.571 6.219   1.00 53.60 ? 43  ALA A CA  1 
ATOM   160  C C   . ALA A 1 43  ? -11.344 -18.650 5.333   1.00 56.39 ? 43  ALA A C   1 
ATOM   161  O O   . ALA A 1 43  ? -11.229 -19.838 5.629   1.00 63.72 ? 43  ALA A O   1 
ATOM   162  C CB  . ALA A 1 43  ? -11.770 -16.830 7.000   1.00 53.46 ? 43  ALA A CB  1 
ATOM   163  N N   . ASP A 1 44  ? -11.944 -18.265 4.213   1.00 57.00 ? 44  ASP A N   1 
ATOM   164  C CA  . ASP A 1 44  ? -12.643 -19.242 3.353   1.00 52.81 ? 44  ASP A CA  1 
ATOM   165  C C   . ASP A 1 44  ? -11.722 -19.972 2.374   1.00 48.69 ? 44  ASP A C   1 
ATOM   166  O O   . ASP A 1 44  ? -12.192 -20.665 1.486   1.00 44.03 ? 44  ASP A O   1 
ATOM   167  C CB  . ASP A 1 44  ? -13.781 -18.556 2.582   1.00 55.96 ? 44  ASP A CB  1 
ATOM   168  C CG  . ASP A 1 44  ? -14.872 -18.035 3.500   1.00 62.74 ? 44  ASP A CG  1 
ATOM   169  O OD1 . ASP A 1 44  ? -14.884 -18.419 4.692   1.00 67.55 ? 44  ASP A OD1 1 
ATOM   170  O OD2 . ASP A 1 44  ? -15.720 -17.245 3.039   1.00 62.39 ? 44  ASP A OD2 1 
ATOM   171  N N   . ILE A 1 45  ? -10.418 -19.776 2.498   1.00 44.62 ? 45  ILE A N   1 
ATOM   172  C CA  . ILE A 1 45  ? -9.459  -20.472 1.664   1.00 44.22 ? 45  ILE A CA  1 
ATOM   173  C C   . ILE A 1 45  ? -8.652  -21.388 2.571   1.00 41.92 ? 45  ILE A C   1 
ATOM   174  O O   . ILE A 1 45  ? -8.205  -20.989 3.647   1.00 46.32 ? 45  ILE A O   1 
ATOM   175  C CB  . ILE A 1 45  ? -8.510  -19.491 0.953   1.00 47.24 ? 45  ILE A CB  1 
ATOM   176  C CG1 . ILE A 1 45  ? -9.310  -18.527 0.051   1.00 49.60 ? 45  ILE A CG1 1 
ATOM   177  C CG2 . ILE A 1 45  ? -7.472  -20.260 0.114   1.00 49.42 ? 45  ILE A CG2 1 
ATOM   178  C CD1 . ILE A 1 45  ? -8.521  -17.336 -0.450  1.00 49.02 ? 45  ILE A CD1 1 
ATOM   179  N N   . SER A 1 46  ? -8.504  -22.633 2.160   1.00 48.71 ? 46  SER A N   1 
ATOM   180  C CA  . SER A 1 46  ? -7.761  -23.628 2.949   1.00 49.78 ? 46  SER A CA  1 
ATOM   181  C C   . SER A 1 46  ? -6.448  -23.954 2.265   1.00 47.63 ? 46  SER A C   1 
ATOM   182  O O   . SER A 1 46  ? -6.266  -23.695 1.056   1.00 38.20 ? 46  SER A O   1 
ATOM   183  C CB  . SER A 1 46  ? -8.575  -24.913 3.064   1.00 49.06 ? 46  SER A CB  1 
ATOM   184  O OG  . SER A 1 46  ? -8.880  -25.367 1.754   1.00 55.78 ? 46  SER A OG  1 
ATOM   185  N N   . VAL A 1 47  ? -5.557  -24.594 3.021   1.00 45.49 ? 47  VAL A N   1 
ATOM   186  C CA  . VAL A 1 47  ? -4.300  -25.067 2.451   1.00 41.34 ? 47  VAL A CA  1 
ATOM   187  C C   . VAL A 1 47  ? -4.551  -26.016 1.276   1.00 38.94 ? 47  VAL A C   1 
ATOM   188  O O   . VAL A 1 47  ? -3.826  -25.998 0.273   1.00 37.42 ? 47  VAL A O   1 
ATOM   189  C CB  . VAL A 1 47  ? -3.402  -25.697 3.527   1.00 41.05 ? 47  VAL A CB  1 
ATOM   190  C CG1 . VAL A 1 47  ? -2.187  -26.353 2.899   1.00 42.09 ? 47  VAL A CG1 1 
ATOM   191  C CG2 . VAL A 1 47  ? -2.937  -24.602 4.490   1.00 44.58 ? 47  VAL A CG2 1 
ATOM   192  N N   . ASP A 1 48  ? -5.638  -26.776 1.355   1.00 44.73 ? 48  ASP A N   1 
ATOM   193  C CA  . ASP A 1 48  ? -5.990  -27.701 0.292   1.00 47.60 ? 48  ASP A CA  1 
ATOM   194  C C   . ASP A 1 48  ? -6.363  -26.983 -0.987  1.00 41.79 ? 48  ASP A C   1 
ATOM   195  O O   . ASP A 1 48  ? -5.955  -27.402 -2.046  1.00 37.04 ? 48  ASP A O   1 
ATOM   196  C CB  . ASP A 1 48  ? -7.116  -28.635 0.747   1.00 56.72 ? 48  ASP A CB  1 
ATOM   197  C CG  . ASP A 1 48  ? -6.829  -29.264 2.094   1.00 68.07 ? 48  ASP A CG  1 
ATOM   198  O OD1 . ASP A 1 48  ? -6.206  -30.353 2.120   1.00 52.71 ? 48  ASP A OD1 1 
ATOM   199  O OD2 . ASP A 1 48  ? -7.128  -28.600 3.128   1.00 75.05 ? 48  ASP A OD2 1 
ATOM   200  N N   . ASP A 1 49  ? -7.101  -25.872 -0.881  1.00 43.56 ? 49  ASP A N   1 
ATOM   201  C CA  . ASP A 1 49  ? -7.411  -25.052 -2.085  1.00 41.98 ? 49  ASP A CA  1 
ATOM   202  C C   . ASP A 1 49  ? -6.139  -24.514 -2.733  1.00 36.03 ? 49  ASP A C   1 
ATOM   203  O O   . ASP A 1 49  ? -6.008  -24.508 -3.949  1.00 40.00 ? 49  ASP A O   1 
ATOM   204  C CB  . ASP A 1 49  ? -8.285  -23.839 -1.758  1.00 44.94 ? 49  ASP A CB  1 
ATOM   205  C CG  . ASP A 1 49  ? -9.580  -24.192 -1.081  1.00 52.66 ? 49  ASP A CG  1 
ATOM   206  O OD1 . ASP A 1 49  ? -10.177 -25.225 -1.455  1.00 50.45 ? 49  ASP A OD1 1 
ATOM   207  O OD2 . ASP A 1 49  ? -10.010 -23.393 -0.188  1.00 49.78 ? 49  ASP A OD2 1 
ATOM   208  N N   . LEU A 1 50  ? -5.175  -24.092 -1.919  1.00 31.96 ? 50  LEU A N   1 
ATOM   209  C CA  . LEU A 1 50  ? -3.930  -23.576 -2.458  1.00 31.49 ? 50  LEU A CA  1 
ATOM   210  C C   . LEU A 1 50  ? -3.057  -24.610 -3.147  1.00 33.07 ? 50  LEU A C   1 
ATOM   211  O O   . LEU A 1 50  ? -2.442  -24.331 -4.181  1.00 30.89 ? 50  LEU A O   1 
ATOM   212  C CB  . LEU A 1 50  ? -3.104  -22.897 -1.365  1.00 33.86 ? 50  LEU A CB  1 
ATOM   213  C CG  . LEU A 1 50  ? -3.781  -21.645 -0.801  1.00 38.24 ? 50  LEU A CG  1 
ATOM   214  C CD1 . LEU A 1 50  ? -3.080  -21.226 0.471   1.00 40.47 ? 50  LEU A CD1 1 
ATOM   215  C CD2 . LEU A 1 50  ? -3.793  -20.498 -1.825  1.00 39.42 ? 50  LEU A CD2 1 
ATOM   216  N N   . ALA A 1 51  ? -2.933  -25.778 -2.518  1.00 32.31 ? 51  ALA A N   1 
ATOM   217  C CA  . ALA A 1 51  ? -2.196  -26.893 -3.120  1.00 37.54 ? 51  ALA A CA  1 
ATOM   218  C C   . ALA A 1 51  ? -2.822  -27.303 -4.427  1.00 32.42 ? 51  ALA A C   1 
ATOM   219  O O   . ALA A 1 51  ? -2.125  -27.439 -5.447  1.00 28.95 ? 51  ALA A O   1 
ATOM   220  C CB  . ALA A 1 51  ? -2.171  -28.085 -2.163  1.00 39.36 ? 51  ALA A CB  1 
ATOM   221  N N   . LYS A 1 52  ? -4.137  -27.463 -4.381  1.00 36.92 ? 52  LYS A N   1 
ATOM   222  C CA  . LYS A 1 52  ? -4.938  -27.849 -5.562  1.00 47.12 ? 52  LYS A CA  1 
ATOM   223  C C   . LYS A 1 52  ? -4.623  -26.869 -6.708  1.00 45.05 ? 52  LYS A C   1 
ATOM   224  O O   . LYS A 1 52  ? -4.072  -27.275 -7.718  1.00 44.62 ? 52  LYS A O   1 
ATOM   225  C CB  . LYS A 1 52  ? -6.441  -27.873 -5.194  1.00 55.51 ? 52  LYS A CB  1 
ATOM   226  C CG  . LYS A 1 52  ? -7.416  -28.673 -6.069  1.00 64.22 ? 52  LYS A CG  1 
ATOM   227  C CD  . LYS A 1 52  ? -7.074  -28.723 -7.564  1.00 77.74 ? 52  LYS A CD  1 
ATOM   228  C CE  . LYS A 1 52  ? -7.240  -27.377 -8.282  1.00 89.38 ? 52  LYS A CE  1 
ATOM   229  N NZ  . LYS A 1 52  ? -8.405  -27.320 -9.212  1.00 90.71 ? 52  LYS A NZ  1 
ATOM   230  N N   . GLY A 1 53  ? -4.836  -25.565 -6.520  1.00 45.50 ? 53  GLY A N   1 
ATOM   231  C CA  . GLY A 1 53  ? -4.550  -24.619 -7.611  1.00 37.61 ? 53  GLY A CA  1 
ATOM   232  C C   . GLY A 1 53  ? -3.113  -24.622 -8.081  1.00 37.51 ? 53  GLY A C   1 
ATOM   233  O O   . GLY A 1 53  ? -2.845  -24.388 -9.247  1.00 40.44 ? 53  GLY A O   1 
ATOM   234  N N   . ALA A 1 54  ? -2.153  -24.870 -7.199  1.00 36.07 ? 54  ALA A N   1 
ATOM   235  C CA  . ALA A 1 54  ? -0.727  -24.883 -7.625  1.00 35.12 ? 54  ALA A CA  1 
ATOM   236  C C   . ALA A 1 54  ? -0.253  -26.247 -8.212  1.00 34.91 ? 54  ALA A C   1 
ATOM   237  O O   . ALA A 1 54  ? 0.892   -26.393 -8.669  1.00 37.54 ? 54  ALA A O   1 
ATOM   238  C CB  . ALA A 1 54  ? 0.156   -24.498 -6.451  1.00 36.93 ? 54  ALA A CB  1 
ATOM   239  N N   . GLY A 1 55  ? -1.139  -27.235 -8.197  1.00 38.05 ? 55  GLY A N   1 
ATOM   240  C CA  . GLY A 1 55  ? -0.844  -28.533 -8.828  1.00 36.82 ? 55  GLY A CA  1 
ATOM   241  C C   . GLY A 1 55  ? 0.119   -29.330 -7.980  1.00 33.88 ? 55  GLY A C   1 
ATOM   242  O O   . GLY A 1 55  ? 0.999   -29.976 -8.518  1.00 39.78 ? 55  GLY A O   1 
ATOM   243  N N   . ILE A 1 56  ? -0.013  -29.216 -6.657  1.00 31.10 ? 56  ILE A N   1 
ATOM   244  C CA  . ILE A 1 56  ? 0.872   -29.917 -5.721  1.00 30.77 ? 56  ILE A CA  1 
ATOM   245  C C   . ILE A 1 56  ? 0.037   -30.570 -4.670  1.00 28.57 ? 56  ILE A C   1 
ATOM   246  O O   . ILE A 1 56  ? -1.146  -30.229 -4.487  1.00 30.65 ? 56  ILE A O   1 
ATOM   247  C CB  . ILE A 1 56  ? 1.899   -28.967 -5.038  1.00 31.42 ? 56  ILE A CB  1 
ATOM   248  C CG1 . ILE A 1 56  ? 1.204   -27.895 -4.184  1.00 32.95 ? 56  ILE A CG1 1 
ATOM   249  C CG2 . ILE A 1 56  ? 2.806   -28.325 -6.063  1.00 35.29 ? 56  ILE A CG2 1 
ATOM   250  C CD1 . ILE A 1 56  ? 2.170   -26.901 -3.562  1.00 34.65 ? 56  ILE A CD1 1 
ATOM   251  N N   . SER A 1 57  ? 0.667   -31.421 -3.868  1.00 29.72 ? 57  SER A N   1 
ATOM   252  C CA  . SER A 1 57  ? -0.004  -31.996 -2.729  1.00 27.06 ? 57  SER A CA  1 
ATOM   253  C C   . SER A 1 57  ? 0.041   -31.064 -1.528  1.00 27.90 ? 57  SER A C   1 
ATOM   254  O O   . SER A 1 57  ? 0.848   -30.154 -1.448  1.00 26.19 ? 57  SER A O   1 
ATOM   255  C CB  . SER A 1 57  ? 0.665   -33.321 -2.364  1.00 27.79 ? 57  SER A CB  1 
ATOM   256  O OG  . SER A 1 57  ? 1.902   -33.033 -1.746  1.00 23.79 ? 57  SER A OG  1 
ATOM   257  N N   . ARG A 1 58  ? -0.803  -31.353 -0.556  1.00 28.43 ? 58  ARG A N   1 
ATOM   258  C CA  . ARG A 1 58  ? -0.764  -30.679 0.743   1.00 29.71 ? 58  ARG A CA  1 
ATOM   259  C C   . ARG A 1 58  ? 0.583   -30.733 1.489   1.00 32.39 ? 58  ARG A C   1 
ATOM   260  O O   . ARG A 1 58  ? 1.097   -29.690 1.887   1.00 26.48 ? 58  ARG A O   1 
ATOM   261  C CB  . ARG A 1 58  ? -1.942  -31.154 1.604   1.00 36.45 ? 58  ARG A CB  1 
ATOM   262  C CG  . ARG A 1 58  ? -1.937  -30.777 3.080   1.00 44.92 ? 58  ARG A CG  1 
ATOM   263  C CD  . ARG A 1 58  ? -3.161  -31.381 3.807   1.00 51.22 ? 58  ARG A CD  1 
ATOM   264  N NE  . ARG A 1 58  ? -3.333  -30.766 5.120   1.00 65.96 ? 58  ARG A NE  1 
ATOM   265  C CZ  . ARG A 1 58  ? -4.051  -29.665 5.384   1.00 67.35 ? 58  ARG A CZ  1 
ATOM   266  N NH1 . ARG A 1 58  ? -4.753  -29.064 4.431   1.00 79.05 ? 58  ARG A NH1 1 
ATOM   267  N NH2 . ARG A 1 58  ? -4.095  -29.173 6.621   1.00 58.86 ? 58  ARG A NH2 1 
ATOM   268  N N   . PRO A 1 59  ? 1.197   -31.929 1.678   1.00 26.91 ? 59  PRO A N   1 
ATOM   269  C CA  . PRO A 1 59  ? 2.491   -31.869 2.353   1.00 25.88 ? 59  PRO A CA  1 
ATOM   270  C C   . PRO A 1 59  ? 3.557   -31.104 1.536   1.00 23.68 ? 59  PRO A C   1 
ATOM   271  O O   . PRO A 1 59  ? 4.487   -30.521 2.117   1.00 26.84 ? 59  PRO A O   1 
ATOM   272  C CB  . PRO A 1 59  ? 2.896   -33.364 2.528   1.00 25.15 ? 59  PRO A CB  1 
ATOM   273  C CG  . PRO A 1 59  ? 2.020   -34.095 1.580   1.00 28.40 ? 59  PRO A CG  1 
ATOM   274  C CD  . PRO A 1 59  ? 0.751   -33.300 1.398   1.00 29.06 ? 59  PRO A CD  1 
ATOM   275  N N   . THR A 1 60  ? 3.453   -31.127 0.208   1.00 24.57 ? 60  THR A N   1 
ATOM   276  C CA  . THR A 1 60  ? 4.405   -30.360 -0.613  1.00 27.03 ? 60  THR A CA  1 
ATOM   277  C C   . THR A 1 60  ? 4.206   -28.843 -0.396  1.00 25.95 ? 60  THR A C   1 
ATOM   278  O O   . THR A 1 60  ? 5.168   -28.109 -0.226  1.00 27.73 ? 60  THR A O   1 
ATOM   279  C CB  . THR A 1 60  ? 4.296   -30.747 -2.111  1.00 31.06 ? 60  THR A CB  1 
ATOM   280  O OG1 . THR A 1 60  ? 4.769   -32.089 -2.299  1.00 26.75 ? 60  THR A OG1 1 
ATOM   281  C CG2 . THR A 1 60  ? 5.118   -29.811 -2.973  1.00 27.83 ? 60  THR A CG2 1 
ATOM   282  N N   . PHE A 1 61  ? 2.954   -28.406 -0.292  1.00 25.74 ? 61  PHE A N   1 
ATOM   283  C CA  . PHE A 1 61  ? 2.653   -27.003 0.114   1.00 25.81 ? 61  PHE A CA  1 
ATOM   284  C C   . PHE A 1 61  ? 3.439   -26.599 1.386   1.00 31.19 ? 61  PHE A C   1 
ATOM   285  O O   . PHE A 1 61  ? 4.176   -25.608 1.366   1.00 29.32 ? 61  PHE A O   1 
ATOM   286  C CB  . PHE A 1 61  ? 1.167   -26.794 0.323   1.00 26.95 ? 61  PHE A CB  1 
ATOM   287  C CG  . PHE A 1 61  ? 0.833   -25.447 0.929   1.00 27.07 ? 61  PHE A CG  1 
ATOM   288  C CD1 . PHE A 1 61  ? 0.868   -25.257 2.314   1.00 30.23 ? 61  PHE A CD1 1 
ATOM   289  C CD2 . PHE A 1 61  ? 0.629   -24.351 0.122   1.00 27.49 ? 61  PHE A CD2 1 
ATOM   290  C CE1 . PHE A 1 61  ? 0.651   -24.001 2.883   1.00 31.59 ? 61  PHE A CE1 1 
ATOM   291  C CE2 . PHE A 1 61  ? 0.383   -23.106 0.684   1.00 26.12 ? 61  PHE A CE2 1 
ATOM   292  C CZ  . PHE A 1 61  ? 0.350   -22.939 2.044   1.00 29.31 ? 61  PHE A CZ  1 
ATOM   293  N N   . TYR A 1 62  ? 3.336   -27.420 2.445   1.00 31.53 ? 62  TYR A N   1 
ATOM   294  C CA  . TYR A 1 62  ? 4.031   -27.156 3.701   1.00 29.97 ? 62  TYR A CA  1 
ATOM   295  C C   . TYR A 1 62  ? 5.515   -27.145 3.600   1.00 29.33 ? 62  TYR A C   1 
ATOM   296  O O   . TYR A 1 62  ? 6.156   -26.547 4.417   1.00 35.90 ? 62  TYR A O   1 
ATOM   297  C CB  . TYR A 1 62  ? 3.598   -28.076 4.805   1.00 30.53 ? 62  TYR A CB  1 
ATOM   298  C CG  . TYR A 1 62  ? 2.237   -27.830 5.278   1.00 33.86 ? 62  TYR A CG  1 
ATOM   299  C CD1 . TYR A 1 62  ? 1.894   -26.612 5.876   1.00 35.44 ? 62  TYR A CD1 1 
ATOM   300  C CD2 . TYR A 1 62  ? 1.274   -28.786 5.161   1.00 36.26 ? 62  TYR A CD2 1 
ATOM   301  C CE1 . TYR A 1 62  ? 0.614   -26.380 6.333   1.00 39.05 ? 62  TYR A CE1 1 
ATOM   302  C CE2 . TYR A 1 62  ? -0.007  -28.556 5.606   1.00 44.37 ? 62  TYR A CE2 1 
ATOM   303  C CZ  . TYR A 1 62  ? -0.327  -27.356 6.200   1.00 41.35 ? 62  TYR A CZ  1 
ATOM   304  O OH  . TYR A 1 62  ? -1.609  -27.145 6.617   1.00 48.07 ? 62  TYR A OH  1 
ATOM   305  N N   . PHE A 1 63  ? 6.092   -27.709 2.554   1.00 30.31 ? 63  PHE A N   1 
ATOM   306  C CA  . PHE A 1 63  ? 7.486   -27.445 2.295   1.00 33.25 ? 63  PHE A CA  1 
ATOM   307  C C   . PHE A 1 63  ? 7.800   -25.986 1.928   1.00 35.38 ? 63  PHE A C   1 
ATOM   308  O O   . PHE A 1 63  ? 8.858   -25.460 2.266   1.00 41.60 ? 63  PHE A O   1 
ATOM   309  C CB  . PHE A 1 63  ? 8.005   -28.340 1.183   1.00 31.31 ? 63  PHE A CB  1 
ATOM   310  C CG  . PHE A 1 63  ? 9.451   -28.202 0.962   1.00 33.34 ? 63  PHE A CG  1 
ATOM   311  C CD1 . PHE A 1 63  ? 10.351  -28.696 1.906   1.00 37.91 ? 63  PHE A CD1 1 
ATOM   312  C CD2 . PHE A 1 63  ? 9.938   -27.571 -0.166  1.00 35.28 ? 63  PHE A CD2 1 
ATOM   313  C CE1 . PHE A 1 63  ? 11.705  -28.525 1.719   1.00 39.06 ? 63  PHE A CE1 1 
ATOM   314  C CE2 . PHE A 1 63  ? 11.291  -27.414 -0.355  1.00 38.01 ? 63  PHE A CE2 1 
ATOM   315  C CZ  . PHE A 1 63  ? 12.170  -27.885 0.588   1.00 34.15 ? 63  PHE A CZ  1 
ATOM   316  N N   . TYR A 1 64  ? 6.950   -25.366 1.134   1.00 34.44 ? 64  TYR A N   1 
ATOM   317  C CA  . TYR A 1 64  ? 7.215   -23.979 0.696   1.00 34.45 ? 64  TYR A CA  1 
ATOM   318  C C   . TYR A 1 64  ? 6.757   -22.931 1.686   1.00 32.29 ? 64  TYR A C   1 
ATOM   319  O O   . TYR A 1 64  ? 7.357   -21.858 1.740   1.00 34.72 ? 64  TYR A O   1 
ATOM   320  C CB  . TYR A 1 64  ? 6.556   -23.717 -0.645  1.00 32.73 ? 64  TYR A CB  1 
ATOM   321  C CG  . TYR A 1 64  ? 7.194   -24.503 -1.702  1.00 35.56 ? 64  TYR A CG  1 
ATOM   322  C CD1 . TYR A 1 64  ? 8.379   -24.066 -2.262  1.00 36.71 ? 64  TYR A CD1 1 
ATOM   323  C CD2 . TYR A 1 64  ? 6.660   -25.728 -2.128  1.00 29.40 ? 64  TYR A CD2 1 
ATOM   324  C CE1 . TYR A 1 64  ? 9.000   -24.771 -3.260  1.00 37.99 ? 64  TYR A CE1 1 
ATOM   325  C CE2 . TYR A 1 64  ? 7.314   -26.465 -3.096  1.00 31.07 ? 64  TYR A CE2 1 
ATOM   326  C CZ  . TYR A 1 64  ? 8.485   -25.977 -3.642  1.00 38.04 ? 64  TYR A CZ  1 
ATOM   327  O OH  . TYR A 1 64  ? 9.154   -26.644 -4.612  1.00 35.33 ? 64  TYR A OH  1 
ATOM   328  N N   . PHE A 1 65  ? 5.642   -23.166 2.365   1.00 29.31 ? 65  PHE A N   1 
ATOM   329  C CA  . PHE A 1 65  ? 5.091   -22.212 3.291   1.00 32.48 ? 65  PHE A CA  1 
ATOM   330  C C   . PHE A 1 65  ? 4.579   -22.937 4.502   1.00 33.71 ? 65  PHE A C   1 
ATOM   331  O O   . PHE A 1 65  ? 3.993   -24.014 4.364   1.00 36.27 ? 65  PHE A O   1 
ATOM   332  C CB  . PHE A 1 65  ? 3.920   -21.422 2.666   1.00 30.71 ? 65  PHE A CB  1 
ATOM   333  C CG  . PHE A 1 65  ? 4.340   -20.580 1.533   1.00 33.66 ? 65  PHE A CG  1 
ATOM   334  C CD1 . PHE A 1 65  ? 4.830   -19.291 1.746   1.00 33.75 ? 65  PHE A CD1 1 
ATOM   335  C CD2 . PHE A 1 65  ? 4.235   -21.054 0.237   1.00 30.56 ? 65  PHE A CD2 1 
ATOM   336  C CE1 . PHE A 1 65  ? 5.232   -18.512 0.667   1.00 36.56 ? 65  PHE A CE1 1 
ATOM   337  C CE2 . PHE A 1 65  ? 4.629   -20.275 -0.838  1.00 33.62 ? 65  PHE A CE2 1 
ATOM   338  C CZ  . PHE A 1 65  ? 5.138   -19.009 -0.626  1.00 33.97 ? 65  PHE A CZ  1 
ATOM   339  N N   . PRO A 1 66  ? 4.786   -22.358 5.702   1.00 37.50 ? 66  PRO A N   1 
ATOM   340  C CA  . PRO A 1 66  ? 4.291   -23.044 6.909   1.00 35.27 ? 66  PRO A CA  1 
ATOM   341  C C   . PRO A 1 66  ? 2.810   -22.929 7.148   1.00 35.67 ? 66  PRO A C   1 
ATOM   342  O O   . PRO A 1 66  ? 2.292   -23.668 7.965   1.00 35.89 ? 66  PRO A O   1 
ATOM   343  C CB  . PRO A 1 66  ? 5.068   -22.364 8.045   1.00 38.51 ? 66  PRO A CB  1 
ATOM   344  C CG  . PRO A 1 66  ? 5.424   -21.010 7.496   1.00 39.49 ? 66  PRO A CG  1 
ATOM   345  C CD  . PRO A 1 66  ? 5.693   -21.235 6.041   1.00 38.27 ? 66  PRO A CD  1 
ATOM   346  N N   . SER A 1 67  ? 2.114   -22.047 6.427   1.00 30.69 ? 67  SER A N   1 
ATOM   347  C CA  . SER A 1 67  ? 0.681   -21.773 6.653   1.00 32.29 ? 67  SER A CA  1 
ATOM   348  C C   . SER A 1 67  ? 0.101   -20.863 5.554   1.00 31.12 ? 67  SER A C   1 
ATOM   349  O O   . SER A 1 67  ? 0.830   -20.240 4.791   1.00 34.97 ? 67  SER A O   1 
ATOM   350  C CB  . SER A 1 67  ? 0.459   -21.037 7.982   1.00 38.21 ? 67  SER A CB  1 
ATOM   351  O OG  . SER A 1 67  ? 1.060   -19.743 7.920   1.00 41.28 ? 67  SER A OG  1 
ATOM   352  N N   . LYS A 1 68  ? -1.209  -20.748 5.530   1.00 32.92 ? 68  LYS A N   1 
ATOM   353  C CA  . LYS A 1 68  ? -1.851  -19.872 4.544   1.00 37.75 ? 68  LYS A CA  1 
ATOM   354  C C   . LYS A 1 68  ? -1.587  -18.407 4.881   1.00 37.64 ? 68  LYS A C   1 
ATOM   355  O O   . LYS A 1 68  ? -1.480  -17.578 3.968   1.00 37.70 ? 68  LYS A O   1 
ATOM   356  C CB  . LYS A 1 68  ? -3.337  -20.167 4.401   1.00 37.58 ? 68  LYS A CB  1 
ATOM   357  C CG  . LYS A 1 68  ? -4.184  -19.799 5.585   1.00 40.24 ? 68  LYS A CG  1 
ATOM   358  C CD  . LYS A 1 68  ? -5.586  -20.352 5.367   1.00 44.93 ? 68  LYS A CD  1 
ATOM   359  C CE  . LYS A 1 68  ? -6.525  -19.936 6.492   1.00 49.48 ? 68  LYS A CE  1 
ATOM   360  N NZ  . LYS A 1 68  ? -7.892  -20.454 6.223   1.00 54.15 ? 68  LYS A NZ  1 
ATOM   361  N N   . GLU A 1 69  ? -1.325  -18.146 6.163   1.00 36.99 ? 69  GLU A N   1 
ATOM   362  C CA  . GLU A 1 69  ? -0.953  -16.817 6.636   1.00 39.18 ? 69  GLU A CA  1 
ATOM   363  C C   . GLU A 1 69  ? 0.386   -16.400 6.103   1.00 38.70 ? 69  GLU A C   1 
ATOM   364  O O   . GLU A 1 69  ? 0.580   -15.233 5.739   1.00 36.44 ? 69  GLU A O   1 
ATOM   365  C CB  . GLU A 1 69  ? -0.939  -16.771 8.167   1.00 42.97 ? 69  GLU A CB  1 
ATOM   366  C CG  . GLU A 1 69  ? -2.337  -16.886 8.766   1.00 49.98 ? 69  GLU A CG  1 
ATOM   367  C CD  . GLU A 1 69  ? -2.885  -18.312 8.869   1.00 60.79 ? 69  GLU A CD  1 
ATOM   368  O OE1 . GLU A 1 69  ? -2.149  -19.293 8.579   1.00 58.53 ? 69  GLU A OE1 1 
ATOM   369  O OE2 . GLU A 1 69  ? -4.079  -18.452 9.248   1.00 59.79 ? 69  GLU A OE2 1 
ATOM   370  N N   . ALA A 1 70  ? 1.323   -17.344 6.007   1.00 30.44 ? 70  ALA A N   1 
ATOM   371  C CA  . ALA A 1 70  ? 2.628   -17.040 5.447   1.00 28.95 ? 70  ALA A CA  1 
ATOM   372  C C   . ALA A 1 70  ? 2.525   -16.749 3.961   1.00 27.28 ? 70  ALA A C   1 
ATOM   373  O O   . ALA A 1 70  ? 3.351   -16.041 3.398   1.00 28.07 ? 70  ALA A O   1 
ATOM   374  C CB  . ALA A 1 70  ? 3.597   -18.185 5.678   1.00 29.91 ? 70  ALA A CB  1 
ATOM   375  N N   . VAL A 1 71  ? 1.543   -17.356 3.305   1.00 30.12 ? 71  VAL A N   1 
ATOM   376  C CA  . VAL A 1 71  ? 1.376   -17.104 1.884   1.00 27.62 ? 71  VAL A CA  1 
ATOM   377  C C   . VAL A 1 71  ? 0.943   -15.626 1.732   1.00 27.76 ? 71  VAL A C   1 
ATOM   378  O O   . VAL A 1 71  ? 1.557   -14.902 0.967   1.00 23.93 ? 71  VAL A O   1 
ATOM   379  C CB  . VAL A 1 71  ? 0.383   -18.058 1.234   1.00 29.15 ? 71  VAL A CB  1 
ATOM   380  C CG1 . VAL A 1 71  ? 0.152   -17.651 -0.220  1.00 30.30 ? 71  VAL A CG1 1 
ATOM   381  C CG2 . VAL A 1 71  ? 0.959   -19.470 1.306   1.00 27.96 ? 71  VAL A CG2 1 
ATOM   382  N N   . LEU A 1 72  ? -0.040  -15.207 2.517   1.00 26.74 ? 72  LEU A N   1 
ATOM   383  C CA  . LEU A 1 72  ? -0.468  -13.776 2.500   1.00 30.86 ? 72  LEU A CA  1 
ATOM   384  C C   . LEU A 1 72  ? 0.652   -12.794 2.778   1.00 30.14 ? 72  LEU A C   1 
ATOM   385  O O   . LEU A 1 72  ? 0.887   -11.820 2.020   1.00 32.89 ? 72  LEU A O   1 
ATOM   386  C CB  . LEU A 1 72  ? -1.593  -13.554 3.479   1.00 33.68 ? 72  LEU A CB  1 
ATOM   387  C CG  . LEU A 1 72  ? -2.122  -12.121 3.564   1.00 30.86 ? 72  LEU A CG  1 
ATOM   388  C CD1 . LEU A 1 72  ? -2.606  -11.642 2.197   1.00 30.65 ? 72  LEU A CD1 1 
ATOM   389  C CD2 . LEU A 1 72  ? -3.212  -12.128 4.607   1.00 32.82 ? 72  LEU A CD2 1 
ATOM   390  N N   . LEU A 1 73  ? 1.395   -13.100 3.837   1.00 32.11 ? 73  LEU A N   1 
ATOM   391  C CA  . LEU A 1 73  ? 2.534   -12.323 4.228   1.00 29.39 ? 73  LEU A CA  1 
ATOM   392  C C   . LEU A 1 73  ? 3.522   -12.156 3.139   1.00 29.31 ? 73  LEU A C   1 
ATOM   393  O O   . LEU A 1 73  ? 4.057   -11.074 2.976   1.00 30.39 ? 73  LEU A O   1 
ATOM   394  C CB  . LEU A 1 73  ? 3.197   -12.937 5.478   1.00 35.68 ? 73  LEU A CB  1 
ATOM   395  C CG  . LEU A 1 73  ? 4.418   -12.222 6.061   1.00 38.58 ? 73  LEU A CG  1 
ATOM   396  C CD1 . LEU A 1 73  ? 4.069   -10.789 6.472   1.00 39.96 ? 73  LEU A CD1 1 
ATOM   397  C CD2 . LEU A 1 73  ? 4.904   -13.022 7.268   1.00 40.40 ? 73  LEU A CD2 1 
ATOM   398  N N   . THR A 1 74  ? 3.813   -13.209 2.375   1.00 24.53 ? 74  THR A N   1 
ATOM   399  C CA  . THR A 1 74  ? 4.677   -13.057 1.213   1.00 24.62 ? 74  THR A CA  1 
ATOM   400  C C   . THR A 1 74  ? 4.084   -12.205 0.096   1.00 28.16 ? 74  THR A C   1 
ATOM   401  O O   . THR A 1 74  ? 4.783   -11.461 -0.586  1.00 26.26 ? 74  THR A O   1 
ATOM   402  C CB  . THR A 1 74  ? 5.043   -14.456 0.626   1.00 28.22 ? 74  THR A CB  1 
ATOM   403  O OG1 . THR A 1 74  ? 5.515   -15.262 1.689   1.00 33.08 ? 74  THR A OG1 1 
ATOM   404  C CG2 . THR A 1 74  ? 6.103   -14.349 -0.426  1.00 27.66 ? 74  THR A CG2 1 
ATOM   405  N N   . LEU A 1 75  ? 2.793   -12.396 -0.149  1.00 27.57 ? 75  LEU A N   1 
ATOM   406  C CA  . LEU A 1 75  ? 2.139   -11.622 -1.191  1.00 30.05 ? 75  LEU A CA  1 
ATOM   407  C C   . LEU A 1 75  ? 2.206   -10.130 -0.790  1.00 27.63 ? 75  LEU A C   1 
ATOM   408  O O   . LEU A 1 75  ? 2.522   -9.291  -1.595  1.00 27.75 ? 75  LEU A O   1 
ATOM   409  C CB  . LEU A 1 75  ? 0.680   -12.032 -1.339  1.00 29.78 ? 75  LEU A CB  1 
ATOM   410  C CG  . LEU A 1 75  ? 0.524   -13.332 -2.111  1.00 30.54 ? 75  LEU A CG  1 
ATOM   411  C CD1 . LEU A 1 75  ? -0.902  -13.823 -1.980  1.00 31.91 ? 75  LEU A CD1 1 
ATOM   412  C CD2 . LEU A 1 75  ? 0.967   -13.109 -3.549  1.00 28.89 ? 75  LEU A CD2 1 
ATOM   413  N N   . LEU A 1 76  ? 1.897   -9.854  0.456   1.00 28.96 ? 76  LEU A N   1 
ATOM   414  C CA  . LEU A 1 76  ? 1.846   -8.494  0.924   1.00 27.79 ? 76  LEU A CA  1 
ATOM   415  C C   . LEU A 1 76  ? 3.217   -7.864  0.914   1.00 27.61 ? 76  LEU A C   1 
ATOM   416  O O   . LEU A 1 76  ? 3.396   -6.710  0.510   1.00 28.52 ? 76  LEU A O   1 
ATOM   417  C CB  . LEU A 1 76  ? 1.241   -8.468  2.313   1.00 31.94 ? 76  LEU A CB  1 
ATOM   418  C CG  . LEU A 1 76  ? 1.125   -7.052  2.891   1.00 34.11 ? 76  LEU A CG  1 
ATOM   419  C CD1 . LEU A 1 76  ? 0.229   -6.211  1.988   1.00 36.30 ? 76  LEU A CD1 1 
ATOM   420  C CD2 . LEU A 1 76  ? 0.570   -7.098  4.300   1.00 36.47 ? 76  LEU A CD2 1 
ATOM   421  N N   . ASP A 1 77  ? 4.226   -8.624  1.316   1.00 29.41 ? 77  ASP A N   1 
ATOM   422  C CA  . ASP A 1 77  ? 5.603   -8.137  1.244   1.00 29.88 ? 77  ASP A CA  1 
ATOM   423  C C   . ASP A 1 77  ? 6.036   -7.736  -0.161  1.00 32.36 ? 77  ASP A C   1 
ATOM   424  O O   . ASP A 1 77  ? 6.709   -6.698  -0.354  1.00 29.74 ? 77  ASP A O   1 
ATOM   425  C CB  . ASP A 1 77  ? 6.546   -9.210  1.822   1.00 36.55 ? 77  ASP A CB  1 
ATOM   426  C CG  . ASP A 1 77  ? 7.947   -8.744  1.914   1.00 42.85 ? 77  ASP A CG  1 
ATOM   427  O OD1 . ASP A 1 77  ? 8.687   -8.914  0.928   1.00 56.65 ? 77  ASP A OD1 1 
ATOM   428  O OD2 . ASP A 1 77  ? 8.306   -8.156  2.956   1.00 47.68 ? 77  ASP A OD2 1 
ATOM   429  N N   . ARG A 1 78  ? 5.673   -8.547  -1.157  1.00 27.59 ? 78  ARG A N   1 
ATOM   430  C CA  . ARG A 1 78  ? 5.957   -8.186  -2.544  1.00 31.72 ? 78  ARG A CA  1 
ATOM   431  C C   . ARG A 1 78  ? 5.273   -6.876  -2.968  1.00 27.13 ? 78  ARG A C   1 
ATOM   432  O O   . ARG A 1 78  ? 5.904   -6.000  -3.544  1.00 27.13 ? 78  ARG A O   1 
ATOM   433  C CB  . ARG A 1 78  ? 5.527   -9.300  -3.493  1.00 40.25 ? 78  ARG A CB  1 
ATOM   434  C CG  . ARG A 1 78  ? 6.323   -10.578 -3.280  1.00 50.96 ? 78  ARG A CG  1 
ATOM   435  C CD  . ARG A 1 78  ? 5.561   -11.792 -3.809  1.00 62.31 ? 78  ARG A CD  1 
ATOM   436  N NE  . ARG A 1 78  ? 5.817   -11.997 -5.235  1.00 72.74 ? 78  ARG A NE  1 
ATOM   437  C CZ  . ARG A 1 78  ? 6.870   -12.651 -5.727  1.00 79.95 ? 78  ARG A CZ  1 
ATOM   438  N NH1 . ARG A 1 78  ? 7.781   -13.193 -4.916  1.00 73.80 ? 78  ARG A NH1 1 
ATOM   439  N NH2 . ARG A 1 78  ? 7.009   -12.776 -7.043  1.00 87.72 ? 78  ARG A NH2 1 
ATOM   440  N N   . VAL A 1 79  ? 4.014   -6.730  -2.603  1.00 27.53 ? 79  VAL A N   1 
ATOM   441  C CA  . VAL A 1 79  ? 3.256   -5.525  -3.014  1.00 29.78 ? 79  VAL A CA  1 
ATOM   442  C C   . VAL A 1 79  ? 3.851   -4.270  -2.358  1.00 27.32 ? 79  VAL A C   1 
ATOM   443  O O   . VAL A 1 79  ? 4.164   -3.309  -3.045  1.00 28.30 ? 79  VAL A O   1 
ATOM   444  C CB  . VAL A 1 79  ? 1.749   -5.662  -2.686  1.00 31.73 ? 79  VAL A CB  1 
ATOM   445  C CG1 . VAL A 1 79  ? 1.015   -4.364  -2.991  1.00 33.09 ? 79  VAL A CG1 1 
ATOM   446  C CG2 . VAL A 1 79  ? 1.147   -6.781  -3.499  1.00 35.91 ? 79  VAL A CG2 1 
ATOM   447  N N   . VAL A 1 80  ? 4.114   -4.348  -1.051  1.00 27.45 ? 80  VAL A N   1 
ATOM   448  C CA  . VAL A 1 80  ? 4.641   -3.209  -0.271  1.00 27.87 ? 80  VAL A CA  1 
ATOM   449  C C   . VAL A 1 80  ? 6.039   -2.829  -0.764  1.00 29.24 ? 80  VAL A C   1 
ATOM   450  O O   . VAL A 1 80  ? 6.360   -1.646  -0.963  1.00 26.67 ? 80  VAL A O   1 
ATOM   451  C CB  . VAL A 1 80  ? 4.651   -3.592  1.221   1.00 30.80 ? 80  VAL A CB  1 
ATOM   452  C CG1 . VAL A 1 80  ? 5.516   -2.678  2.032   1.00 33.68 ? 80  VAL A CG1 1 
ATOM   453  C CG2 . VAL A 1 80  ? 3.238   -3.687  1.758   1.00 29.45 ? 80  VAL A CG2 1 
ATOM   454  N N   . ASN A 1 81  ? 6.835   -3.824  -1.149  1.00 28.94 ? 81  ASN A N   1 
ATOM   455  C CA  . ASN A 1 81  ? 8.175   -3.490  -1.678  1.00 27.78 ? 81  ASN A CA  1 
ATOM   456  C C   . ASN A 1 81  ? 8.153   -2.900  -3.047  1.00 22.32 ? 81  ASN A C   1 
ATOM   457  O O   . ASN A 1 81  ? 8.963   -2.021  -3.375  1.00 26.50 ? 81  ASN A O   1 
ATOM   458  C CB  . ASN A 1 81  ? 9.107   -4.692  -1.626  1.00 29.28 ? 81  ASN A CB  1 
ATOM   459  C CG  . ASN A 1 81  ? 9.821   -4.802  -0.304  1.00 35.60 ? 81  ASN A CG  1 
ATOM   460  O OD1 . ASN A 1 81  ? 10.816  -4.107  -0.073  1.00 34.24 ? 81  ASN A OD1 1 
ATOM   461  N ND2 . ASN A 1 81  ? 9.310   -5.675  0.582   1.00 32.36 ? 81  ASN A ND2 1 
ATOM   462  N N   . GLN A 1 82  ? 7.172   -3.291  -3.825  1.00 25.25 ? 82  GLN A N   1 
ATOM   463  C CA  . GLN A 1 82  ? 6.993   -2.781  -5.161  1.00 27.41 ? 82  GLN A CA  1 
ATOM   464  C C   . GLN A 1 82  ? 6.677   -1.300  -5.104  1.00 27.34 ? 82  GLN A C   1 
ATOM   465  O O   . GLN A 1 82  ? 7.281   -0.497  -5.824  1.00 22.73 ? 82  GLN A O   1 
ATOM   466  C CB  . GLN A 1 82  ? 5.879   -3.536  -5.873  1.00 32.69 ? 82  GLN A CB  1 
ATOM   467  C CG  . GLN A 1 82  ? 5.653   -3.103  -7.316  1.00 38.73 ? 82  GLN A CG  1 
ATOM   468  C CD  . GLN A 1 82  ? 4.554   -3.927  -8.002  1.00 42.68 ? 82  GLN A CD  1 
ATOM   469  O OE1 . GLN A 1 82  ? 4.379   -5.109  -7.737  1.00 51.04 ? 82  GLN A OE1 1 
ATOM   470  N NE2 . GLN A 1 82  ? 3.825   -3.300  -8.873  1.00 44.70 ? 82  GLN A NE2 1 
ATOM   471  N N   . ALA A 1 83  ? 5.747   -0.937  -4.204  1.00 24.76 ? 83  ALA A N   1 
ATOM   472  C CA  . ALA A 1 83  ? 5.416   0.467   -3.984  1.00 22.91 ? 83  ALA A CA  1 
ATOM   473  C C   . ALA A 1 83  ? 6.619   1.209   -3.452  1.00 20.61 ? 83  ALA A C   1 
ATOM   474  O O   . ALA A 1 83  ? 6.905   2.268   -3.922  1.00 25.27 ? 83  ALA A O   1 
ATOM   475  C CB  . ALA A 1 83  ? 4.244   0.552   -2.993  1.00 22.59 ? 83  ALA A CB  1 
ATOM   476  N N   . ASP A 1 84  ? 7.318   0.642   -2.461  1.00 23.68 ? 84  ASP A N   1 
ATOM   477  C CA  . ASP A 1 84  ? 8.474   1.301   -1.885  1.00 24.69 ? 84  ASP A CA  1 
ATOM   478  C C   . ASP A 1 84  ? 9.550   1.569   -2.948  1.00 26.21 ? 84  ASP A C   1 
ATOM   479  O O   . ASP A 1 84  ? 10.115  2.678   -3.035  1.00 26.00 ? 84  ASP A O   1 
ATOM   480  C CB  . ASP A 1 84  ? 9.048   0.484   -0.708  1.00 27.69 ? 84  ASP A CB  1 
ATOM   481  C CG  . ASP A 1 84  ? 10.064  1.274   0.097   1.00 36.27 ? 84  ASP A CG  1 
ATOM   482  O OD1 . ASP A 1 84  ? 9.711   2.345   0.647   1.00 31.85 ? 84  ASP A OD1 1 
ATOM   483  O OD2 . ASP A 1 84  ? 11.244  0.893   0.098   1.00 33.81 ? 84  ASP A OD2 1 
ATOM   484  N N   . MET A 1 85  ? 9.836   0.560   -3.762  1.00 26.55 ? 85  MET A N   1 
ATOM   485  C CA  A MET A 1 85  ? 10.822  0.713   -4.851  0.67 32.99 ? 85  MET A CA  1 
ATOM   486  C CA  B MET A 1 85  ? 10.838  0.733   -4.825  0.33 31.11 ? 85  MET A CA  1 
ATOM   487  C C   . MET A 1 85  ? 10.388  1.741   -5.888  1.00 30.12 ? 85  MET A C   1 
ATOM   488  O O   . MET A 1 85  ? 11.220  2.513   -6.387  1.00 29.40 ? 85  MET A O   1 
ATOM   489  C CB  A MET A 1 85  ? 11.159  -0.644  -5.492  0.67 37.26 ? 85  MET A CB  1 
ATOM   490  C CB  B MET A 1 85  ? 11.251  -0.609  -5.444  0.33 33.48 ? 85  MET A CB  1 
ATOM   491  C CG  A MET A 1 85  ? 12.019  -1.523  -4.575  0.67 42.08 ? 85  MET A CG  1 
ATOM   492  C CG  B MET A 1 85  ? 12.075  -1.503  -4.509  0.33 35.73 ? 85  MET A CG  1 
ATOM   493  S SD  A MET A 1 85  ? 12.361  -3.217  -5.132  0.67 51.81 ? 85  MET A SD  1 
ATOM   494  S SD  B MET A 1 85  ? 13.460  -0.714  -3.652  0.33 41.32 ? 85  MET A SD  1 
ATOM   495  C CE  A MET A 1 85  ? 13.120  -2.881  -6.732  0.67 51.84 ? 85  MET A CE  1 
ATOM   496  C CE  B MET A 1 85  ? 14.286  -2.109  -2.871  0.33 39.61 ? 85  MET A CE  1 
ATOM   497  N N   . ALA A 1 86  ? 9.073   1.810   -6.173  1.00 29.40 ? 86  ALA A N   1 
ATOM   498  C CA  . ALA A 1 86  ? 8.555   2.863   -7.045  1.00 26.29 ? 86  ALA A CA  1 
ATOM   499  C C   . ALA A 1 86  ? 8.714   4.261   -6.482  1.00 27.18 ? 86  ALA A C   1 
ATOM   500  O O   . ALA A 1 86  ? 9.020   5.191   -7.221  1.00 26.62 ? 86  ALA A O   1 
ATOM   501  C CB  . ALA A 1 86  ? 7.110   2.609   -7.442  1.00 27.74 ? 86  ALA A CB  1 
ATOM   502  N N   . LEU A 1 87  ? 8.524   4.421   -5.180  1.00 26.25 ? 87  LEU A N   1 
ATOM   503  C CA  A LEU A 1 87  ? 8.704   5.715   -4.555  0.50 26.04 ? 87  LEU A CA  1 
ATOM   504  C CA  B LEU A 1 87  ? 8.724   5.717   -4.560  0.50 27.06 ? 87  LEU A CA  1 
ATOM   505  C C   . LEU A 1 87  ? 10.192  6.073   -4.570  1.00 26.66 ? 87  LEU A C   1 
ATOM   506  O O   . LEU A 1 87  ? 10.553  7.205   -4.898  1.00 31.47 ? 87  LEU A O   1 
ATOM   507  C CB  A LEU A 1 87  ? 8.103   5.734   -3.128  0.50 25.85 ? 87  LEU A CB  1 
ATOM   508  C CB  B LEU A 1 87  ? 8.243   5.736   -3.115  0.50 28.41 ? 87  LEU A CB  1 
ATOM   509  C CG  A LEU A 1 87  ? 8.379   6.971   -2.266  0.50 25.63 ? 87  LEU A CG  1 
ATOM   510  C CG  B LEU A 1 87  ? 6.775   5.781   -2.787  0.50 29.32 ? 87  LEU A CG  1 
ATOM   511  C CD1 A LEU A 1 87  ? 7.772   8.174   -2.929  0.50 25.78 ? 87  LEU A CD1 1 
ATOM   512  C CD1 B LEU A 1 87  ? 6.810   5.775   -1.259  0.50 30.81 ? 87  LEU A CD1 1 
ATOM   513  C CD2 A LEU A 1 87  ? 7.846   6.827   -0.856  0.50 28.23 ? 87  LEU A CD2 1 
ATOM   514  C CD2 B LEU A 1 87  ? 6.087   7.030   -3.345  0.50 29.21 ? 87  LEU A CD2 1 
ATOM   515  N N   . GLN A 1 88  ? 11.055  5.112   -4.231  1.00 31.49 ? 88  GLN A N   1 
ATOM   516  C CA  . GLN A 1 88  ? 12.529  5.359   -4.382  1.00 39.18 ? 88  GLN A CA  1 
ATOM   517  C C   . GLN A 1 88  ? 12.913  5.866   -5.810  1.00 36.10 ? 88  GLN A C   1 
ATOM   518  O O   . GLN A 1 88  ? 13.727  6.803   -5.968  1.00 32.92 ? 88  GLN A O   1 
ATOM   519  C CB  . GLN A 1 88  ? 13.348  4.096   -4.026  1.00 45.72 ? 88  GLN A CB  1 
ATOM   520  C CG  . GLN A 1 88  ? 13.308  3.713   -2.548  1.00 54.54 ? 88  GLN A CG  1 
ATOM   521  C CD  . GLN A 1 88  ? 14.069  2.431   -2.220  1.00 62.51 ? 88  GLN A CD  1 
ATOM   522  O OE1 . GLN A 1 88  ? 13.531  1.511   -1.606  1.00 64.22 ? 88  GLN A OE1 1 
ATOM   523  N NE2 . GLN A 1 88  ? 15.322  2.372   -2.621  1.00 64.97 ? 88  GLN A NE2 1 
ATOM   524  N N   . THR A 1 89  ? 12.291  5.270   -6.832  1.00 33.65 ? 89  THR A N   1 
ATOM   525  C CA  . THR A 1 89  ? 12.564  5.597   -8.227  1.00 36.52 ? 89  THR A CA  1 
ATOM   526  C C   . THR A 1 89  ? 12.176  7.015   -8.514  1.00 39.14 ? 89  THR A C   1 
ATOM   527  O O   . THR A 1 89  ? 12.913  7.778   -9.150  1.00 35.87 ? 89  THR A O   1 
ATOM   528  C CB  . THR A 1 89  ? 11.784  4.642   -9.159  1.00 39.84 ? 89  THR A CB  1 
ATOM   529  O OG1 . THR A 1 89  ? 12.381  3.335   -9.107  1.00 38.80 ? 89  THR A OG1 1 
ATOM   530  C CG2 . THR A 1 89  ? 11.742  5.141   -10.606 1.00 45.27 ? 89  THR A CG2 1 
ATOM   531  N N   . LEU A 1 90  ? 10.985  7.375   -8.070  1.00 32.16 ? 90  LEU A N   1 
ATOM   532  C CA  . LEU A 1 90  ? 10.533  8.745   -8.181  1.00 35.37 ? 90  LEU A CA  1 
ATOM   533  C C   . LEU A 1 90  ? 11.481  9.710   -7.484  1.00 37.56 ? 90  LEU A C   1 
ATOM   534  O O   . LEU A 1 90  ? 11.816  10.772  -8.039  1.00 38.39 ? 90  LEU A O   1 
ATOM   535  C CB  . LEU A 1 90  ? 9.145   8.879   -7.537  1.00 38.84 ? 90  LEU A CB  1 
ATOM   536  C CG  . LEU A 1 90  ? 8.086   9.740   -8.149  1.00 48.84 ? 90  LEU A CG  1 
ATOM   537  C CD1 . LEU A 1 90  ? 8.060   9.515   -9.664  1.00 46.02 ? 90  LEU A CD1 1 
ATOM   538  C CD2 . LEU A 1 90  ? 6.747   9.386   -7.474  1.00 47.76 ? 90  LEU A CD2 1 
ATOM   539  N N   . ALA A 1 91  ? 11.845  9.388   -6.243  1.00 43.29 ? 91  ALA A N   1 
ATOM   540  C CA  . ALA A 1 91  ? 12.706  10.284  -5.451  1.00 48.02 ? 91  ALA A CA  1 
ATOM   541  C C   . ALA A 1 91  ? 14.034  10.546  -6.184  1.00 49.40 ? 91  ALA A C   1 
ATOM   542  O O   . ALA A 1 91  ? 14.539  11.661  -6.189  1.00 54.83 ? 91  ALA A O   1 
ATOM   543  C CB  . ALA A 1 91  ? 12.954  9.740   -4.035  1.00 41.43 ? 91  ALA A CB  1 
ATOM   544  N N   . GLU A 1 92  ? 14.552  9.527   -6.853  1.00 56.55 ? 92  GLU A N   1 
ATOM   545  C CA  . GLU A 1 92  ? 15.762  9.665   -7.665  1.00 55.80 ? 92  GLU A CA  1 
ATOM   546  C C   . GLU A 1 92  ? 15.565  10.335  -9.019  1.00 56.75 ? 92  GLU A C   1 
ATOM   547  O O   . GLU A 1 92  ? 16.487  10.928  -9.532  1.00 61.32 ? 92  GLU A O   1 
ATOM   548  C CB  . GLU A 1 92  ? 16.428  8.289   -7.806  1.00 59.43 ? 92  GLU A CB  1 
ATOM   549  C CG  . GLU A 1 92  ? 17.207  7.932   -6.545  1.00 56.92 ? 92  GLU A CG  1 
ATOM   550  C CD  . GLU A 1 92  ? 16.942  6.552   -5.973  1.00 60.19 ? 92  GLU A CD  1 
ATOM   551  O OE1 . GLU A 1 92  ? 17.310  5.531   -6.607  1.00 57.48 ? 92  GLU A OE1 1 
ATOM   552  O OE2 . GLU A 1 92  ? 16.428  6.500   -4.831  1.00 68.75 ? 92  GLU A OE2 1 
ATOM   553  N N   . ASN A 1 93  ? 14.373  10.254  -9.610  1.00 59.79 ? 93  ASN A N   1 
ATOM   554  C CA  . ASN A 1 93  ? 14.122  10.890  -10.909 1.00 61.34 ? 93  ASN A CA  1 
ATOM   555  C C   . ASN A 1 93  ? 12.946  11.869  -10.834 1.00 65.59 ? 93  ASN A C   1 
ATOM   556  O O   . ASN A 1 93  ? 11.909  11.651  -11.487 1.00 51.73 ? 93  ASN A O   1 
ATOM   557  C CB  . ASN A 1 93  ? 13.860  9.836   -11.989 1.00 70.05 ? 93  ASN A CB  1 
ATOM   558  C CG  . ASN A 1 93  ? 14.532  8.511   -11.687 1.00 77.86 ? 93  ASN A CG  1 
ATOM   559  O OD1 . ASN A 1 93  ? 15.598  8.465   -11.075 1.00 85.23 ? 93  ASN A OD1 1 
ATOM   560  N ND2 . ASN A 1 93  ? 13.897  7.419   -12.092 1.00 81.19 ? 93  ASN A ND2 1 
ATOM   561  N N   . PRO A 1 94  ? 13.116  12.973  -10.067 1.00 65.50 ? 94  PRO A N   1 
ATOM   562  C CA  . PRO A 1 94  ? 12.015  13.926  -9.888  1.00 60.74 ? 94  PRO A CA  1 
ATOM   563  C C   . PRO A 1 94  ? 11.409  14.438  -11.215 1.00 57.49 ? 94  PRO A C   1 
ATOM   564  O O   . PRO A 1 94  ? 12.129  14.733  -12.155 1.00 53.77 ? 94  PRO A O   1 
ATOM   565  C CB  . PRO A 1 94  ? 12.651  15.071  -9.055  1.00 52.46 ? 94  PRO A CB  1 
ATOM   566  C CG  . PRO A 1 94  ? 14.112  14.833  -9.066  1.00 55.23 ? 94  PRO A CG  1 
ATOM   567  C CD  . PRO A 1 94  ? 14.316  13.371  -9.300  1.00 60.54 ? 94  PRO A CD  1 
ATOM   568  N N   . ALA A 1 95  ? 10.081  14.491  -11.281 1.00 55.64 ? 95  ALA A N   1 
ATOM   569  C CA  . ALA A 1 95  ? 9.380   15.022  -12.439 1.00 54.71 ? 95  ALA A CA  1 
ATOM   570  C C   . ALA A 1 95  ? 9.675   16.513  -12.545 1.00 55.05 ? 95  ALA A C   1 
ATOM   571  O O   . ALA A 1 95  ? 9.846   17.174  -11.526 1.00 62.71 ? 95  ALA A O   1 
ATOM   572  C CB  . ALA A 1 95  ? 7.882   14.759  -12.316 1.00 51.84 ? 95  ALA A CB  1 
ATOM   573  N N   . ASP A 1 96  ? 9.813   17.021  -13.768 1.00 53.18 ? 96  ASP A N   1 
ATOM   574  C CA  . ASP A 1 96  ? 10.071  18.438  -13.995 1.00 54.94 ? 96  ASP A CA  1 
ATOM   575  C C   . ASP A 1 96  ? 8.707   19.092  -14.124 1.00 60.78 ? 96  ASP A C   1 
ATOM   576  O O   . ASP A 1 96  ? 8.151   19.259  -15.236 1.00 48.42 ? 96  ASP A O   1 
ATOM   577  C CB  . ASP A 1 96  ? 10.915  18.661  -15.247 1.00 59.90 ? 96  ASP A CB  1 
ATOM   578  N N   . THR A 1 97  ? 8.140   19.408  -12.960 1.00 60.02 ? 97  THR A N   1 
ATOM   579  C CA  . THR A 1 97  ? 6.722   19.728  -12.862 1.00 54.04 ? 97  THR A CA  1 
ATOM   580  C C   . THR A 1 97  ? 6.456   20.568  -11.614 1.00 46.91 ? 97  THR A C   1 
ATOM   581  O O   . THR A 1 97  ? 7.342   20.731  -10.780 1.00 55.67 ? 97  THR A O   1 
ATOM   582  C CB  . THR A 1 97  ? 5.890   18.423  -12.884 1.00 55.46 ? 97  THR A CB  1 
ATOM   583  O OG1 . THR A 1 97  ? 4.566   18.714  -13.347 1.00 51.32 ? 97  THR A OG1 1 
ATOM   584  C CG2 . THR A 1 97  ? 5.891   17.722  -11.515 1.00 50.93 ? 97  THR A CG2 1 
ATOM   585  N N   . ASP A 1 98  ? 5.259   21.138  -11.506 1.00 38.91 ? 98  ASP A N   1 
ATOM   586  C CA  . ASP A 1 98  ? 4.935   21.976  -10.354 1.00 39.97 ? 98  ASP A CA  1 
ATOM   587  C C   . ASP A 1 98  ? 4.681   21.161  -9.073  1.00 38.91 ? 98  ASP A C   1 
ATOM   588  O O   . ASP A 1 98  ? 4.639   19.941  -9.098  1.00 32.28 ? 98  ASP A O   1 
ATOM   589  C CB  . ASP A 1 98  ? 3.769   22.919  -10.668 1.00 41.21 ? 98  ASP A CB  1 
ATOM   590  C CG  . ASP A 1 98  ? 2.419   22.210  -10.798 1.00 45.39 ? 98  ASP A CG  1 
ATOM   591  O OD1 . ASP A 1 98  ? 2.166   21.163  -10.174 1.00 42.88 ? 98  ASP A OD1 1 
ATOM   592  O OD2 . ASP A 1 98  ? 1.577   22.777  -11.504 1.00 50.44 ? 98  ASP A OD2 1 
ATOM   593  N N   . ARG A 1 99  ? 4.610   21.851  -7.947  1.00 39.54 ? 99  ARG A N   1 
ATOM   594  C CA  . ARG A 1 99  ? 4.552   21.176  -6.652  1.00 46.29 ? 99  ARG A CA  1 
ATOM   595  C C   . ARG A 1 99  ? 3.257   20.317  -6.509  1.00 38.22 ? 99  ARG A C   1 
ATOM   596  O O   . ARG A 1 99  ? 3.334   19.191  -6.034  1.00 33.49 ? 99  ARG A O   1 
ATOM   597  C CB  . ARG A 1 99  ? 4.812   22.166  -5.482  1.00 50.00 ? 99  ARG A CB  1 
ATOM   598  C CG  . ARG A 1 99  ? 3.623   22.647  -4.644  1.00 56.34 ? 99  ARG A CG  1 
ATOM   599  C CD  . ARG A 1 99  ? 2.680   23.628  -5.339  1.00 57.59 ? 99  ARG A CD  1 
ATOM   600  N NE  . ARG A 1 99  ? 2.141   24.661  -4.444  1.00 56.53 ? 99  ARG A NE  1 
ATOM   601  C CZ  . ARG A 1 99  ? 2.816   25.717  -3.972  1.00 54.44 ? 99  ARG A CZ  1 
ATOM   602  N NH1 . ARG A 1 99  ? 4.103   25.910  -4.239  1.00 57.90 ? 99  ARG A NH1 1 
ATOM   603  N NH2 . ARG A 1 99  ? 2.199   26.591  -3.189  1.00 51.93 ? 99  ARG A NH2 1 
ATOM   604  N N   . GLU A 1 100 ? 2.131   20.766  -7.062  1.00 31.37 ? 100 GLU A N   1 
ATOM   605  C CA  . GLU A 1 100 ? 0.942   19.937  -7.068  1.00 31.96 ? 100 GLU A CA  1 
ATOM   606  C C   . GLU A 1 100 ? 1.152   18.617  -7.810  1.00 32.39 ? 100 GLU A C   1 
ATOM   607  O O   . GLU A 1 100 ? 0.862   17.554  -7.278  1.00 27.87 ? 100 GLU A O   1 
ATOM   608  C CB  . GLU A 1 100 ? -0.244  20.652  -7.650  1.00 36.72 ? 100 GLU A CB  1 
ATOM   609  C CG  . GLU A 1 100 ? -1.496  19.818  -7.459  1.00 45.37 ? 100 GLU A CG  1 
ATOM   610  C CD  . GLU A 1 100 ? -2.681  20.273  -8.273  1.00 57.52 ? 100 GLU A CD  1 
ATOM   611  O OE1 . GLU A 1 100 ? -3.087  21.450  -8.116  1.00 62.15 ? 100 GLU A OE1 1 
ATOM   612  O OE2 . GLU A 1 100 ? -3.248  19.409  -8.992  1.00 60.51 ? 100 GLU A OE2 1 
ATOM   613  N N   . ASN A 1 101 ? 1.679   18.666  -9.035  1.00 30.54 ? 101 ASN A N   1 
ATOM   614  C CA  . ASN A 1 101 ? 1.997   17.386  -9.720  1.00 32.15 ? 101 ASN A CA  1 
ATOM   615  C C   . ASN A 1 101 ? 3.094   16.555  -9.073  1.00 27.13 ? 101 ASN A C   1 
ATOM   616  O O   . ASN A 1 101 ? 3.016   15.315  -9.172  1.00 31.10 ? 101 ASN A O   1 
ATOM   617  C CB  . ASN A 1 101 ? 2.210   17.509  -11.241 1.00 38.33 ? 101 ASN A CB  1 
ATOM   618  C CG  . ASN A 1 101 ? 1.101   16.790  -12.028 1.00 51.64 ? 101 ASN A CG  1 
ATOM   619  O OD1 . ASN A 1 101 ? 0.192   17.458  -12.508 1.00 56.01 ? 101 ASN A OD1 1 
ATOM   620  N ND2 . ASN A 1 101 ? 1.108   15.400  -12.053 1.00 55.18 ? 101 ASN A ND2 1 
ATOM   621  N N   . MET A 1 102 ? 4.034   17.174  -8.342  1.00 29.22 ? 102 MET A N   1 
ATOM   622  C CA  . MET A 1 102 ? 5.005   16.413  -7.548  1.00 28.78 ? 102 MET A CA  1 
ATOM   623  C C   . MET A 1 102 ? 4.275   15.457  -6.545  1.00 30.27 ? 102 MET A C   1 
ATOM   624  O O   . MET A 1 102 ? 4.519   14.223  -6.522  1.00 22.51 ? 102 MET A O   1 
ATOM   625  C CB  . MET A 1 102 ? 6.040   17.315  -6.802  1.00 32.81 ? 102 MET A CB  1 
ATOM   626  C CG  . MET A 1 102 ? 6.827   16.616  -5.673  1.00 41.51 ? 102 MET A CG  1 
ATOM   627  S SD  . MET A 1 102 ? 7.990   17.505  -4.530  1.00 53.15 ? 102 MET A SD  1 
ATOM   628  C CE  . MET A 1 102 ? 6.930   18.475  -3.472  1.00 48.25 ? 102 MET A CE  1 
ATOM   629  N N   . TRP A 1 103 ? 3.380   16.026  -5.733  1.00 25.31 ? 103 TRP A N   1 
ATOM   630  C CA  . TRP A 1 103 ? 2.650   15.223  -4.752  1.00 23.62 ? 103 TRP A CA  1 
ATOM   631  C C   . TRP A 1 103 ? 1.723   14.226  -5.433  1.00 21.08 ? 103 TRP A C   1 
ATOM   632  O O   . TRP A 1 103 ? 1.682   13.051  -5.040  1.00 23.44 ? 103 TRP A O   1 
ATOM   633  C CB  . TRP A 1 103 ? 1.886   16.129  -3.794  1.00 25.57 ? 103 TRP A CB  1 
ATOM   634  C CG  . TRP A 1 103 ? 2.791   16.940  -2.931  1.00 23.19 ? 103 TRP A CG  1 
ATOM   635  C CD1 . TRP A 1 103 ? 3.076   18.268  -3.060  1.00 26.60 ? 103 TRP A CD1 1 
ATOM   636  C CD2 . TRP A 1 103 ? 3.572   16.476  -1.841  1.00 24.56 ? 103 TRP A CD2 1 
ATOM   637  N NE1 . TRP A 1 103 ? 3.969   18.673  -2.097  1.00 26.01 ? 103 TRP A NE1 1 
ATOM   638  C CE2 . TRP A 1 103 ? 4.287   17.595  -1.327  1.00 24.34 ? 103 TRP A CE2 1 
ATOM   639  C CE3 . TRP A 1 103 ? 3.727   15.244  -1.225  1.00 24.56 ? 103 TRP A CE3 1 
ATOM   640  C CZ2 . TRP A 1 103 ? 5.126   17.500  -0.254  1.00 24.05 ? 103 TRP A CZ2 1 
ATOM   641  C CZ3 . TRP A 1 103 ? 4.609   15.157  -0.169  1.00 24.54 ? 103 TRP A CZ3 1 
ATOM   642  C CH2 . TRP A 1 103 ? 5.266   16.272  0.317   1.00 23.51 ? 103 TRP A CH2 1 
ATOM   643  N N   . ARG A 1 104 ? 0.995   14.667  -6.450  1.00 19.16 ? 104 ARG A N   1 
ATOM   644  C CA  . ARG A 1 104 ? 0.161   13.746  -7.193  1.00 18.25 ? 104 ARG A CA  1 
ATOM   645  C C   . ARG A 1 104 ? 0.938   12.518  -7.710  1.00 20.68 ? 104 ARG A C   1 
ATOM   646  O O   . ARG A 1 104 ? 0.448   11.407  -7.588  1.00 20.39 ? 104 ARG A O   1 
ATOM   647  C CB  . ARG A 1 104 ? -0.564  14.459  -8.332  1.00 21.76 ? 104 ARG A CB  1 
ATOM   648  C CG  . ARG A 1 104 ? -1.469  13.553  -9.159  1.00 22.15 ? 104 ARG A CG  1 
ATOM   649  C CD  . ARG A 1 104 ? -2.095  14.278  -10.335 1.00 24.62 ? 104 ARG A CD  1 
ATOM   650  N NE  . ARG A 1 104 ? -2.766  15.506  -9.880  1.00 31.06 ? 104 ARG A NE  1 
ATOM   651  C CZ  . ARG A 1 104 ? -4.038  15.554  -9.474  1.00 33.60 ? 104 ARG A CZ  1 
ATOM   652  N NH1 . ARG A 1 104 ? -4.812  14.461  -9.470  1.00 32.72 ? 104 ARG A NH1 1 
ATOM   653  N NH2 . ARG A 1 104 ? -4.543  16.713  -9.056  1.00 34.28 ? 104 ARG A NH2 1 
ATOM   654  N N   . THR A 1 105 ? 2.167   12.698  -8.227  1.00 20.44 ? 105 THR A N   1 
ATOM   655  C CA  A THR A 1 105 ? 2.936   11.598  -8.782  0.50 19.37 ? 105 THR A CA  1 
ATOM   656  C CA  B THR A 1 105 ? 2.896   11.568  -8.765  0.50 20.59 ? 105 THR A CA  1 
ATOM   657  C C   . THR A 1 105 ? 3.280   10.620  -7.666  1.00 20.20 ? 105 THR A C   1 
ATOM   658  O O   . THR A 1 105 ? 3.219   9.431   -7.841  1.00 21.57 ? 105 THR A O   1 
ATOM   659  C CB  A THR A 1 105 ? 4.187   12.126  -9.542  0.50 19.82 ? 105 THR A CB  1 
ATOM   660  C CB  B THR A 1 105 ? 4.122   11.971  -9.594  0.50 22.23 ? 105 THR A CB  1 
ATOM   661  O OG1 A THR A 1 105 ? 3.791   13.131  -10.471 0.50 17.50 ? 105 THR A OG1 1 
ATOM   662  O OG1 B THR A 1 105 ? 5.026   12.751  -8.787  0.50 25.89 ? 105 THR A OG1 1 
ATOM   663  C CG2 A THR A 1 105 ? 4.948   11.019  -10.280 0.50 19.55 ? 105 THR A CG2 1 
ATOM   664  C CG2 B THR A 1 105 ? 3.678   12.708  -10.794 0.50 20.94 ? 105 THR A CG2 1 
ATOM   665  N N   . GLY A 1 106 ? 3.561   11.138  -6.473  1.00 21.74 ? 106 GLY A N   1 
ATOM   666  C CA  . GLY A 1 106 ? 3.869   10.274  -5.349  1.00 20.58 ? 106 GLY A CA  1 
ATOM   667  C C   . GLY A 1 106 ? 2.683   9.486   -4.806  1.00 19.66 ? 106 GLY A C   1 
ATOM   668  O O   . GLY A 1 106 ? 2.743   8.255   -4.603  1.00 20.47 ? 106 GLY A O   1 
ATOM   669  N N   . ILE A 1 107 ? 1.583   10.185  -4.555  1.00 20.09 ? 107 ILE A N   1 
ATOM   670  C CA  . ILE A 1 107 ? 0.381   9.487   -4.132  1.00 21.46 ? 107 ILE A CA  1 
ATOM   671  C C   . ILE A 1 107 ? -0.038  8.424   -5.203  1.00 20.48 ? 107 ILE A C   1 
ATOM   672  O O   . ILE A 1 107 ? -0.521  7.327   -4.880  1.00 23.27 ? 107 ILE A O   1 
ATOM   673  C CB  . ILE A 1 107 ? -0.745  10.504  -3.869  1.00 20.94 ? 107 ILE A CB  1 
ATOM   674  C CG1 . ILE A 1 107 ? -0.329  11.448  -2.729  1.00 22.12 ? 107 ILE A CG1 1 
ATOM   675  C CG2 . ILE A 1 107 ? -2.020  9.796   -3.508  1.00 23.38 ? 107 ILE A CG2 1 
ATOM   676  C CD1 . ILE A 1 107 ? -1.170  12.684  -2.629  1.00 27.02 ? 107 ILE A CD1 1 
ATOM   677  N N   . ASN A 1 108 ? 0.139   8.784   -6.478  1.00 20.02 ? 108 ASN A N   1 
ATOM   678  C CA  . ASN A 1 108 ? -0.242  7.887   -7.553  1.00 20.72 ? 108 ASN A CA  1 
ATOM   679  C C   . ASN A 1 108 ? 0.516   6.556   -7.503  1.00 20.10 ? 108 ASN A C   1 
ATOM   680  O O   . ASN A 1 108 ? -0.047  5.512   -7.889  1.00 23.37 ? 108 ASN A O   1 
ATOM   681  C CB  . ASN A 1 108 ? -0.035  8.563   -8.883  1.00 20.39 ? 108 ASN A CB  1 
ATOM   682  C CG  . ASN A 1 108 ? -0.538  7.720   -9.984  1.00 22.98 ? 108 ASN A CG  1 
ATOM   683  O OD1 . ASN A 1 108 ? -1.732  7.421   -10.058 1.00 22.02 ? 108 ASN A OD1 1 
ATOM   684  N ND2 . ASN A 1 108 ? 0.373   7.275   -10.823 1.00 22.77 ? 108 ASN A ND2 1 
ATOM   685  N N   . VAL A 1 109 ? 1.752   6.561   -6.976  1.00 21.24 ? 109 VAL A N   1 
ATOM   686  C CA  . VAL A 1 109 ? 2.479   5.257   -6.778  1.00 23.50 ? 109 VAL A CA  1 
ATOM   687  C C   . VAL A 1 109 ? 1.642   4.294   -5.979  1.00 24.03 ? 109 VAL A C   1 
ATOM   688  O O   . VAL A 1 109 ? 1.573   3.087   -6.292  1.00 23.58 ? 109 VAL A O   1 
ATOM   689  C CB  . VAL A 1 109 ? 3.846   5.453   -6.073  1.00 26.81 ? 109 VAL A CB  1 
ATOM   690  C CG1 . VAL A 1 109 ? 4.472   4.145   -5.601  1.00 31.81 ? 109 VAL A CG1 1 
ATOM   691  C CG2 . VAL A 1 109 ? 4.785   6.168   -6.982  1.00 28.94 ? 109 VAL A CG2 1 
ATOM   692  N N   . PHE A 1 110 ? 1.010   4.789   -4.915  1.00 24.87 ? 110 PHE A N   1 
ATOM   693  C CA  . PHE A 1 110 ? 0.232   3.927   -4.036  1.00 24.44 ? 110 PHE A CA  1 
ATOM   694  C C   . PHE A 1 110 ? -1.104  3.529   -4.634  1.00 25.24 ? 110 PHE A C   1 
ATOM   695  O O   . PHE A 1 110 ? -1.557  2.374   -4.553  1.00 24.74 ? 110 PHE A O   1 
ATOM   696  C CB  . PHE A 1 110 ? 0.091   4.641   -2.669  1.00 25.37 ? 110 PHE A CB  1 
ATOM   697  C CG  . PHE A 1 110 ? 1.395   4.717   -1.968  1.00 26.55 ? 110 PHE A CG  1 
ATOM   698  C CD1 . PHE A 1 110 ? 1.900   3.573   -1.388  1.00 25.73 ? 110 PHE A CD1 1 
ATOM   699  C CD2 . PHE A 1 110 ? 2.238   5.796   -2.106  1.00 30.76 ? 110 PHE A CD2 1 
ATOM   700  C CE1 . PHE A 1 110 ? 3.136   3.543   -0.816  1.00 27.82 ? 110 PHE A CE1 1 
ATOM   701  C CE2 . PHE A 1 110 ? 3.471   5.784   -1.510  1.00 34.95 ? 110 PHE A CE2 1 
ATOM   702  C CZ  . PHE A 1 110 ? 3.927   4.639   -0.866  1.00 35.46 ? 110 PHE A CZ  1 
ATOM   703  N N   . PHE A 1 111 ? -1.713  4.492   -5.284  1.00 22.64 ? 111 PHE A N   1 
ATOM   704  C CA  . PHE A 1 111 ? -2.975  4.284   -5.925  1.00 21.26 ? 111 PHE A CA  1 
ATOM   705  C C   . PHE A 1 111 ? -2.825  3.182   -7.007  1.00 21.72 ? 111 PHE A C   1 
ATOM   706  O O   . PHE A 1 111 ? -3.614  2.263   -7.048  1.00 22.31 ? 111 PHE A O   1 
ATOM   707  C CB  . PHE A 1 111 ? -3.392  5.627   -6.553  1.00 24.00 ? 111 PHE A CB  1 
ATOM   708  C CG  . PHE A 1 111 ? -4.644  5.572   -7.346  1.00 23.69 ? 111 PHE A CG  1 
ATOM   709  C CD1 . PHE A 1 111 ? -5.884  5.379   -6.728  1.00 24.00 ? 111 PHE A CD1 1 
ATOM   710  C CD2 . PHE A 1 111 ? -4.611  5.796   -8.725  1.00 26.16 ? 111 PHE A CD2 1 
ATOM   711  C CE1 . PHE A 1 111 ? -7.053  5.363   -7.485  1.00 27.26 ? 111 PHE A CE1 1 
ATOM   712  C CE2 . PHE A 1 111 ? -5.786  5.776   -9.489  1.00 27.78 ? 111 PHE A CE2 1 
ATOM   713  C CZ  . PHE A 1 111 ? -7.015  5.565   -8.856  1.00 25.55 ? 111 PHE A CZ  1 
ATOM   714  N N   . GLU A 1 112 ? -1.783  3.263   -7.837  1.00 22.31 ? 112 GLU A N   1 
ATOM   715  C CA  . GLU A 1 112 ? -1.613  2.296   -8.913  1.00 22.27 ? 112 GLU A CA  1 
ATOM   716  C C   . GLU A 1 112 ? -1.089  0.959   -8.387  1.00 23.37 ? 112 GLU A C   1 
ATOM   717  O O   . GLU A 1 112 ? -1.522  -0.095  -8.821  1.00 22.74 ? 112 GLU A O   1 
ATOM   718  C CB  . GLU A 1 112 ? -0.665  2.850   -10.020 1.00 27.07 ? 112 GLU A CB  1 
ATOM   719  C CG  . GLU A 1 112 ? -1.272  3.902   -10.925 1.00 28.85 ? 112 GLU A CG  1 
ATOM   720  C CD  . GLU A 1 112 ? -2.510  3.402   -11.657 1.00 35.99 ? 112 GLU A CD  1 
ATOM   721  O OE1 . GLU A 1 112 ? -2.622  2.186   -11.847 1.00 38.24 ? 112 GLU A OE1 1 
ATOM   722  O OE2 . GLU A 1 112 ? -3.364  4.225   -12.048 1.00 36.81 ? 112 GLU A OE2 1 
ATOM   723  N N   . THR A 1 113 ? -0.105  0.987   -7.497  1.00 22.13 ? 113 THR A N   1 
ATOM   724  C CA  . THR A 1 113 ? 0.426   -0.253  -6.953  1.00 24.41 ? 113 THR A CA  1 
ATOM   725  C C   . THR A 1 113 ? -0.558  -1.043  -6.196  1.00 25.10 ? 113 THR A C   1 
ATOM   726  O O   . THR A 1 113 ? -0.777  -2.215  -6.521  1.00 26.02 ? 113 THR A O   1 
ATOM   727  C CB  . THR A 1 113 ? 1.661   -0.015  -6.067  1.00 27.68 ? 113 THR A CB  1 
ATOM   728  O OG1 . THR A 1 113 ? 2.651   0.626   -6.857  1.00 26.89 ? 113 THR A OG1 1 
ATOM   729  C CG2 . THR A 1 113 ? 2.216   -1.315  -5.525  1.00 30.91 ? 113 THR A CG2 1 
ATOM   730  N N   . PHE A 1 114 ? -1.163  -0.460  -5.164  1.00 21.20 ? 114 PHE A N   1 
ATOM   731  C CA  . PHE A 1 114 ? -2.147  -1.204  -4.394  1.00 22.85 ? 114 PHE A CA  1 
ATOM   732  C C   . PHE A 1 114 ? -3.436  -1.470  -5.160  1.00 24.10 ? 114 PHE A C   1 
ATOM   733  O O   . PHE A 1 114 ? -4.101  -2.514  -4.964  1.00 24.16 ? 114 PHE A O   1 
ATOM   734  C CB  . PHE A 1 114 ? -2.412  -0.475  -3.064  1.00 25.46 ? 114 PHE A CB  1 
ATOM   735  C CG  . PHE A 1 114 ? -1.248  -0.549  -2.133  1.00 26.35 ? 114 PHE A CG  1 
ATOM   736  C CD1 . PHE A 1 114 ? -0.967  -1.736  -1.464  1.00 34.81 ? 114 PHE A CD1 1 
ATOM   737  C CD2 . PHE A 1 114 ? -0.411  0.491   -1.954  1.00 36.13 ? 114 PHE A CD2 1 
ATOM   738  C CE1 . PHE A 1 114 ? 0.139   -1.853  -0.635  1.00 36.95 ? 114 PHE A CE1 1 
ATOM   739  C CE2 . PHE A 1 114 ? 0.707   0.375   -1.133  1.00 37.55 ? 114 PHE A CE2 1 
ATOM   740  C CZ  . PHE A 1 114 ? 0.983   -0.782  -0.474  1.00 32.73 ? 114 PHE A CZ  1 
ATOM   741  N N   . GLY A 1 115 ? -3.771  -0.538  -6.053  1.00 24.67 ? 115 GLY A N   1 
ATOM   742  C CA  . GLY A 1 115 ? -4.944  -0.634  -6.897  1.00 27.35 ? 115 GLY A CA  1 
ATOM   743  C C   . GLY A 1 115 ? -4.834  -1.717  -7.960  1.00 28.67 ? 115 GLY A C   1 
ATOM   744  O O   . GLY A 1 115 ? -5.857  -2.254  -8.398  1.00 30.95 ? 115 GLY A O   1 
ATOM   745  N N   . SER A 1 116 ? -3.610  -2.084  -8.299  1.00 29.72 ? 116 SER A N   1 
ATOM   746  C CA  . SER A 1 116 ? -3.347  -3.315  -9.088  1.00 31.57 ? 116 SER A CA  1 
ATOM   747  C C   . SER A 1 116 ? -3.308  -4.634  -8.316  1.00 33.55 ? 116 SER A C   1 
ATOM   748  O O   . SER A 1 116 ? -3.161  -5.666  -8.922  1.00 29.77 ? 116 SER A O   1 
ATOM   749  C CB  . SER A 1 116 ? -2.047  -3.158  -9.843  1.00 32.72 ? 116 SER A CB  1 
ATOM   750  O OG  . SER A 1 116 ? -2.185  -1.987  -10.615 1.00 38.50 ? 116 SER A OG  1 
ATOM   751  N N   . HIS A 1 117 ? -3.467  -4.607  -6.997  1.00 27.82 ? 117 HIS A N   1 
ATOM   752  C CA  . HIS A 1 117 ? -3.438  -5.806  -6.184  1.00 27.33 ? 117 HIS A CA  1 
ATOM   753  C C   . HIS A 1 117 ? -4.409  -5.599  -5.067  1.00 23.87 ? 117 HIS A C   1 
ATOM   754  O O   . HIS A 1 117 ? -4.068  -5.695  -3.910  1.00 26.94 ? 117 HIS A O   1 
ATOM   755  C CB  . HIS A 1 117 ? -2.045  -6.040  -5.595  1.00 28.63 ? 117 HIS A CB  1 
ATOM   756  C CG  . HIS A 1 117 ? -0.970  -6.225  -6.615  1.00 34.72 ? 117 HIS A CG  1 
ATOM   757  N ND1 . HIS A 1 117 ? -0.743  -7.431  -7.243  1.00 37.55 ? 117 HIS A ND1 1 
ATOM   758  C CD2 . HIS A 1 117 ? -0.058  -5.362  -7.122  1.00 37.51 ? 117 HIS A CD2 1 
ATOM   759  C CE1 . HIS A 1 117 ? 0.205   -7.283  -8.150  1.00 31.94 ? 117 HIS A CE1 1 
ATOM   760  N NE2 . HIS A 1 117 ? 0.642   -6.042  -8.093  1.00 38.00 ? 117 HIS A NE2 1 
ATOM   761  N N   . LYS A 1 118 ? -5.655  -5.307  -5.399  1.00 28.95 ? 118 LYS A N   1 
ATOM   762  C CA  . LYS A 1 118 ? -6.651  -4.985  -4.373  1.00 27.91 ? 118 LYS A CA  1 
ATOM   763  C C   . LYS A 1 118 ? -6.951  -6.122  -3.401  1.00 29.42 ? 118 LYS A C   1 
ATOM   764  O O   . LYS A 1 118 ? -7.159  -5.889  -2.219  1.00 26.69 ? 118 LYS A O   1 
ATOM   765  C CB  . LYS A 1 118 ? -7.958  -4.560  -5.009  1.00 28.88 ? 118 LYS A CB  1 
ATOM   766  C CG  . LYS A 1 118 ? -7.902  -3.226  -5.739  1.00 33.45 ? 118 LYS A CG  1 
ATOM   767  C CD  . LYS A 1 118 ? -9.128  -3.025  -6.621  1.00 32.98 ? 118 LYS A CD  1 
ATOM   768  C CE  . LYS A 1 118 ? -8.976  -1.807  -7.495  1.00 39.61 ? 118 LYS A CE  1 
ATOM   769  N NZ  . LYS A 1 118 ? -10.347 -1.384  -7.891  1.00 50.96 ? 118 LYS A NZ  1 
ATOM   770  N N   . ALA A 1 119 ? -7.039  -7.341  -3.902  1.00 27.67 ? 119 ALA A N   1 
ATOM   771  C CA  . ALA A 1 119 ? -7.367  -8.458  -3.039  1.00 29.51 ? 119 ALA A CA  1 
ATOM   772  C C   . ALA A 1 119 ? -6.303  -8.666  -1.976  1.00 26.50 ? 119 ALA A C   1 
ATOM   773  O O   . ALA A 1 119 ? -6.639  -8.961  -0.832  1.00 32.55 ? 119 ALA A O   1 
ATOM   774  C CB  . ALA A 1 119 ? -7.532  -9.742  -3.842  1.00 32.90 ? 119 ALA A CB  1 
ATOM   775  N N   . VAL A 1 120 ? -5.045  -8.591  -2.385  1.00 27.04 ? 120 VAL A N   1 
ATOM   776  C CA  . VAL A 1 120 ? -3.928  -8.736  -1.466  1.00 31.07 ? 120 VAL A CA  1 
ATOM   777  C C   . VAL A 1 120 ? -3.961  -7.605  -0.490  1.00 34.40 ? 120 VAL A C   1 
ATOM   778  O O   . VAL A 1 120 ? -3.863  -7.833  0.707   1.00 37.41 ? 120 VAL A O   1 
ATOM   779  C CB  . VAL A 1 120 ? -2.563  -8.805  -2.179  1.00 30.89 ? 120 VAL A CB  1 
ATOM   780  C CG1 . VAL A 1 120 ? -1.400  -8.693  -1.181  1.00 30.66 ? 120 VAL A CG1 1 
ATOM   781  C CG2 . VAL A 1 120 ? -2.484  -10.101 -2.979  1.00 29.95 ? 120 VAL A CG2 1 
ATOM   782  N N   . THR A 1 121 ? -4.177  -6.395  -1.006  1.00 31.77 ? 121 THR A N   1 
ATOM   783  C CA  . THR A 1 121 ? -4.199  -5.204  -0.172  1.00 30.92 ? 121 THR A CA  1 
ATOM   784  C C   . THR A 1 121 ? -5.263  -5.297  0.886   1.00 31.75 ? 121 THR A C   1 
ATOM   785  O O   . THR A 1 121 ? -4.995  -5.077  2.042   1.00 35.63 ? 121 THR A O   1 
ATOM   786  C CB  . THR A 1 121 ? -4.487  -3.976  -1.038  1.00 32.71 ? 121 THR A CB  1 
ATOM   787  O OG1 . THR A 1 121 ? -3.368  -3.742  -1.842  1.00 32.81 ? 121 THR A OG1 1 
ATOM   788  C CG2 . THR A 1 121 ? -4.686  -2.736  -0.201  1.00 46.38 ? 121 THR A CG2 1 
ATOM   789  N N   . ARG A 1 122 ? -6.481  -5.619  0.489   1.00 31.66 ? 122 ARG A N   1 
ATOM   790  C CA  . ARG A 1 122 ? -7.582  -5.745  1.449   1.00 37.20 ? 122 ARG A CA  1 
ATOM   791  C C   . ARG A 1 122 ? -7.328  -6.816  2.523   1.00 36.94 ? 122 ARG A C   1 
ATOM   792  O O   . ARG A 1 122 ? -7.564  -6.592  3.707   1.00 34.22 ? 122 ARG A O   1 
ATOM   793  C CB  . ARG A 1 122 ? -8.859  -6.085  0.688   1.00 43.18 ? 122 ARG A CB  1 
ATOM   794  C CG  . ARG A 1 122 ? -10.139 -6.035  1.518   1.00 55.24 ? 122 ARG A CG  1 
ATOM   795  C CD  . ARG A 1 122 ? -11.183 -6.998  0.950   1.00 66.52 ? 122 ARG A CD  1 
ATOM   796  N NE  . ARG A 1 122 ? -10.640 -8.364  0.842   1.00 76.71 ? 122 ARG A NE  1 
ATOM   797  C CZ  . ARG A 1 122 ? -10.527 -9.094  -0.279  1.00 86.20 ? 122 ARG A CZ  1 
ATOM   798  N NH1 . ARG A 1 122 ? -10.976 -8.649  -1.460  1.00 82.77 ? 122 ARG A NH1 1 
ATOM   799  N NH2 . ARG A 1 122 ? -9.968  -10.307 -0.208  1.00 80.89 ? 122 ARG A NH2 1 
ATOM   800  N N   . ALA A 1 123 ? -6.890  -7.996  2.090   1.00 33.32 ? 123 ALA A N   1 
ATOM   801  C CA  . ALA A 1 123 ? -6.676  -9.127  3.005   1.00 32.35 ? 123 ALA A CA  1 
ATOM   802  C C   . ALA A 1 123 ? -5.493  -8.834  3.909   1.00 31.38 ? 123 ALA A C   1 
ATOM   803  O O   . ALA A 1 123 ? -5.484  -9.230  5.076   1.00 31.52 ? 123 ALA A O   1 
ATOM   804  C CB  . ALA A 1 123 ? -6.430  -10.408 2.220   1.00 31.21 ? 123 ALA A CB  1 
ATOM   805  N N   . GLY A 1 124 ? -4.483  -8.164  3.369   1.00 27.57 ? 124 GLY A N   1 
ATOM   806  C CA  . GLY A 1 124 ? -3.314  -7.769  4.146   1.00 31.20 ? 124 GLY A CA  1 
ATOM   807  C C   . GLY A 1 124 ? -3.689  -6.795  5.244   1.00 39.57 ? 124 GLY A C   1 
ATOM   808  O O   . GLY A 1 124 ? -3.184  -6.874  6.366   1.00 40.90 ? 124 GLY A O   1 
ATOM   809  N N   . GLN A 1 125 ? -4.622  -5.898  4.933   1.00 41.05 ? 125 GLN A N   1 
ATOM   810  C CA  . GLN A 1 125 ? -5.164  -5.001  5.961   1.00 44.25 ? 125 GLN A CA  1 
ATOM   811  C C   . GLN A 1 125 ? -6.009  -5.765  6.986   1.00 41.65 ? 125 GLN A C   1 
ATOM   812  O O   . GLN A 1 125 ? -5.811  -5.582  8.169   1.00 45.75 ? 125 GLN A O   1 
ATOM   813  C CB  . GLN A 1 125 ? -5.929  -3.821  5.336   1.00 42.84 ? 125 GLN A CB  1 
ATOM   814  C CG  . GLN A 1 125 ? -5.029  -2.772  4.696   1.00 40.04 ? 125 GLN A CG  1 
ATOM   815  C CD  . GLN A 1 125 ? -4.181  -1.968  5.690   1.00 43.57 ? 125 GLN A CD  1 
ATOM   816  O OE1 . GLN A 1 125 ? -4.424  -1.966  6.894   1.00 49.08 ? 125 GLN A OE1 1 
ATOM   817  N NE2 . GLN A 1 125 ? -3.197  -1.260  5.179   1.00 46.95 ? 125 GLN A NE2 1 
ATOM   818  N N   . ALA A 1 126 ? -6.905  -6.637  6.558   1.00 38.84 ? 126 ALA A N   1 
ATOM   819  C CA  . ALA A 1 126 ? -7.693  -7.417  7.494   1.00 40.83 ? 126 ALA A CA  1 
ATOM   820  C C   . ALA A 1 126 ? -6.785  -8.191  8.472   1.00 47.35 ? 126 ALA A C   1 
ATOM   821  O O   . ALA A 1 126 ? -6.978  -8.134  9.684   1.00 50.31 ? 126 ALA A O   1 
ATOM   822  C CB  . ALA A 1 126 ? -8.623  -8.364  6.747   1.00 40.72 ? 126 ALA A CB  1 
ATOM   823  N N   . ALA A 1 127 ? -5.759  -8.859  7.941   1.00 45.15 ? 127 ALA A N   1 
ATOM   824  C CA  . ALA A 1 127 ? -4.806  -9.647  8.742   1.00 43.10 ? 127 ALA A CA  1 
ATOM   825  C C   . ALA A 1 127 ? -3.985  -8.857  9.757   1.00 44.24 ? 127 ALA A C   1 
ATOM   826  O O   . ALA A 1 127 ? -3.387  -9.438  10.656  1.00 43.32 ? 127 ALA A O   1 
ATOM   827  C CB  . ALA A 1 127 ? -3.855  -10.394 7.827   1.00 39.20 ? 127 ALA A CB  1 
ATOM   828  N N   . ARG A 1 128 ? -3.941  -7.534  9.630   1.00 44.06 ? 128 ARG A N   1 
ATOM   829  C CA  . ARG A 1 128 ? -3.258  -6.726  10.616  1.00 39.53 ? 128 ARG A CA  1 
ATOM   830  C C   . ARG A 1 128 ? -3.797  -6.978  11.996  1.00 39.51 ? 128 ARG A C   1 
ATOM   831  O O   . ARG A 1 128 ? -3.046  -6.833  12.962  1.00 37.11 ? 128 ARG A O   1 
ATOM   832  C CB  . ARG A 1 128 ? -3.453  -5.240  10.363  1.00 42.77 ? 128 ARG A CB  1 
ATOM   833  C CG  . ARG A 1 128 ? -2.444  -4.584  9.474   1.00 48.85 ? 128 ARG A CG  1 
ATOM   834  C CD  . ARG A 1 128 ? -2.805  -3.119  9.330   1.00 47.30 ? 128 ARG A CD  1 
ATOM   835  N NE  . ARG A 1 128 ? -1.803  -2.220  9.897   1.00 43.36 ? 128 ARG A NE  1 
ATOM   836  C CZ  . ARG A 1 128 ? -1.522  -1.018  9.390   1.00 50.84 ? 128 ARG A CZ  1 
ATOM   837  N NH1 . ARG A 1 128 ? -2.184  -0.565  8.332   1.00 54.07 ? 128 ARG A NH1 1 
ATOM   838  N NH2 . ARG A 1 128 ? -0.576  -0.262  9.928   1.00 51.60 ? 128 ARG A NH2 1 
ATOM   839  N N   . ALA A 1 129 ? -5.110  -7.212  12.092  1.00 49.92 ? 129 ALA A N   1 
ATOM   840  C CA  . ALA A 1 129 ? -5.775  -7.478  13.391  1.00 54.46 ? 129 ALA A CA  1 
ATOM   841  C C   . ALA A 1 129 ? -5.327  -8.804  14.018  1.00 57.49 ? 129 ALA A C   1 
ATOM   842  O O   . ALA A 1 129 ? -5.151  -8.908  15.229  1.00 62.09 ? 129 ALA A O   1 
ATOM   843  C CB  . ALA A 1 129 ? -7.291  -7.463  13.243  1.00 49.81 ? 129 ALA A CB  1 
ATOM   844  N N   . THR A 1 130 ? -5.084  -9.796  13.184  1.00 55.11 ? 130 THR A N   1 
ATOM   845  C CA  . THR A 1 130 ? -4.813  -11.133 13.663  1.00 50.92 ? 130 THR A CA  1 
ATOM   846  C C   . THR A 1 130 ? -3.318  -11.419 13.716  1.00 51.14 ? 130 THR A C   1 
ATOM   847  O O   . THR A 1 130 ? -2.882  -12.215 14.529  1.00 58.93 ? 130 THR A O   1 
ATOM   848  C CB  . THR A 1 130 ? -5.479  -12.150 12.739  1.00 50.76 ? 130 THR A CB  1 
ATOM   849  O OG1 . THR A 1 130 ? -4.671  -12.311 11.576  1.00 57.45 ? 130 THR A OG1 1 
ATOM   850  C CG2 . THR A 1 130 ? -6.850  -11.678 12.305  1.00 55.24 ? 130 THR A CG2 1 
ATOM   851  N N   . SER A 1 131 ? -2.521  -10.798 12.839  1.00 48.02 ? 131 SER A N   1 
ATOM   852  C CA  . SER A 1 131 ? -1.170  -11.252 12.605  1.00 41.70 ? 131 SER A CA  1 
ATOM   853  C C   . SER A 1 131 ? -0.117  -10.243 13.024  1.00 47.11 ? 131 SER A C   1 
ATOM   854  O O   . SER A 1 131 ? -0.077  -9.109  12.551  1.00 42.52 ? 131 SER A O   1 
ATOM   855  C CB  . SER A 1 131 ? -0.975  -11.620 11.147  1.00 43.35 ? 131 SER A CB  1 
ATOM   856  O OG  . SER A 1 131 ? 0.409   -11.705 10.866  1.00 43.29 ? 131 SER A OG  1 
ATOM   857  N N   . VAL A 1 132 ? 0.790   -10.696 13.870  1.00 48.80 ? 132 VAL A N   1 
ATOM   858  C CA  . VAL A 1 132 ? 1.855   -9.851  14.382  1.00 47.70 ? 132 VAL A CA  1 
ATOM   859  C C   . VAL A 1 132 ? 2.814   -9.459  13.280  1.00 46.60 ? 132 VAL A C   1 
ATOM   860  O O   . VAL A 1 132 ? 3.173   -8.289  13.199  1.00 44.58 ? 132 VAL A O   1 
ATOM   861  C CB  . VAL A 1 132 ? 2.606   -10.525 15.559  1.00 51.11 ? 132 VAL A CB  1 
ATOM   862  C CG1 . VAL A 1 132 ? 3.989   -9.922  15.788  1.00 54.84 ? 132 VAL A CG1 1 
ATOM   863  C CG2 . VAL A 1 132 ? 1.784   -10.391 16.824  1.00 55.50 ? 132 VAL A CG2 1 
ATOM   864  N N   . GLU A 1 133 ? 3.240   -10.396 12.429  1.00 41.18 ? 133 GLU A N   1 
ATOM   865  C CA  . GLU A 1 133 ? 4.190   -10.017 11.390  1.00 43.04 ? 133 GLU A CA  1 
ATOM   866  C C   . GLU A 1 133 ? 3.556   -9.096  10.342  1.00 32.50 ? 133 GLU A C   1 
ATOM   867  O O   . GLU A 1 133 ? 4.261   -8.263  9.780   1.00 34.89 ? 133 GLU A O   1 
ATOM   868  C CB  . GLU A 1 133 ? 4.784   -11.215 10.651  1.00 51.94 ? 133 GLU A CB  1 
ATOM   869  C CG  . GLU A 1 133 ? 5.620   -12.127 11.509  1.00 58.17 ? 133 GLU A CG  1 
ATOM   870  C CD  . GLU A 1 133 ? 4.906   -13.422 11.789  1.00 67.99 ? 133 GLU A CD  1 
ATOM   871  O OE1 . GLU A 1 133 ? 3.722   -13.375 12.231  1.00 71.21 ? 133 GLU A OE1 1 
ATOM   872  O OE2 . GLU A 1 133 ? 5.529   -14.482 11.546  1.00 76.45 ? 133 GLU A OE2 1 
ATOM   873  N N   . VAL A 1 134 ? 2.284   -9.314  10.030  1.00 33.69 ? 134 VAL A N   1 
ATOM   874  C CA  . VAL A 1 134 ? 1.631   -8.461  9.036   1.00 35.18 ? 134 VAL A CA  1 
ATOM   875  C C   . VAL A 1 134 ? 1.569   -7.040  9.589   1.00 36.58 ? 134 VAL A C   1 
ATOM   876  O O   . VAL A 1 134 ? 1.933   -6.096  8.895   1.00 34.28 ? 134 VAL A O   1 
ATOM   877  C CB  . VAL A 1 134 ? 0.234   -8.958  8.667   1.00 37.25 ? 134 VAL A CB  1 
ATOM   878  C CG1 . VAL A 1 134 ? -0.513  -7.901  7.844   1.00 33.96 ? 134 VAL A CG1 1 
ATOM   879  C CG2 . VAL A 1 134 ? 0.348   -10.259 7.880   1.00 34.95 ? 134 VAL A CG2 1 
ATOM   880  N N   . ALA A 1 135 ? 1.169   -6.911  10.863  1.00 36.20 ? 135 ALA A N   1 
ATOM   881  C CA  . ALA A 1 135 ? 1.124   -5.600  11.523  1.00 38.13 ? 135 ALA A CA  1 
ATOM   882  C C   . ALA A 1 135 ? 2.487   -4.902  11.522  1.00 34.79 ? 135 ALA A C   1 
ATOM   883  O O   . ALA A 1 135 ? 2.599   -3.675  11.237  1.00 31.27 ? 135 ALA A O   1 
ATOM   884  C CB  . ALA A 1 135 ? 0.567   -5.743  12.940  1.00 38.97 ? 135 ALA A CB  1 
ATOM   885  N N   . GLU A 1 136 ? 3.549   -5.679  11.731  1.00 30.95 ? 136 GLU A N   1 
ATOM   886  C CA  . GLU A 1 136 ? 4.887   -5.127  11.741  1.00 32.05 ? 136 GLU A CA  1 
ATOM   887  C C   . GLU A 1 136 ? 5.394   -4.699  10.368  1.00 26.46 ? 136 GLU A C   1 
ATOM   888  O O   . GLU A 1 136 ? 6.106   -3.700  10.246  1.00 27.69 ? 136 GLU A O   1 
ATOM   889  C CB  . GLU A 1 136 ? 5.885   -6.093  12.417  1.00 36.10 ? 136 GLU A CB  1 
ATOM   890  C CG  . GLU A 1 136 ? 5.509   -6.390  13.862  1.00 46.04 ? 136 GLU A CG  1 
ATOM   891  C CD  . GLU A 1 136 ? 6.589   -7.172  14.589  1.00 62.00 ? 136 GLU A CD  1 
ATOM   892  O OE1 . GLU A 1 136 ? 7.661   -6.582  14.849  1.00 70.18 ? 136 GLU A OE1 1 
ATOM   893  O OE2 . GLU A 1 136 ? 6.375   -8.377  14.877  1.00 74.94 ? 136 GLU A OE2 1 
ATOM   894  N N   . LEU A 1 137 ? 5.027   -5.454  9.336   1.00 26.53 ? 137 LEU A N   1 
ATOM   895  C CA  . LEU A 1 137 ? 5.349   -5.102  7.992   1.00 25.97 ? 137 LEU A CA  1 
ATOM   896  C C   . LEU A 1 137 ? 4.688   -3.774  7.586   1.00 23.67 ? 137 LEU A C   1 
ATOM   897  O O   . LEU A 1 137 ? 5.351   -2.867  7.094   1.00 25.14 ? 137 LEU A O   1 
ATOM   898  C CB  . LEU A 1 137 ? 4.923   -6.226  7.049   1.00 29.72 ? 137 LEU A CB  1 
ATOM   899  C CG  . LEU A 1 137 ? 5.262   -5.956  5.593   1.00 31.69 ? 137 LEU A CG  1 
ATOM   900  C CD1 . LEU A 1 137 ? 6.770   -6.015  5.390   1.00 37.36 ? 137 LEU A CD1 1 
ATOM   901  C CD2 . LEU A 1 137 ? 4.570   -6.947  4.681   1.00 37.67 ? 137 LEU A CD2 1 
ATOM   902  N N   . TRP A 1 138 ? 3.404   -3.663  7.826   1.00 25.38 ? 138 TRP A N   1 
ATOM   903  C CA  . TRP A 1 138 ? 2.711   -2.391  7.589   1.00 28.40 ? 138 TRP A CA  1 
ATOM   904  C C   . TRP A 1 138 ? 3.314   -1.234  8.387   1.00 27.08 ? 138 TRP A C   1 
ATOM   905  O O   . TRP A 1 138 ? 3.570   -0.136  7.861   1.00 26.49 ? 138 TRP A O   1 
ATOM   906  C CB  . TRP A 1 138 ? 1.230   -2.521  7.871   1.00 30.52 ? 138 TRP A CB  1 
ATOM   907  C CG  . TRP A 1 138 ? 0.436   -3.066  6.774   1.00 41.56 ? 138 TRP A CG  1 
ATOM   908  C CD1 . TRP A 1 138 ? -0.296  -4.221  6.785   1.00 48.39 ? 138 TRP A CD1 1 
ATOM   909  C CD2 . TRP A 1 138 ? 0.182   -2.442  5.499   1.00 43.31 ? 138 TRP A CD2 1 
ATOM   910  N NE1 . TRP A 1 138 ? -0.969  -4.366  5.591   1.00 50.48 ? 138 TRP A NE1 1 
ATOM   911  C CE2 . TRP A 1 138 ? -0.683  -3.296  4.783   1.00 50.55 ? 138 TRP A CE2 1 
ATOM   912  C CE3 . TRP A 1 138 ? 0.586   -1.238  4.908   1.00 44.38 ? 138 TRP A CE3 1 
ATOM   913  C CZ2 . TRP A 1 138 ? -1.141  -2.985  3.490   1.00 48.85 ? 138 TRP A CZ2 1 
ATOM   914  C CZ3 . TRP A 1 138 ? 0.143   -0.938  3.626   1.00 42.98 ? 138 TRP A CZ3 1 
ATOM   915  C CH2 . TRP A 1 138 ? -0.697  -1.811  2.930   1.00 44.77 ? 138 TRP A CH2 1 
ATOM   916  N N   . SER A 1 139 ? 3.577   -1.478  9.660   1.00 29.08 ? 139 SER A N   1 
ATOM   917  C CA  . SER A 1 139 ? 4.172   -0.459  10.505  1.00 26.13 ? 139 SER A CA  1 
ATOM   918  C C   . SER A 1 139 ? 5.508   0.027   10.025  1.00 26.46 ? 139 SER A C   1 
ATOM   919  O O   . SER A 1 139 ? 5.700   1.234   9.877   1.00 25.73 ? 139 SER A O   1 
ATOM   920  C CB  . SER A 1 139 ? 4.165   -0.898  11.974  1.00 30.94 ? 139 SER A CB  1 
ATOM   921  O OG  . SER A 1 139 ? 5.057   -0.072  12.683  1.00 40.48 ? 139 SER A OG  1 
ATOM   922  N N   . THR A 1 140 ? 6.401   -0.882  9.639   1.00 25.07 ? 140 THR A N   1 
ATOM   923  C CA  . THR A 1 140 ? 7.699   -0.510  9.139   1.00 25.12 ? 140 THR A CA  1 
ATOM   924  C C   . THR A 1 140 ? 7.619   0.375   7.958   1.00 23.14 ? 140 THR A C   1 
ATOM   925  O O   . THR A 1 140 ? 8.373   1.334   7.877   1.00 23.06 ? 140 THR A O   1 
ATOM   926  C CB  . THR A 1 140 ? 8.562   -1.738  8.743   1.00 30.43 ? 140 THR A CB  1 
ATOM   927  O OG1 . THR A 1 140 ? 8.705   -2.560  9.883   1.00 37.91 ? 140 THR A OG1 1 
ATOM   928  C CG2 . THR A 1 140 ? 9.938   -1.368  8.281   1.00 34.90 ? 140 THR A CG2 1 
ATOM   929  N N   . PHE A 1 141 ? 6.792   0.007   6.986   1.00 21.67 ? 141 PHE A N   1 
ATOM   930  C CA  . PHE A 1 141 ? 6.771   0.742   5.755   1.00 22.08 ? 141 PHE A CA  1 
ATOM   931  C C   . PHE A 1 141 ? 6.020   2.072   5.905   1.00 20.27 ? 141 PHE A C   1 
ATOM   932  O O   . PHE A 1 141 ? 6.456   3.079   5.350   1.00 19.97 ? 141 PHE A O   1 
ATOM   933  C CB  . PHE A 1 141 ? 6.212   -0.105  4.650   1.00 25.91 ? 141 PHE A CB  1 
ATOM   934  C CG  . PHE A 1 141 ? 7.266   -0.987  4.027   1.00 26.68 ? 141 PHE A CG  1 
ATOM   935  C CD1 . PHE A 1 141 ? 8.088   -0.493  3.058   1.00 25.88 ? 141 PHE A CD1 1 
ATOM   936  C CD2 . PHE A 1 141 ? 7.494   -2.274  4.524   1.00 31.85 ? 141 PHE A CD2 1 
ATOM   937  C CE1 . PHE A 1 141 ? 9.086   -1.292  2.503   1.00 30.35 ? 141 PHE A CE1 1 
ATOM   938  C CE2 . PHE A 1 141 ? 8.497   -3.069  3.976   1.00 32.26 ? 141 PHE A CE2 1 
ATOM   939  C CZ  . PHE A 1 141 ? 9.254   -2.580  2.940   1.00 29.83 ? 141 PHE A CZ  1 
ATOM   940  N N   . MET A 1 142 ? 5.001   2.066   6.746   1.00 22.43 ? 142 MET A N   1 
ATOM   941  C CA  . MET A 1 142 ? 4.298   3.335   7.053   1.00 22.48 ? 142 MET A CA  1 
ATOM   942  C C   . MET A 1 142 ? 5.282   4.317   7.721   1.00 22.75 ? 142 MET A C   1 
ATOM   943  O O   . MET A 1 142 ? 5.322   5.511   7.365   1.00 23.85 ? 142 MET A O   1 
ATOM   944  C CB  . MET A 1 142 ? 3.007   3.112   7.859   1.00 22.82 ? 142 MET A CB  1 
ATOM   945  C CG  . MET A 1 142 ? 1.810   2.568   7.101   1.00 33.13 ? 142 MET A CG  1 
ATOM   946  S SD  . MET A 1 142 ? 1.318   3.662   5.760   1.00 40.54 ? 142 MET A SD  1 
ATOM   947  C CE  . MET A 1 142 ? 0.777   5.096   6.666   1.00 34.56 ? 142 MET A CE  1 
ATOM   948  N N   . GLN A 1 143 ? 6.146   3.833   8.619   1.00 24.85 ? 143 GLN A N   1 
ATOM   949  C CA  . GLN A 1 143 ? 7.067   4.742   9.272   1.00 24.39 ? 143 GLN A CA  1 
ATOM   950  C C   . GLN A 1 143 ? 8.008   5.314   8.266   1.00 21.74 ? 143 GLN A C   1 
ATOM   951  O O   . GLN A 1 143 ? 8.315   6.495   8.292   1.00 18.90 ? 143 GLN A O   1 
ATOM   952  C CB  . GLN A 1 143 ? 7.819   4.092   10.414  1.00 28.22 ? 143 GLN A CB  1 
ATOM   953  C CG  . GLN A 1 143 ? 6.845   3.571   11.458  1.00 38.27 ? 143 GLN A CG  1 
ATOM   954  C CD  . GLN A 1 143 ? 7.468   3.213   12.797  1.00 49.76 ? 143 GLN A CD  1 
ATOM   955  O OE1 . GLN A 1 143 ? 6.883   3.480   13.860  1.00 65.45 ? 143 GLN A OE1 1 
ATOM   956  N NE2 . GLN A 1 143 ? 8.617   2.565   12.755  1.00 46.83 ? 143 GLN A NE2 1 
ATOM   957  N N   . LYS A 1 144 ? 8.439   4.490   7.325   1.00 22.26 ? 144 LYS A N   1 
ATOM   958  C CA  . LYS A 1 144 ? 9.331   4.958   6.299   1.00 21.23 ? 144 LYS A CA  1 
ATOM   959  C C   . LYS A 1 144 ? 8.719   6.016   5.366   1.00 19.65 ? 144 LYS A C   1 
ATOM   960  O O   . LYS A 1 144 ? 9.343   7.010   5.039   1.00 18.04 ? 144 LYS A O   1 
ATOM   961  C CB  . LYS A 1 144 ? 9.842   3.743   5.519   1.00 27.55 ? 144 LYS A CB  1 
ATOM   962  C CG  . LYS A 1 144 ? 10.830  4.136   4.469   1.00 34.21 ? 144 LYS A CG  1 
ATOM   963  C CD  . LYS A 1 144 ? 11.459  2.918   3.801   1.00 42.19 ? 144 LYS A CD  1 
ATOM   964  C CE  . LYS A 1 144 ? 12.221  3.385   2.566   1.00 43.42 ? 144 LYS A CE  1 
ATOM   965  N NZ  . LYS A 1 144 ? 12.771  2.218   1.824   1.00 45.43 ? 144 LYS A NZ  1 
ATOM   966  N N   . TRP A 1 145 ? 7.485   5.801   4.941   1.00 19.50 ? 145 TRP A N   1 
ATOM   967  C CA  . TRP A 1 145 ? 6.849   6.693   4.023   1.00 19.80 ? 145 TRP A CA  1 
ATOM   968  C C   . TRP A 1 145 ? 6.437   8.008   4.700   1.00 18.95 ? 145 TRP A C   1 
ATOM   969  O O   . TRP A 1 145 ? 6.508   9.076   4.097   1.00 19.61 ? 145 TRP A O   1 
ATOM   970  C CB  . TRP A 1 145 ? 5.624   5.988   3.470   1.00 22.80 ? 145 TRP A CB  1 
ATOM   971  C CG  . TRP A 1 145 ? 5.976   4.743   2.697   1.00 24.56 ? 145 TRP A CG  1 
ATOM   972  C CD1 . TRP A 1 145 ? 7.113   4.553   1.953   1.00 21.99 ? 145 TRP A CD1 1 
ATOM   973  C CD2 . TRP A 1 145 ? 5.179   3.544   2.543   1.00 24.49 ? 145 TRP A CD2 1 
ATOM   974  N NE1 . TRP A 1 145 ? 7.098   3.294   1.418   1.00 24.68 ? 145 TRP A NE1 1 
ATOM   975  C CE2 . TRP A 1 145 ? 5.914   2.665   1.736   1.00 25.19 ? 145 TRP A CE2 1 
ATOM   976  C CE3 . TRP A 1 145 ? 3.909   3.142   2.990   1.00 27.96 ? 145 TRP A CE3 1 
ATOM   977  C CZ2 . TRP A 1 145 ? 5.408   1.420   1.336   1.00 24.46 ? 145 TRP A CZ2 1 
ATOM   978  C CZ3 . TRP A 1 145 ? 3.440   1.863   2.657   1.00 26.85 ? 145 TRP A CZ3 1 
ATOM   979  C CH2 . TRP A 1 145 ? 4.165   1.043   1.799   1.00 25.73 ? 145 TRP A CH2 1 
ATOM   980  N N   . ILE A 1 146 ? 6.077   7.896   5.979   1.00 19.08 ? 146 ILE A N   1 
ATOM   981  C CA  . ILE A 1 146 ? 5.834   9.086   6.810   1.00 18.56 ? 146 ILE A CA  1 
ATOM   982  C C   . ILE A 1 146 ? 7.096   9.917   6.939   1.00 18.60 ? 146 ILE A C   1 
ATOM   983  O O   . ILE A 1 146 ? 7.049   11.135  6.768   1.00 18.01 ? 146 ILE A O   1 
ATOM   984  C CB  . ILE A 1 146 ? 5.170   8.754   8.148   1.00 19.04 ? 146 ILE A CB  1 
ATOM   985  C CG1 . ILE A 1 146 ? 3.729   8.322   7.901   1.00 20.67 ? 146 ILE A CG1 1 
ATOM   986  C CG2 . ILE A 1 146 ? 5.211   10.014  9.042   1.00 21.18 ? 146 ILE A CG2 1 
ATOM   987  C CD1 . ILE A 1 146 ? 3.054   7.551   9.027   1.00 22.04 ? 146 ILE A CD1 1 
ATOM   988  N N   . ALA A 1 147 ? 8.219   9.278   7.238   1.00 18.99 ? 147 ALA A N   1 
ATOM   989  C CA  . ALA A 1 147 ? 9.511   9.963   7.403   1.00 22.22 ? 147 ALA A CA  1 
ATOM   990  C C   . ALA A 1 147 ? 9.933   10.683  6.159   1.00 21.64 ? 147 ALA A C   1 
ATOM   991  O O   . ALA A 1 147 ? 10.289  11.844  6.220   1.00 20.04 ? 147 ALA A O   1 
ATOM   992  C CB  . ALA A 1 147 ? 10.616  8.991   7.822   1.00 23.73 ? 147 ALA A CB  1 
ATOM   993  N N   . TYR A 1 148 ? 9.716   10.033  5.021   1.00 21.52 ? 148 TYR A N   1 
ATOM   994  C CA  . TYR A 1 148 ? 10.010  10.637  3.734   1.00 22.39 ? 148 TYR A CA  1 
ATOM   995  C C   . TYR A 1 148 ? 9.152   11.857  3.450   1.00 22.14 ? 148 TYR A C   1 
ATOM   996  O O   . TYR A 1 148 ? 9.668   12.910  3.087   1.00 22.12 ? 148 TYR A O   1 
ATOM   997  C CB  . TYR A 1 148 ? 9.929   9.537   2.625   1.00 26.74 ? 148 TYR A CB  1 
ATOM   998  C CG  . TYR A 1 148 ? 10.239  10.096  1.295   1.00 30.65 ? 148 TYR A CG  1 
ATOM   999  C CD1 . TYR A 1 148 ? 11.505  10.625  1.030   1.00 35.76 ? 148 TYR A CD1 1 
ATOM   1000 C CD2 . TYR A 1 148 ? 9.240   10.263  0.352   1.00 37.74 ? 148 TYR A CD2 1 
ATOM   1001 C CE1 . TYR A 1 148 ? 11.792  11.269  -0.172  1.00 37.45 ? 148 TYR A CE1 1 
ATOM   1002 C CE2 . TYR A 1 148 ? 9.515   10.873  -0.870  1.00 43.46 ? 148 TYR A CE2 1 
ATOM   1003 C CZ  . TYR A 1 148 ? 10.789  11.383  -1.123  1.00 44.41 ? 148 TYR A CZ  1 
ATOM   1004 O OH  . TYR A 1 148 ? 11.070  11.992  -2.323  1.00 55.07 ? 148 TYR A OH  1 
ATOM   1005 N N   . THR A 1 149 ? 7.845   11.734  3.685   1.00 21.29 ? 149 THR A N   1 
ATOM   1006 C CA  . THR A 1 149 ? 6.885   12.821  3.530   1.00 20.33 ? 149 THR A CA  1 
ATOM   1007 C C   . THR A 1 149 ? 7.298   14.009  4.384   1.00 18.66 ? 149 THR A C   1 
ATOM   1008 O O   . THR A 1 149 ? 7.440   15.128  3.917   1.00 21.73 ? 149 THR A O   1 
ATOM   1009 C CB  . THR A 1 149 ? 5.464   12.345  3.979   1.00 20.20 ? 149 THR A CB  1 
ATOM   1010 O OG1 . THR A 1 149 ? 5.028   11.219  3.187   1.00 18.80 ? 149 THR A OG1 1 
ATOM   1011 C CG2 . THR A 1 149 ? 4.480   13.465  3.826   1.00 22.05 ? 149 THR A CG2 1 
ATOM   1012 N N   . ALA A 1 150 ? 7.603   13.717  5.638   1.00 20.84 ? 150 ALA A N   1 
ATOM   1013 C CA  . ALA A 1 150 ? 8.053   14.773  6.568   1.00 20.98 ? 150 ALA A CA  1 
ATOM   1014 C C   . ALA A 1 150 ? 9.332   15.495  6.076   1.00 20.43 ? 150 ALA A C   1 
ATOM   1015 O O   . ALA A 1 150 ? 9.447   16.704  6.205   1.00 22.38 ? 150 ALA A O   1 
ATOM   1016 C CB  . ALA A 1 150 ? 8.277   14.208  7.957   1.00 21.27 ? 150 ALA A CB  1 
ATOM   1017 N N   . ALA A 1 151 ? 10.240  14.733  5.497   1.00 23.43 ? 151 ALA A N   1 
ATOM   1018 C CA  . ALA A 1 151 ? 11.503  15.302  4.966   1.00 23.55 ? 151 ALA A CA  1 
ATOM   1019 C C   . ALA A 1 151 ? 11.244  16.192  3.783   1.00 23.87 ? 151 ALA A C   1 
ATOM   1020 O O   . ALA A 1 151 ? 11.865  17.234  3.654   1.00 26.26 ? 151 ALA A O   1 
ATOM   1021 C CB  . ALA A 1 151 ? 12.486  14.217  4.599   1.00 24.07 ? 151 ALA A CB  1 
ATOM   1022 N N   . VAL A 1 152 ? 10.280  15.830  2.930   1.00 25.13 ? 152 VAL A N   1 
ATOM   1023 C CA  . VAL A 1 152 ? 9.957   16.694  1.787   1.00 24.11 ? 152 VAL A CA  1 
ATOM   1024 C C   . VAL A 1 152 ? 9.314   18.002  2.265   1.00 24.19 ? 152 VAL A C   1 
ATOM   1025 O O   . VAL A 1 152 ? 9.694   19.119  1.841   1.00 23.95 ? 152 VAL A O   1 
ATOM   1026 C CB  . VAL A 1 152 ? 9.079   15.944  0.717   1.00 25.46 ? 152 VAL A CB  1 
ATOM   1027 C CG1 . VAL A 1 152 ? 8.683   16.857  -0.438  1.00 27.23 ? 152 VAL A CG1 1 
ATOM   1028 C CG2 . VAL A 1 152 ? 9.817   14.727  0.170   1.00 27.01 ? 152 VAL A CG2 1 
ATOM   1029 N N   . ILE A 1 153 ? 8.386   17.882  3.213   1.00 22.92 ? 153 ILE A N   1 
ATOM   1030 C CA  . ILE A 1 153 ? 7.743   19.021  3.805   1.00 21.51 ? 153 ILE A CA  1 
ATOM   1031 C C   . ILE A 1 153 ? 8.750   19.963  4.437   1.00 22.59 ? 153 ILE A C   1 
ATOM   1032 O O   . ILE A 1 153 ? 8.671   21.182  4.234   1.00 26.82 ? 153 ILE A O   1 
ATOM   1033 C CB  . ILE A 1 153 ? 6.713   18.570  4.863   1.00 19.62 ? 153 ILE A CB  1 
ATOM   1034 C CG1 . ILE A 1 153 ? 5.560   17.855  4.151   1.00 18.96 ? 153 ILE A CG1 1 
ATOM   1035 C CG2 . ILE A 1 153 ? 6.194   19.761  5.628   1.00 23.00 ? 153 ILE A CG2 1 
ATOM   1036 C CD1 . ILE A 1 153 ? 4.514   17.256  5.064   1.00 20.13 ? 153 ILE A CD1 1 
ATOM   1037 N N   . ASP A 1 154 ? 9.693   19.393  5.180   1.00 25.76 ? 154 ASP A N   1 
ATOM   1038 C CA  . ASP A 1 154 ? 10.783  20.191  5.762   1.00 29.73 ? 154 ASP A CA  1 
ATOM   1039 C C   . ASP A 1 154 ? 11.607  20.910  4.698   1.00 33.65 ? 154 ASP A C   1 
ATOM   1040 O O   . ASP A 1 154 ? 11.966  22.082  4.892   1.00 33.34 ? 154 ASP A O   1 
ATOM   1041 C CB  . ASP A 1 154 ? 11.715  19.352  6.635   1.00 31.96 ? 154 ASP A CB  1 
ATOM   1042 C CG  . ASP A 1 154 ? 11.115  19.036  7.999   1.00 40.88 ? 154 ASP A CG  1 
ATOM   1043 O OD1 . ASP A 1 154 ? 10.366  19.877  8.555   1.00 48.37 ? 154 ASP A OD1 1 
ATOM   1044 O OD2 . ASP A 1 154 ? 11.354  17.907  8.488   1.00 49.16 ? 154 ASP A OD2 1 
ATOM   1045 N N   . ALA A 1 155 ? 11.911  20.209  3.610   1.00 34.87 ? 155 ALA A N   1 
ATOM   1046 C CA  . ALA A 1 155 ? 12.681  20.777  2.490   1.00 33.55 ? 155 ALA A CA  1 
ATOM   1047 C C   . ALA A 1 155 ? 11.904  21.884  1.858   1.00 32.84 ? 155 ALA A C   1 
ATOM   1048 O O   . ALA A 1 155 ? 12.488  22.901  1.479   1.00 37.05 ? 155 ALA A O   1 
ATOM   1049 C CB  . ALA A 1 155 ? 12.979  19.732  1.457   1.00 32.96 ? 155 ALA A CB  1 
ATOM   1050 N N   . GLU A 1 156 ? 10.588  21.706  1.719   1.00 30.51 ? 156 GLU A N   1 
ATOM   1051 C CA  . GLU A 1 156 ? 9.742   22.757  1.185   1.00 30.75 ? 156 GLU A CA  1 
ATOM   1052 C C   . GLU A 1 156 ? 9.700   23.994  2.110   1.00 30.22 ? 156 GLU A C   1 
ATOM   1053 O O   . GLU A 1 156 ? 9.613   25.163  1.666   1.00 30.35 ? 156 GLU A O   1 
ATOM   1054 C CB  . GLU A 1 156 ? 8.321   22.227  0.962   1.00 31.97 ? 156 GLU A CB  1 
ATOM   1055 C CG  . GLU A 1 156 ? 8.133   21.289  -0.222  1.00 33.85 ? 156 GLU A CG  1 
ATOM   1056 C CD  . GLU A 1 156 ? 8.398   21.946  -1.567  1.00 36.97 ? 156 GLU A CD  1 
ATOM   1057 O OE1 . GLU A 1 156 ? 9.584   22.031  -1.939  1.00 36.63 ? 156 GLU A OE1 1 
ATOM   1058 O OE2 . GLU A 1 156 ? 7.447   22.348  -2.256  1.00 36.12 ? 156 GLU A OE2 1 
ATOM   1059 N N   . ARG A 1 157 ? 9.743   23.750  3.408   1.00 27.13 ? 157 ARG A N   1 
ATOM   1060 C CA  . ARG A 1 157 ? 9.730   24.853  4.365   1.00 26.30 ? 157 ARG A CA  1 
ATOM   1061 C C   . ARG A 1 157 ? 11.080  25.597  4.347   1.00 29.07 ? 157 ARG A C   1 
ATOM   1062 O O   . ARG A 1 157 ? 11.115  26.807  4.399   1.00 36.07 ? 157 ARG A O   1 
ATOM   1063 C CB  . ARG A 1 157 ? 9.471   24.339  5.774   1.00 23.67 ? 157 ARG A CB  1 
ATOM   1064 C CG  . ARG A 1 157 ? 8.020   23.944  5.962   1.00 23.11 ? 157 ARG A CG  1 
ATOM   1065 C CD  . ARG A 1 157 ? 7.785   23.186  7.259   1.00 22.93 ? 157 ARG A CD  1 
ATOM   1066 N NE  . ARG A 1 157 ? 6.370   22.911  7.382   1.00 20.76 ? 157 ARG A NE  1 
ATOM   1067 C CZ  . ARG A 1 157 ? 5.771   22.464  8.486   1.00 23.03 ? 157 ARG A CZ  1 
ATOM   1068 N NH1 . ARG A 1 157 ? 6.433   22.262  9.626   1.00 22.31 ? 157 ARG A NH1 1 
ATOM   1069 N NH2 . ARG A 1 157 ? 4.478   22.225  8.437   1.00 24.03 ? 157 ARG A NH2 1 
ATOM   1070 N N   . ASP A 1 158 ? 12.157  24.857  4.284   1.00 30.58 ? 158 ASP A N   1 
ATOM   1071 C CA  . ASP A 1 158 ? 13.504  25.446  4.222   1.00 38.22 ? 158 ASP A CA  1 
ATOM   1072 C C   . ASP A 1 158 ? 13.678  26.338  3.003   1.00 42.14 ? 158 ASP A C   1 
ATOM   1073 O O   . ASP A 1 158 ? 14.309  27.371  3.104   1.00 44.68 ? 158 ASP A O   1 
ATOM   1074 C CB  . ASP A 1 158 ? 14.570  24.355  4.175   1.00 43.22 ? 158 ASP A CB  1 
ATOM   1075 C CG  . ASP A 1 158 ? 14.723  23.638  5.487   1.00 49.82 ? 158 ASP A CG  1 
ATOM   1076 O OD1 . ASP A 1 158 ? 14.194  24.169  6.494   1.00 48.99 ? 158 ASP A OD1 1 
ATOM   1077 O OD2 . ASP A 1 158 ? 15.349  22.538  5.502   1.00 48.03 ? 158 ASP A OD2 1 
ATOM   1078 N N   . ARG A 1 159 ? 13.097  25.950  1.876   1.00 40.85 ? 159 ARG A N   1 
ATOM   1079 C CA  . ARG A 1 159 ? 13.171  26.727  0.660   1.00 40.33 ? 159 ARG A CA  1 
ATOM   1080 C C   . ARG A 1 159 ? 12.152  27.859  0.618   1.00 42.20 ? 159 ARG A C   1 
ATOM   1081 O O   . ARG A 1 159 ? 12.141  28.634  -0.327  1.00 43.25 ? 159 ARG A O   1 
ATOM   1082 C CB  . ARG A 1 159 ? 13.118  25.801  -0.578  1.00 43.19 ? 159 ARG A CB  1 
ATOM   1083 C CG  . ARG A 1 159 ? 11.763  25.556  -1.201  1.00 48.89 ? 159 ARG A CG  1 
ATOM   1084 C CD  . ARG A 1 159 ? 11.835  24.493  -2.310  1.00 54.25 ? 159 ARG A CD  1 
ATOM   1085 N NE  . ARG A 1 159 ? 10.493  24.197  -2.895  1.00 56.71 ? 159 ARG A NE  1 
ATOM   1086 C CZ  . ARG A 1 159 ? 9.815   24.962  -3.766  1.00 55.92 ? 159 ARG A CZ  1 
ATOM   1087 N NH1 . ARG A 1 159 ? 10.333  26.093  -4.225  1.00 66.79 ? 159 ARG A NH1 1 
ATOM   1088 N NH2 . ARG A 1 159 ? 8.590   24.613  -4.167  1.00 51.39 ? 159 ARG A NH2 1 
ATOM   1089 N N   . GLY A 1 160 ? 11.301  27.972  1.635   1.00 34.99 ? 160 GLY A N   1 
ATOM   1090 C CA  . GLY A 1 160 ? 10.347  29.061  1.720   1.00 31.69 ? 160 GLY A CA  1 
ATOM   1091 C C   . GLY A 1 160 ? 9.079   28.864  0.926   1.00 36.21 ? 160 GLY A C   1 
ATOM   1092 O O   . GLY A 1 160 ? 8.265   29.805  0.840   1.00 38.69 ? 160 GLY A O   1 
ATOM   1093 N N   . ALA A 1 161 ? 8.866   27.659  0.373   1.00 36.41 ? 161 ALA A N   1 
ATOM   1094 C CA  . ALA A 1 161 ? 7.642   27.365  -0.408  1.00 32.54 ? 161 ALA A CA  1 
ATOM   1095 C C   . ALA A 1 161 ? 6.429   26.996  0.462   1.00 33.08 ? 161 ALA A C   1 
ATOM   1096 O O   . ALA A 1 161 ? 5.300   27.251  0.085   1.00 31.65 ? 161 ALA A O   1 
ATOM   1097 C CB  . ALA A 1 161 ? 7.904   26.280  -1.399  1.00 31.81 ? 161 ALA A CB  1 
ATOM   1098 N N   . ALA A 1 162 ? 6.679   26.470  1.658   1.00 31.80 ? 162 ALA A N   1 
ATOM   1099 C CA  . ALA A 1 162 ? 5.619   26.073  2.572   1.00 28.66 ? 162 ALA A CA  1 
ATOM   1100 C C   . ALA A 1 162 ? 5.813   26.749  3.913   1.00 29.12 ? 162 ALA A C   1 
ATOM   1101 O O   . ALA A 1 162 ? 6.946   26.828  4.416   1.00 26.60 ? 162 ALA A O   1 
ATOM   1102 C CB  . ALA A 1 162 ? 5.622   24.554  2.753   1.00 26.09 ? 162 ALA A CB  1 
ATOM   1103 N N   . PRO A 1 163 ? 4.717   27.108  4.550   1.00 29.89 ? 163 PRO A N   1 
ATOM   1104 C CA  . PRO A 1 163 ? 4.800   27.792  5.856   1.00 32.59 ? 163 PRO A CA  1 
ATOM   1105 C C   . PRO A 1 163 ? 5.032   26.850  7.042   1.00 34.13 ? 163 PRO A C   1 
ATOM   1106 O O   . PRO A 1 163 ? 4.677   25.669  6.991   1.00 29.21 ? 163 PRO A O   1 
ATOM   1107 C CB  . PRO A 1 163 ? 3.437   28.506  5.956   1.00 30.88 ? 163 PRO A CB  1 
ATOM   1108 C CG  . PRO A 1 163 ? 2.517   27.635  5.173   1.00 34.05 ? 163 PRO A CG  1 
ATOM   1109 C CD  . PRO A 1 163 ? 3.329   27.000  4.067   1.00 31.98 ? 163 PRO A CD  1 
ATOM   1110 N N   . ARG A 1 164 ? 5.630   27.367  8.113   1.00 32.49 ? 164 ARG A N   1 
ATOM   1111 C CA  . ARG A 1 164 ? 5.888   26.547  9.301   1.00 30.91 ? 164 ARG A CA  1 
ATOM   1112 C C   . ARG A 1 164 ? 4.667   26.526  10.175  1.00 29.70 ? 164 ARG A C   1 
ATOM   1113 O O   . ARG A 1 164 ? 4.553   27.277  11.135  1.00 31.69 ? 164 ARG A O   1 
ATOM   1114 C CB  . ARG A 1 164 ? 7.131   27.029  10.076  1.00 31.34 ? 164 ARG A CB  1 
ATOM   1115 C CG  . ARG A 1 164 ? 8.357   27.128  9.161   1.00 39.08 ? 164 ARG A CG  1 
ATOM   1116 C CD  . ARG A 1 164 ? 9.657   27.457  9.893   1.00 43.64 ? 164 ARG A CD  1 
ATOM   1117 N NE  . ARG A 1 164 ? 10.784  27.418  8.955   1.00 46.52 ? 164 ARG A NE  1 
ATOM   1118 C CZ  . ARG A 1 164 ? 11.477  26.324  8.604   1.00 45.76 ? 164 ARG A CZ  1 
ATOM   1119 N NH1 . ARG A 1 164 ? 11.215  25.115  9.104   1.00 43.46 ? 164 ARG A NH1 1 
ATOM   1120 N NH2 . ARG A 1 164 ? 12.442  26.446  7.703   1.00 48.90 ? 164 ARG A NH2 1 
ATOM   1121 N N   . THR A 1 165 ? 3.744   25.643  9.851   1.00 26.97 ? 165 THR A N   1 
ATOM   1122 C CA  . THR A 1 165 ? 2.507   25.525  10.584  1.00 24.40 ? 165 THR A CA  1 
ATOM   1123 C C   . THR A 1 165 ? 2.639   24.395  11.610  1.00 29.10 ? 165 THR A C   1 
ATOM   1124 O O   . THR A 1 165 ? 3.339   24.544  12.599  1.00 31.06 ? 165 THR A O   1 
ATOM   1125 C CB  . THR A 1 165 ? 1.362   25.295  9.599   1.00 25.05 ? 165 THR A CB  1 
ATOM   1126 O OG1 . THR A 1 165 ? 1.737   24.248  8.678   1.00 23.35 ? 165 THR A OG1 1 
ATOM   1127 C CG2 . THR A 1 165 ? 1.032   26.587  8.882   1.00 26.84 ? 165 THR A CG2 1 
ATOM   1128 N N   . LEU A 1 166 ? 2.016   23.247  11.362  1.00 24.67 ? 166 LEU A N   1 
ATOM   1129 C CA  . LEU A 1 166 ? 2.160   22.102  12.210  1.00 22.77 ? 166 LEU A CA  1 
ATOM   1130 C C   . LEU A 1 166 ? 3.532   21.473  12.152  1.00 25.55 ? 166 LEU A C   1 
ATOM   1131 O O   . LEU A 1 166 ? 4.206   21.537  11.114  1.00 27.55 ? 166 LEU A O   1 
ATOM   1132 C CB  . LEU A 1 166 ? 1.235   20.999  11.759  1.00 22.62 ? 166 LEU A CB  1 
ATOM   1133 C CG  . LEU A 1 166 ? -0.257  21.191  11.772  1.00 24.69 ? 166 LEU A CG  1 
ATOM   1134 C CD1 . LEU A 1 166 ? -0.874  19.876  11.328  1.00 24.31 ? 166 LEU A CD1 1 
ATOM   1135 C CD2 . LEU A 1 166 ? -0.691  21.509  13.195  1.00 29.76 ? 166 LEU A CD2 1 
ATOM   1136 N N   . PRO A 1 167 ? 3.907   20.761  13.222  1.00 25.52 ? 167 PRO A N   1 
ATOM   1137 C CA  . PRO A 1 167 ? 5.075   19.878  13.149  1.00 25.70 ? 167 PRO A CA  1 
ATOM   1138 C C   . PRO A 1 167 ? 4.997   18.939  11.935  1.00 24.75 ? 167 PRO A C   1 
ATOM   1139 O O   . PRO A 1 167 ? 4.011   18.286  11.749  1.00 22.39 ? 167 PRO A O   1 
ATOM   1140 C CB  . PRO A 1 167 ? 4.992   19.088  14.447  1.00 25.52 ? 167 PRO A CB  1 
ATOM   1141 C CG  . PRO A 1 167 ? 4.258   19.993  15.404  1.00 26.19 ? 167 PRO A CG  1 
ATOM   1142 C CD  . PRO A 1 167 ? 3.254   20.707  14.549  1.00 27.52 ? 167 PRO A CD  1 
ATOM   1143 N N   . ALA A 1 168 ? 6.058   18.876  11.157  1.00 22.89 ? 168 ALA A N   1 
ATOM   1144 C CA  . ALA A 1 168 ? 6.021   18.246  9.854   1.00 23.79 ? 168 ALA A CA  1 
ATOM   1145 C C   . ALA A 1 168 ? 5.689   16.763  9.972   1.00 20.14 ? 168 ALA A C   1 
ATOM   1146 O O   . ALA A 1 168 ? 4.950   16.201  9.141   1.00 18.61 ? 168 ALA A O   1 
ATOM   1147 C CB  . ALA A 1 168 ? 7.345   18.478  9.095   1.00 22.93 ? 168 ALA A CB  1 
ATOM   1148 N N   . HIS A 1 169 ? 6.191   16.116  11.014  1.00 19.27 ? 169 HIS A N   1 
ATOM   1149 C CA  . HIS A 1 169 ? 6.069   14.687  11.133  1.00 19.19 ? 169 HIS A CA  1 
ATOM   1150 C C   . HIS A 1 169 ? 4.646   14.306  11.590  1.00 20.96 ? 169 HIS A C   1 
ATOM   1151 O O   . HIS A 1 169 ? 4.087   13.316  11.137  1.00 19.64 ? 169 HIS A O   1 
ATOM   1152 C CB  . HIS A 1 169 ? 7.143   14.151  12.061  1.00 23.07 ? 169 HIS A CB  1 
ATOM   1153 C CG  . HIS A 1 169 ? 7.221   12.664  12.086  1.00 22.73 ? 169 HIS A CG  1 
ATOM   1154 N ND1 . HIS A 1 169 ? 6.427   11.896  12.909  1.00 22.76 ? 169 HIS A ND1 1 
ATOM   1155 C CD2 . HIS A 1 169 ? 7.962   11.804  11.364  1.00 21.52 ? 169 HIS A CD2 1 
ATOM   1156 C CE1 . HIS A 1 169 ? 6.677   10.626  12.697  1.00 21.92 ? 169 HIS A CE1 1 
ATOM   1157 N NE2 . HIS A 1 169 ? 7.635   10.545  11.797  1.00 23.63 ? 169 HIS A NE2 1 
ATOM   1158 N N   . GLU A 1 170 ? 4.009   15.185  12.367  1.00 18.62 ? 170 GLU A N   1 
ATOM   1159 C CA  . GLU A 1 170 ? 2.607   14.966  12.729  1.00 21.45 ? 170 GLU A CA  1 
ATOM   1160 C C   . GLU A 1 170 ? 1.679   15.204  11.514  1.00 19.87 ? 170 GLU A C   1 
ATOM   1161 O O   . GLU A 1 170 ? 0.754   14.419  11.242  1.00 20.16 ? 170 GLU A O   1 
ATOM   1162 C CB  . GLU A 1 170 ? 2.238   15.869  13.931  1.00 25.09 ? 170 GLU A CB  1 
ATOM   1163 C CG  . GLU A 1 170 ? 2.938   15.440  15.220  1.00 27.87 ? 170 GLU A CG  1 
ATOM   1164 C CD  . GLU A 1 170 ? 2.970   16.488  16.349  1.00 32.28 ? 170 GLU A CD  1 
ATOM   1165 O OE1 . GLU A 1 170 ? 2.165   17.454  16.317  1.00 26.48 ? 170 GLU A OE1 1 
ATOM   1166 O OE2 . GLU A 1 170 ? 3.839   16.372  17.265  1.00 35.57 ? 170 GLU A OE2 1 
ATOM   1167 N N   . LEU A 1 171 ? 1.921   16.279  10.772  1.00 18.95 ? 171 LEU A N   1 
ATOM   1168 C CA  . LEU A 1 171 ? 1.169   16.573  9.563   1.00 18.14 ? 171 LEU A CA  1 
ATOM   1169 C C   . LEU A 1 171 ? 1.307   15.386  8.542   1.00 20.27 ? 171 LEU A C   1 
ATOM   1170 O O   . LEU A 1 171 ? 0.276   14.838  8.015   1.00 19.42 ? 171 LEU A O   1 
ATOM   1171 C CB  . LEU A 1 171 ? 1.653   17.883  8.974   1.00 19.33 ? 171 LEU A CB  1 
ATOM   1172 C CG  . LEU A 1 171 ? 1.195   18.207  7.558   1.00 20.04 ? 171 LEU A CG  1 
ATOM   1173 C CD1 . LEU A 1 171 ? -0.321  18.112  7.457   1.00 21.21 ? 171 LEU A CD1 1 
ATOM   1174 C CD2 . LEU A 1 171 ? 1.747   19.560  7.064   1.00 21.86 ? 171 LEU A CD2 1 
ATOM   1175 N N   . ALA A 1 172 ? 2.545   14.893  8.395   1.00 17.74 ? 172 ALA A N   1 
ATOM   1176 C CA  . ALA A 1 172 ? 2.832   13.748  7.530   1.00 18.47 ? 172 ALA A CA  1 
ATOM   1177 C C   . ALA A 1 172 ? 2.126   12.487  7.979   1.00 17.24 ? 172 ALA A C   1 
ATOM   1178 O O   . ALA A 1 172 ? 1.585   11.736  7.130   1.00 17.49 ? 172 ALA A O   1 
ATOM   1179 C CB  . ALA A 1 172 ? 4.334   13.493  7.441   1.00 19.71 ? 172 ALA A CB  1 
ATOM   1180 N N   . THR A 1 173 ? 2.069   12.251  9.291   1.00 16.77 ? 173 THR A N   1 
ATOM   1181 C CA  . THR A 1 173 ? 1.396   11.093  9.809   1.00 15.28 ? 173 THR A CA  1 
ATOM   1182 C C   . THR A 1 173 ? -0.120  11.116  9.448   1.00 17.01 ? 173 THR A C   1 
ATOM   1183 O O   . THR A 1 173 ? -0.634  10.180  8.877   1.00 15.17 ? 173 THR A O   1 
ATOM   1184 C CB  . THR A 1 173 ? 1.626   10.975  11.345  1.00 19.69 ? 173 THR A CB  1 
ATOM   1185 O OG1 . THR A 1 173 ? 3.028   10.834  11.603  1.00 18.58 ? 173 THR A OG1 1 
ATOM   1186 C CG2 . THR A 1 173 ? 0.875   9.830   11.916  1.00 19.56 ? 173 THR A CG2 1 
ATOM   1187 N N   . ALA A 1 174 ? -0.809  12.241  9.692   1.00 14.91 ? 174 ALA A N   1 
ATOM   1188 C CA  . ALA A 1 174 ? -2.200  12.311  9.441   1.00 15.19 ? 174 ALA A CA  1 
ATOM   1189 C C   . ALA A 1 174 ? -2.522  12.129  7.983   1.00 15.32 ? 174 ALA A C   1 
ATOM   1190 O O   . ALA A 1 174 ? -3.510  11.456  7.659   1.00 16.07 ? 174 ALA A O   1 
ATOM   1191 C CB  . ALA A 1 174 ? -2.768  13.605  9.990   1.00 16.39 ? 174 ALA A CB  1 
ATOM   1192 N N   . LEU A 1 175 ? -1.711  12.737  7.108   1.00 14.58 ? 175 LEU A N   1 
ATOM   1193 C CA  . LEU A 1 175 ? -1.974  12.723  5.702   1.00 16.02 ? 175 LEU A CA  1 
ATOM   1194 C C   . LEU A 1 175 ? -1.757  11.326  5.175   1.00 15.20 ? 175 LEU A C   1 
ATOM   1195 O O   . LEU A 1 175 ? -2.533  10.854  4.325   1.00 16.08 ? 175 LEU A O   1 
ATOM   1196 C CB  . LEU A 1 175 ? -1.068  13.720  4.971   1.00 16.14 ? 175 LEU A CB  1 
ATOM   1197 C CG  . LEU A 1 175 ? -1.377  15.197  5.209   1.00 17.83 ? 175 LEU A CG  1 
ATOM   1198 C CD1 . LEU A 1 175 ? -0.320  16.049  4.521   1.00 20.46 ? 175 LEU A CD1 1 
ATOM   1199 C CD2 . LEU A 1 175 ? -2.731  15.601  4.686   1.00 16.58 ? 175 LEU A CD2 1 
ATOM   1200 N N   . ASN A 1 176 ? -0.732  10.651  5.668   1.00 15.33 ? 176 ASN A N   1 
ATOM   1201 C CA  . ASN A 1 176 ? -0.489  9.257   5.211   1.00 17.77 ? 176 ASN A CA  1 
ATOM   1202 C C   . ASN A 1 176 ? -1.590  8.294   5.700   1.00 17.59 ? 176 ASN A C   1 
ATOM   1203 O O   . ASN A 1 176 ? -1.979  7.343   5.028   1.00 17.44 ? 176 ASN A O   1 
ATOM   1204 C CB  . ASN A 1 176 ? 0.898   8.799   5.655   1.00 18.95 ? 176 ASN A CB  1 
ATOM   1205 C CG  . ASN A 1 176 ? 1.949   9.150   4.645   1.00 19.99 ? 176 ASN A CG  1 
ATOM   1206 O OD1 . ASN A 1 176 ? 2.093   8.428   3.629   1.00 23.49 ? 176 ASN A OD1 1 
ATOM   1207 N ND2 . ASN A 1 176 ? 2.588   10.282  4.815   1.00 21.33 ? 176 ASN A ND2 1 
ATOM   1208 N N   . LEU A 1 177 ? -2.050  8.496   6.915   1.00 17.31 ? 177 LEU A N   1 
ATOM   1209 C CA  . LEU A 1 177 ? -3.173  7.687   7.463   1.00 15.64 ? 177 LEU A CA  1 
ATOM   1210 C C   . LEU A 1 177 ? -4.472  7.952   6.678   1.00 14.18 ? 177 LEU A C   1 
ATOM   1211 O O   . LEU A 1 177 ? -5.257  7.037   6.398   1.00 15.38 ? 177 LEU A O   1 
ATOM   1212 C CB  . LEU A 1 177 ? -3.362  8.011   8.960   1.00 16.81 ? 177 LEU A CB  1 
ATOM   1213 C CG  . LEU A 1 177 ? -2.269  7.352   9.850   1.00 16.93 ? 177 LEU A CG  1 
ATOM   1214 C CD1 . LEU A 1 177 ? -2.453  7.769   11.277  1.00 17.94 ? 177 LEU A CD1 1 
ATOM   1215 C CD2 . LEU A 1 177 ? -2.162  5.856   9.774   1.00 16.96 ? 177 LEU A CD2 1 
ATOM   1216 N N   . MET A 1 178 ? -4.710  9.206   6.318   1.00 16.50 ? 178 MET A N   1 
ATOM   1217 C CA  . MET A 1 178 ? -5.818  9.525   5.476   1.00 16.19 ? 178 MET A CA  1 
ATOM   1218 C C   . MET A 1 178 ? -5.791  8.743   4.180   1.00 17.09 ? 178 MET A C   1 
ATOM   1219 O O   . MET A 1 178 ? -6.808  8.155   3.765   1.00 18.15 ? 178 MET A O   1 
ATOM   1220 C CB  . MET A 1 178 ? -5.876  11.009  5.136   1.00 18.62 ? 178 MET A CB  1 
ATOM   1221 C CG  . MET A 1 178 ? -6.954  11.306  4.069   1.00 17.43 ? 178 MET A CG  1 
ATOM   1222 S SD  . MET A 1 178 ? -7.093  13.070  3.702   1.00 21.10 ? 178 MET A SD  1 
ATOM   1223 C CE  . MET A 1 178 ? -5.506  13.367  2.909   1.00 19.20 ? 178 MET A CE  1 
ATOM   1224 N N   . ASN A 1 179 ? -4.631  8.733   3.547   1.00 17.08 ? 179 ASN A N   1 
ATOM   1225 C CA  . ASN A 1 179 ? -4.510  8.028   2.284   1.00 17.81 ? 179 ASN A CA  1 
ATOM   1226 C C   . ASN A 1 179 ? -4.738  6.553   2.452   1.00 18.90 ? 179 ASN A C   1 
ATOM   1227 O O   . ASN A 1 179 ? -5.397  5.956   1.635   1.00 19.38 ? 179 ASN A O   1 
ATOM   1228 C CB  . ASN A 1 179 ? -3.149  8.219   1.625   1.00 18.22 ? 179 ASN A CB  1 
ATOM   1229 C CG  . ASN A 1 179 ? -2.995  9.556   1.019   1.00 19.98 ? 179 ASN A CG  1 
ATOM   1230 O OD1 . ASN A 1 179 ? -3.747  10.486  1.294   1.00 19.88 ? 179 ASN A OD1 1 
ATOM   1231 N ND2 . ASN A 1 179 ? -1.947  9.706   0.255   1.00 21.67 ? 179 ASN A ND2 1 
ATOM   1232 N N   . GLU A 1 180 ? -4.120  5.937   3.449   1.00 19.18 ? 180 GLU A N   1 
ATOM   1233 C CA  . GLU A 1 180 ? -4.350  4.508   3.746   1.00 18.88 ? 180 GLU A CA  1 
ATOM   1234 C C   . GLU A 1 180 ? -5.848  4.196   3.858   1.00 21.73 ? 180 GLU A C   1 
ATOM   1235 O O   . GLU A 1 180 ? -6.347  3.263   3.204   1.00 22.97 ? 180 GLU A O   1 
ATOM   1236 C CB  . GLU A 1 180 ? -3.661  4.109   5.045   1.00 23.17 ? 180 GLU A CB  1 
ATOM   1237 C CG  . GLU A 1 180 ? -3.716  2.611   5.364   1.00 24.95 ? 180 GLU A CG  1 
ATOM   1238 C CD  . GLU A 1 180 ? -2.809  2.195   6.554   1.00 34.96 ? 180 GLU A CD  1 
ATOM   1239 O OE1 . GLU A 1 180 ? -3.037  2.673   7.665   1.00 30.46 ? 180 GLU A OE1 1 
ATOM   1240 O OE2 . GLU A 1 180 ? -1.863  1.373   6.384   1.00 47.12 ? 180 GLU A OE2 1 
ATOM   1241 N N   . ARG A 1 181 ? -6.560  4.957   4.678   1.00 17.35 ? 181 ARG A N   1 
ATOM   1242 C CA  . ARG A 1 181 ? -7.954  4.656   4.949   1.00 18.24 ? 181 ARG A CA  1 
ATOM   1243 C C   . ARG A 1 181 ? -8.814  4.884   3.717   1.00 17.51 ? 181 ARG A C   1 
ATOM   1244 O O   . ARG A 1 181 ? -9.778  4.118   3.454   1.00 19.00 ? 181 ARG A O   1 
ATOM   1245 C CB  . ARG A 1 181 ? -8.449  5.480   6.144   1.00 17.67 ? 181 ARG A CB  1 
ATOM   1246 C CG  . ARG A 1 181 ? -9.875  5.166   6.559   1.00 21.48 ? 181 ARG A CG  1 
ATOM   1247 C CD  . ARG A 1 181 ? -10.018 3.796   7.182   1.00 24.39 ? 181 ARG A CD  1 
ATOM   1248 N NE  . ARG A 1 181 ? -11.425 3.574   7.453   1.00 29.05 ? 181 ARG A NE  1 
ATOM   1249 C CZ  . ARG A 1 181 ? -12.251 2.898   6.660   1.00 32.17 ? 181 ARG A CZ  1 
ATOM   1250 N NH1 . ARG A 1 181 ? -11.829 2.354   5.539   1.00 32.85 ? 181 ARG A NH1 1 
ATOM   1251 N NH2 . ARG A 1 181 ? -13.511 2.747   7.010   1.00 36.78 ? 181 ARG A NH2 1 
ATOM   1252 N N   . THR A 1 182 ? -8.508  5.946   3.001   1.00 18.29 ? 182 THR A N   1 
ATOM   1253 C CA  . THR A 1 182 ? -9.326  6.429   1.908   1.00 19.94 ? 182 THR A CA  1 
ATOM   1254 C C   . THR A 1 182 ? -9.106  5.501   0.698   1.00 23.10 ? 182 THR A C   1 
ATOM   1255 O O   . THR A 1 182 ? -10.055 5.102   0.043   1.00 22.85 ? 182 THR A O   1 
ATOM   1256 C CB  . THR A 1 182 ? -8.965  7.900   1.557   1.00 24.94 ? 182 THR A CB  1 
ATOM   1257 O OG1 . THR A 1 182 ? -9.277  8.764   2.660   1.00 24.97 ? 182 THR A OG1 1 
ATOM   1258 C CG2 . THR A 1 182 ? -9.746  8.374   0.332   1.00 25.97 ? 182 THR A CG2 1 
ATOM   1259 N N   . LEU A 1 183 ? -7.846  5.195   0.374   1.00 20.48 ? 183 LEU A N   1 
ATOM   1260 C CA  . LEU A 1 183 ? -7.561  4.210   -0.666  1.00 24.53 ? 183 LEU A CA  1 
ATOM   1261 C C   . LEU A 1 183 ? -8.235  2.867   -0.434  1.00 24.71 ? 183 LEU A C   1 
ATOM   1262 O O   . LEU A 1 183 ? -8.918  2.358   -1.339  1.00 27.37 ? 183 LEU A O   1 
ATOM   1263 C CB  . LEU A 1 183 ? -6.056  4.023   -0.865  1.00 27.52 ? 183 LEU A CB  1 
ATOM   1264 C CG  . LEU A 1 183 ? -5.414  5.261   -1.520  1.00 29.84 ? 183 LEU A CG  1 
ATOM   1265 C CD1 . LEU A 1 183 ? -3.891  5.102   -1.556  1.00 36.09 ? 183 LEU A CD1 1 
ATOM   1266 C CD2 . LEU A 1 183 ? -5.960  5.514   -2.929  1.00 34.47 ? 183 LEU A CD2 1 
ATOM   1267 N N   . PHE A 1 184 ? -8.110  2.344   0.776   1.00 25.47 ? 184 PHE A N   1 
ATOM   1268 C CA  A PHE A 1 184 ? -8.697  1.042   1.193   0.75 24.55 ? 184 PHE A CA  1 
ATOM   1269 C CA  B PHE A 1 184 ? -8.713  1.062   1.082   0.25 26.23 ? 184 PHE A CA  1 
ATOM   1270 C C   . PHE A 1 184 ? -10.205 1.102   1.022   1.00 26.76 ? 184 PHE A C   1 
ATOM   1271 O O   . PHE A 1 184 ? -10.812 0.180   0.445   1.00 26.82 ? 184 PHE A O   1 
ATOM   1272 C CB  A PHE A 1 184 ? -8.298  0.703   2.640   0.75 25.44 ? 184 PHE A CB  1 
ATOM   1273 C CB  B PHE A 1 184 ? -8.247  0.551   2.408   0.25 27.08 ? 184 PHE A CB  1 
ATOM   1274 C CG  A PHE A 1 184 ? -8.897  -0.568  3.204   0.75 29.26 ? 184 PHE A CG  1 
ATOM   1275 C CG  B PHE A 1 184 ? -6.793  0.330   2.429   0.25 30.07 ? 184 PHE A CG  1 
ATOM   1276 C CD1 A PHE A 1 184 ? -10.130 -0.549  3.857   0.75 33.24 ? 184 PHE A CD1 1 
ATOM   1277 C CD1 B PHE A 1 184 ? -6.153  -0.029  1.274   0.25 31.76 ? 184 PHE A CD1 1 
ATOM   1278 C CD2 A PHE A 1 184 ? -8.198  -1.792  3.139   0.75 33.19 ? 184 PHE A CD2 1 
ATOM   1279 C CD2 B PHE A 1 184 ? -6.070  0.539   3.555   0.25 30.16 ? 184 PHE A CD2 1 
ATOM   1280 C CE1 A PHE A 1 184 ? -10.670 -1.704  4.392   0.75 37.07 ? 184 PHE A CE1 1 
ATOM   1281 C CE1 B PHE A 1 184 ? -4.805  -0.206  1.259   0.25 31.88 ? 184 PHE A CE1 1 
ATOM   1282 C CE2 A PHE A 1 184 ? -8.737  -2.953  3.687   0.75 36.15 ? 184 PHE A CE2 1 
ATOM   1283 C CE2 B PHE A 1 184 ? -4.723  0.359   3.540   0.25 32.01 ? 184 PHE A CE2 1 
ATOM   1284 C CZ  A PHE A 1 184 ? -9.971  -2.912  4.304   0.75 37.32 ? 184 PHE A CZ  1 
ATOM   1285 C CZ  B PHE A 1 184 ? -4.087  -0.030  2.398   0.25 31.61 ? 184 PHE A CZ  1 
ATOM   1286 N N   . ALA A 1 185 ? -10.821 2.183   1.515   1.00 23.79 ? 185 ALA A N   1 
ATOM   1287 C CA  . ALA A 1 185 ? -12.274 2.250   1.393   1.00 26.04 ? 185 ALA A CA  1 
ATOM   1288 C C   . ALA A 1 185 ? -12.688 2.277   -0.106  1.00 27.26 ? 185 ALA A C   1 
ATOM   1289 O O   . ALA A 1 185 ? -13.660 1.601   -0.507  1.00 30.39 ? 185 ALA A O   1 
ATOM   1290 C CB  . ALA A 1 185 ? -12.840 3.448   2.114   1.00 26.82 ? 185 ALA A CB  1 
ATOM   1291 N N   . SER A 1 186 ? -12.003 3.093   -0.897  1.00 26.34 ? 186 SER A N   1 
ATOM   1292 C CA  . SER A 1 186 ? -12.291 3.218   -2.327  1.00 28.46 ? 186 SER A CA  1 
ATOM   1293 C C   . SER A 1 186 ? -12.136 1.916   -3.074  1.00 31.21 ? 186 SER A C   1 
ATOM   1294 O O   . SER A 1 186 ? -12.981 1.567   -3.885  1.00 30.89 ? 186 SER A O   1 
ATOM   1295 C CB  . SER A 1 186 ? -11.446 4.304   -3.006  1.00 30.00 ? 186 SER A CB  1 
ATOM   1296 O OG  . SER A 1 186 ? -11.919 5.586   -2.581  1.00 39.87 ? 186 SER A OG  1 
ATOM   1297 N N   . PHE A 1 187 ? -11.066 1.204   -2.811  1.00 30.26 ? 187 PHE A N   1 
ATOM   1298 C CA  . PHE A 1 187 ? -10.815 -0.043  -3.491  1.00 31.73 ? 187 PHE A CA  1 
ATOM   1299 C C   . PHE A 1 187 ? -11.825 -1.090  -3.106  1.00 36.39 ? 187 PHE A C   1 
ATOM   1300 O O   . PHE A 1 187 ? -12.129 -1.937  -3.909  1.00 39.56 ? 187 PHE A O   1 
ATOM   1301 C CB  . PHE A 1 187 ? -9.469  -0.617  -3.113  1.00 28.44 ? 187 PHE A CB  1 
ATOM   1302 C CG  . PHE A 1 187 ? -8.315  0.162   -3.608  1.00 31.08 ? 187 PHE A CG  1 
ATOM   1303 C CD1 . PHE A 1 187 ? -8.407  0.978   -4.733  1.00 30.66 ? 187 PHE A CD1 1 
ATOM   1304 C CD2 . PHE A 1 187 ? -7.091  0.043   -2.965  1.00 31.69 ? 187 PHE A CD2 1 
ATOM   1305 C CE1 . PHE A 1 187 ? -7.293  1.669   -5.198  1.00 30.59 ? 187 PHE A CE1 1 
ATOM   1306 C CE2 . PHE A 1 187 ? -5.990  0.754   -3.419  1.00 32.95 ? 187 PHE A CE2 1 
ATOM   1307 C CZ  . PHE A 1 187 ? -6.096  1.549   -4.541  1.00 31.71 ? 187 PHE A CZ  1 
ATOM   1308 N N   . ALA A 1 188 ? -12.247 -1.097  -1.849  1.00 39.96 ? 188 ALA A N   1 
ATOM   1309 C CA  . ALA A 1 188 ? -13.245 -2.045  -1.360  1.00 36.33 ? 188 ALA A CA  1 
ATOM   1310 C C   . ALA A 1 188 ? -14.662 -1.645  -1.717  1.00 35.93 ? 188 ALA A C   1 
ATOM   1311 O O   . ALA A 1 188 ? -15.579 -2.400  -1.475  1.00 47.42 ? 188 ALA A O   1 
ATOM   1312 C CB  . ALA A 1 188 ? -13.107 -2.218  0.132   1.00 39.41 ? 188 ALA A CB  1 
ATOM   1313 N N   . GLY A 1 189 ? -14.859 -0.463  -2.284  1.00 38.09 ? 189 GLY A N   1 
ATOM   1314 C CA  . GLY A 1 189 ? -16.182 0.078   -2.523  1.00 40.30 ? 189 GLY A CA  1 
ATOM   1315 C C   . GLY A 1 189 ? -17.021 0.151   -1.260  1.00 45.37 ? 189 GLY A C   1 
ATOM   1316 O O   . GLY A 1 189 ? -18.239 -0.044  -1.317  1.00 44.63 ? 189 GLY A O   1 
ATOM   1317 N N   . GLU A 1 190 ? -16.397 0.444   -0.112  1.00 40.26 ? 190 GLU A N   1 
ATOM   1318 C CA  . GLU A 1 190 ? -17.152 0.603   1.131   1.00 34.72 ? 190 GLU A CA  1 
ATOM   1319 C C   . GLU A 1 190 ? -18.158 1.693   0.944   1.00 33.16 ? 190 GLU A C   1 
ATOM   1320 O O   . GLU A 1 190 ? -17.997 2.551   0.091   1.00 32.93 ? 190 GLU A O   1 
ATOM   1321 C CB  . GLU A 1 190 ? -16.269 1.039   2.288   1.00 35.71 ? 190 GLU A CB  1 
ATOM   1322 C CG  . GLU A 1 190 ? -15.387 -0.009  2.886   1.00 38.16 ? 190 GLU A CG  1 
ATOM   1323 C CD  . GLU A 1 190 ? -14.531 0.578   3.996   1.00 43.87 ? 190 GLU A CD  1 
ATOM   1324 O OE1 . GLU A 1 190 ? -15.005 1.452   4.767   1.00 43.90 ? 190 GLU A OE1 1 
ATOM   1325 O OE2 . GLU A 1 190 ? -13.369 0.181   4.088   1.00 53.04 ? 190 GLU A OE2 1 
ATOM   1326 N N   . GLN A 1 191 ? -19.159 1.709   1.815   1.00 35.06 ? 191 GLN A N   1 
ATOM   1327 C CA  . GLN A 1 191 ? -20.038 2.860   2.006   1.00 40.60 ? 191 GLN A CA  1 
ATOM   1328 C C   . GLN A 1 191 ? -19.769 3.314   3.421   1.00 39.92 ? 191 GLN A C   1 
ATOM   1329 O O   . GLN A 1 191 ? -20.045 2.559   4.356   1.00 41.88 ? 191 GLN A O   1 
ATOM   1330 C CB  . GLN A 1 191 ? -21.506 2.478   1.915   1.00 51.41 ? 191 GLN A CB  1 
ATOM   1331 C CG  . GLN A 1 191 ? -22.003 2.308   0.505   1.00 67.38 ? 191 GLN A CG  1 
ATOM   1332 C CD  . GLN A 1 191 ? -23.265 1.481   0.476   1.00 76.61 ? 191 GLN A CD  1 
ATOM   1333 O OE1 . GLN A 1 191 ? -23.301 0.414   -0.141  1.00 82.15 ? 191 GLN A OE1 1 
ATOM   1334 N NE2 . GLN A 1 191 ? -24.293 1.938   1.197   1.00 70.66 ? 191 GLN A NE2 1 
ATOM   1335 N N   . PRO A 1 192 ? -19.220 4.507   3.607   1.00 34.22 ? 192 PRO A N   1 
ATOM   1336 C CA  . PRO A 1 192 ? -18.960 5.535   2.575   1.00 35.30 ? 192 PRO A CA  1 
ATOM   1337 C C   . PRO A 1 192 ? -17.590 5.398   1.935   1.00 28.50 ? 192 PRO A C   1 
ATOM   1338 O O   . PRO A 1 192 ? -16.685 4.755   2.508   1.00 27.28 ? 192 PRO A O   1 
ATOM   1339 C CB  . PRO A 1 192 ? -18.952 6.807   3.407   1.00 37.93 ? 192 PRO A CB  1 
ATOM   1340 C CG  . PRO A 1 192 ? -18.330 6.378   4.689   1.00 39.56 ? 192 PRO A CG  1 
ATOM   1341 C CD  . PRO A 1 192 ? -18.854 4.979   4.954   1.00 37.85 ? 192 PRO A CD  1 
ATOM   1342 N N   . SER A 1 193 ? -17.428 5.943   0.724   1.00 23.19 ? 193 SER A N   1 
ATOM   1343 C CA  . SER A 1 193 ? -16.103 6.028   0.111   1.00 25.25 ? 193 SER A CA  1 
ATOM   1344 C C   . SER A 1 193 ? -16.060 7.068   -0.969  1.00 22.99 ? 193 SER A C   1 
ATOM   1345 O O   . SER A 1 193 ? -17.092 7.454   -1.478  1.00 22.63 ? 193 SER A O   1 
ATOM   1346 C CB  . SER A 1 193 ? -15.600 4.697   -0.464  1.00 28.22 ? 193 SER A CB  1 
ATOM   1347 O OG  . SER A 1 193 ? -16.509 4.171   -1.413  1.00 29.22 ? 193 SER A OG  1 
ATOM   1348 N N   . VAL A 1 194 ? -14.857 7.478   -1.334  1.00 22.32 ? 194 VAL A N   1 
ATOM   1349 C CA  . VAL A 1 194 ? -14.659 8.371   -2.477  1.00 24.50 ? 194 VAL A CA  1 
ATOM   1350 C C   . VAL A 1 194 ? -14.622 7.431   -3.686  1.00 24.04 ? 194 VAL A C   1 
ATOM   1351 O O   . VAL A 1 194 ? -13.987 6.408   -3.632  1.00 21.21 ? 194 VAL A O   1 
ATOM   1352 C CB  . VAL A 1 194 ? -13.334 9.163   -2.329  1.00 22.68 ? 194 VAL A CB  1 
ATOM   1353 C CG1 . VAL A 1 194 ? -13.056 10.024  -3.555  1.00 23.37 ? 194 VAL A CG1 1 
ATOM   1354 C CG2 . VAL A 1 194 ? -13.413 10.041  -1.096  1.00 27.61 ? 194 VAL A CG2 1 
ATOM   1355 N N   . PRO A 1 195 ? -15.326 7.764   -4.762  1.00 23.74 ? 195 PRO A N   1 
ATOM   1356 C CA  . PRO A 1 195 ? -15.182 6.910   -5.936  1.00 22.97 ? 195 PRO A CA  1 
ATOM   1357 C C   . PRO A 1 195 ? -13.726 6.789   -6.402  1.00 21.47 ? 195 PRO A C   1 
ATOM   1358 O O   . PRO A 1 195 ? -12.963 7.767   -6.419  1.00 20.88 ? 195 PRO A O   1 
ATOM   1359 C CB  . PRO A 1 195 ? -15.973 7.683   -7.006  1.00 22.45 ? 195 PRO A CB  1 
ATOM   1360 C CG  . PRO A 1 195 ? -16.932 8.499   -6.271  1.00 25.40 ? 195 PRO A CG  1 
ATOM   1361 C CD  . PRO A 1 195 ? -16.277 8.866   -4.987  1.00 25.36 ? 195 PRO A CD  1 
ATOM   1362 N N   . GLU A 1 196 ? -13.383 5.629   -6.911  1.00 19.73 ? 196 GLU A N   1 
ATOM   1363 C CA  . GLU A 1 196 ? -12.046 5.373   -7.293  1.00 22.43 ? 196 GLU A CA  1 
ATOM   1364 C C   . GLU A 1 196 ? -11.496 6.397   -8.324  1.00 23.00 ? 196 GLU A C   1 
ATOM   1365 O O   . GLU A 1 196 ? -10.376 6.894   -8.204  1.00 19.03 ? 196 GLU A O   1 
ATOM   1366 C CB  . GLU A 1 196 ? -11.958 3.950   -7.785  1.00 26.89 ? 196 GLU A CB  1 
ATOM   1367 C CG  . GLU A 1 196 ? -10.547 3.503   -7.953  1.00 33.24 ? 196 GLU A CG  1 
ATOM   1368 C CD  . GLU A 1 196 ? -10.443 1.997   -8.189  1.00 43.80 ? 196 GLU A CD  1 
ATOM   1369 O OE1 . GLU A 1 196 ? -11.315 1.251   -7.661  1.00 53.75 ? 196 GLU A OE1 1 
ATOM   1370 O OE2 . GLU A 1 196 ? -9.447  1.579   -8.825  1.00 47.66 ? 196 GLU A OE2 1 
ATOM   1371 N N   . ALA A 1 197 ? -12.355 6.834   -9.224  1.00 20.62 ? 197 ALA A N   1 
ATOM   1372 C CA  . ALA A 1 197 ? -11.981 7.825   -10.253 1.00 22.24 ? 197 ALA A CA  1 
ATOM   1373 C C   . ALA A 1 197 ? -11.857 9.241   -9.720  1.00 21.44 ? 197 ALA A C   1 
ATOM   1374 O O   . ALA A 1 197 ? -11.425 10.116  -10.440 1.00 21.60 ? 197 ALA A O   1 
ATOM   1375 C CB  . ALA A 1 197 ? -12.995 7.802   -11.406 1.00 25.40 ? 197 ALA A CB  1 
ATOM   1376 N N   . ARG A 1 198 ? -12.175 9.475   -8.451  1.00 18.06 ? 198 ARG A N   1 
ATOM   1377 C CA  . ARG A 1 198 ? -12.023 10.807  -7.810  1.00 19.76 ? 198 ARG A CA  1 
ATOM   1378 C C   . ARG A 1 198 ? -11.037 10.831  -6.646  1.00 19.77 ? 198 ARG A C   1 
ATOM   1379 O O   . ARG A 1 198 ? -10.750 11.909  -6.115  1.00 19.12 ? 198 ARG A O   1 
ATOM   1380 C CB  . ARG A 1 198 ? -13.400 11.260  -7.281  1.00 22.67 ? 198 ARG A CB  1 
ATOM   1381 C CG  . ARG A 1 198 ? -14.432 11.537  -8.360  1.00 24.47 ? 198 ARG A CG  1 
ATOM   1382 C CD  . ARG A 1 198 ? -13.995 12.710  -9.229  1.00 28.90 ? 198 ARG A CD  1 
ATOM   1383 N NE  . ARG A 1 198 ? -13.677 13.866  -8.349  1.00 30.97 ? 198 ARG A NE  1 
ATOM   1384 C CZ  . ARG A 1 198 ? -12.862 14.867  -8.659  1.00 34.83 ? 198 ARG A CZ  1 
ATOM   1385 N NH1 . ARG A 1 198 ? -12.284 14.912  -9.846  1.00 37.52 ? 198 ARG A NH1 1 
ATOM   1386 N NH2 . ARG A 1 198 ? -12.595 15.826  -7.774  1.00 31.97 ? 198 ARG A NH2 1 
ATOM   1387 N N   . VAL A 1 199 ? -10.497 9.684   -6.257  1.00 20.11 ? 199 VAL A N   1 
ATOM   1388 C CA  A VAL A 1 199 ? -9.686  9.636   -5.025  0.50 21.91 ? 199 VAL A CA  1 
ATOM   1389 C CA  B VAL A 1 199 ? -9.679  9.620   -5.048  0.50 22.93 ? 199 VAL A CA  1 
ATOM   1390 C C   . VAL A 1 199 ? -8.368  10.381  -5.163  1.00 19.85 ? 199 VAL A C   1 
ATOM   1391 O O   . VAL A 1 199 ? -7.948  11.031  -4.268  1.00 20.78 ? 199 VAL A O   1 
ATOM   1392 C CB  A VAL A 1 199 ? -9.284  8.236   -4.482  0.50 21.62 ? 199 VAL A CB  1 
ATOM   1393 C CB  B VAL A 1 199 ? -9.363  8.179   -4.596  0.50 23.42 ? 199 VAL A CB  1 
ATOM   1394 C CG1 A VAL A 1 199 ? -9.416  8.246   -2.959  0.50 20.01 ? 199 VAL A CG1 1 
ATOM   1395 C CG1 B VAL A 1 199 ? -10.578 7.531   -4.056  0.50 25.50 ? 199 VAL A CG1 1 
ATOM   1396 C CG2 A VAL A 1 199 ? -10.036 7.093   -5.052  0.50 21.29 ? 199 VAL A CG2 1 
ATOM   1397 C CG2 B VAL A 1 199 ? -8.724  7.328   -5.657  0.50 23.78 ? 199 VAL A CG2 1 
ATOM   1398 N N   . LEU A 1 200 ? -7.701  10.248  -6.282  1.00 20.24 ? 200 LEU A N   1 
ATOM   1399 C CA  . LEU A 1 200 ? -6.429  10.887  -6.425  1.00 22.09 ? 200 LEU A CA  1 
ATOM   1400 C C   . LEU A 1 200 ? -6.595  12.407  -6.327  1.00 22.03 ? 200 LEU A C   1 
ATOM   1401 O O   . LEU A 1 200 ? -5.887  13.054  -5.550  1.00 23.41 ? 200 LEU A O   1 
ATOM   1402 C CB  . LEU A 1 200 ? -5.753  10.459  -7.741  1.00 23.17 ? 200 LEU A CB  1 
ATOM   1403 C CG  . LEU A 1 200 ? -4.281  10.696  -7.898  1.00 30.01 ? 200 LEU A CG  1 
ATOM   1404 C CD1 . LEU A 1 200 ? -3.503  10.119  -6.715  1.00 28.56 ? 200 LEU A CD1 1 
ATOM   1405 C CD2 . LEU A 1 200 ? -3.884  10.033  -9.224  1.00 28.96 ? 200 LEU A CD2 1 
ATOM   1406 N N   . ASP A 1 201 ? -7.549  12.981  -7.046  1.00 19.74 ? 201 ASP A N   1 
ATOM   1407 C CA  . ASP A 1 201 ? -7.765  14.404  -6.999  1.00 22.74 ? 201 ASP A CA  1 
ATOM   1408 C C   . ASP A 1 201 ? -8.058  14.856  -5.543  1.00 17.84 ? 201 ASP A C   1 
ATOM   1409 O O   . ASP A 1 201 ? -7.682  15.965  -5.134  1.00 17.36 ? 201 ASP A O   1 
ATOM   1410 C CB  . ASP A 1 201 ? -8.934  14.840  -7.900  1.00 26.66 ? 201 ASP A CB  1 
ATOM   1411 C CG  . ASP A 1 201 ? -8.539  15.033  -9.395  1.00 36.80 ? 201 ASP A CG  1 
ATOM   1412 O OD1 . ASP A 1 201 ? -7.341  15.026  -9.748  1.00 31.82 ? 201 ASP A OD1 1 
ATOM   1413 O OD2 . ASP A 1 201 ? -9.463  15.309  -10.219 1.00 38.22 ? 201 ASP A OD2 1 
ATOM   1414 N N   . THR A 1 202 ? -8.874  14.066  -4.871  1.00 19.16 ? 202 THR A N   1 
ATOM   1415 C CA  . THR A 1 202 ? -9.374  14.427  -3.545  1.00 18.37 ? 202 THR A CA  1 
ATOM   1416 C C   . THR A 1 202 ? -8.219  14.428  -2.540  1.00 17.01 ? 202 THR A C   1 
ATOM   1417 O O   . THR A 1 202 ? -7.996  15.412  -1.874  1.00 16.92 ? 202 THR A O   1 
ATOM   1418 C CB  . THR A 1 202 ? -10.452 13.431  -3.114  1.00 18.41 ? 202 THR A CB  1 
ATOM   1419 O OG1 . THR A 1 202 ? -11.548 13.443  -4.076  1.00 19.98 ? 202 THR A OG1 1 
ATOM   1420 C CG2 . THR A 1 202 ? -10.923 13.767  -1.728  1.00 21.17 ? 202 THR A CG2 1 
ATOM   1421 N N   . LEU A 1 203 ? -7.370  13.417  -2.605  1.00 16.38 ? 203 LEU A N   1 
ATOM   1422 C CA  . LEU A 1 203 ? -6.213  13.368  -1.689  1.00 18.03 ? 203 LEU A CA  1 
ATOM   1423 C C   . LEU A 1 203 ? -5.172  14.462  -1.972  1.00 18.62 ? 203 LEU A C   1 
ATOM   1424 O O   . LEU A 1 203 ? -4.660  15.111  -1.068  1.00 16.93 ? 203 LEU A O   1 
ATOM   1425 C CB  . LEU A 1 203 ? -5.593  11.993  -1.744  1.00 15.56 ? 203 LEU A CB  1 
ATOM   1426 C CG  . LEU A 1 203 ? -6.503  10.889  -1.261  1.00 19.18 ? 203 LEU A CG  1 
ATOM   1427 C CD1 . LEU A 1 203 ? -5.846  9.527   -1.505  1.00 22.42 ? 203 LEU A CD1 1 
ATOM   1428 C CD2 . LEU A 1 203 ? -6.940  11.065  0.195   1.00 21.07 ? 203 LEU A CD2 1 
ATOM   1429 N N   . VAL A 1 204 ? -4.902  14.702  -3.252  1.00 17.33 ? 204 VAL A N   1 
ATOM   1430 C CA  . VAL A 1 204 ? -3.917  15.678  -3.639  1.00 17.40 ? 204 VAL A CA  1 
ATOM   1431 C C   . VAL A 1 204 ? -4.367  17.078  -3.173  1.00 17.41 ? 204 VAL A C   1 
ATOM   1432 O O   . VAL A 1 204 ? -3.551  17.853  -2.666  1.00 18.32 ? 204 VAL A O   1 
ATOM   1433 C CB  . VAL A 1 204 ? -3.666  15.670  -5.163  1.00 19.52 ? 204 VAL A CB  1 
ATOM   1434 C CG1 . VAL A 1 204 ? -2.847  16.888  -5.569  1.00 21.33 ? 204 VAL A CG1 1 
ATOM   1435 C CG2 . VAL A 1 204 ? -2.986  14.375  -5.620  1.00 22.02 ? 204 VAL A CG2 1 
ATOM   1436 N N   . HIS A 1 205 ? -5.666  17.375  -3.264  1.00 18.00 ? 205 HIS A N   1 
ATOM   1437 C CA  . HIS A 1 205 ? -6.146  18.674  -2.825  1.00 17.25 ? 205 HIS A CA  1 
ATOM   1438 C C   . HIS A 1 205 ? -5.841  18.874  -1.345  1.00 16.37 ? 205 HIS A C   1 
ATOM   1439 O O   . HIS A 1 205 ? -5.386  19.957  -0.944  1.00 21.23 ? 205 HIS A O   1 
ATOM   1440 C CB  . HIS A 1 205 ? -7.642  18.839  -3.080  1.00 19.07 ? 205 HIS A CB  1 
ATOM   1441 C CG  . HIS A 1 205 ? -8.264  19.997  -2.359  1.00 20.89 ? 205 HIS A CG  1 
ATOM   1442 N ND1 . HIS A 1 205 ? -8.317  21.264  -2.895  1.00 21.76 ? 205 HIS A ND1 1 
ATOM   1443 C CD2 . HIS A 1 205 ? -8.890  20.075  -1.160  1.00 18.78 ? 205 HIS A CD2 1 
ATOM   1444 C CE1 . HIS A 1 205 ? -8.887  22.087  -2.035  1.00 22.51 ? 205 HIS A CE1 1 
ATOM   1445 N NE2 . HIS A 1 205 ? -9.228  21.393  -0.965  1.00 20.69 ? 205 HIS A NE2 1 
ATOM   1446 N N   . ILE A 1 206 ? -6.167  17.879  -0.535  1.00 15.73 ? 206 ILE A N   1 
ATOM   1447 C CA  . ILE A 1 206 ? -6.007  17.944  0.882   1.00 16.88 ? 206 ILE A CA  1 
ATOM   1448 C C   . ILE A 1 206 ? -4.519  17.964  1.293   1.00 16.18 ? 206 ILE A C   1 
ATOM   1449 O O   . ILE A 1 206 ? -4.151  18.754  2.137   1.00 17.75 ? 206 ILE A O   1 
ATOM   1450 C CB  . ILE A 1 206 ? -6.740  16.761  1.569   1.00 17.53 ? 206 ILE A CB  1 
ATOM   1451 C CG1 . ILE A 1 206 ? -8.227  16.884  1.304   1.00 19.02 ? 206 ILE A CG1 1 
ATOM   1452 C CG2 . ILE A 1 206 ? -6.516  16.791  3.070   1.00 17.76 ? 206 ILE A CG2 1 
ATOM   1453 C CD1 . ILE A 1 206 ? -8.996  15.596  1.530   1.00 19.78 ? 206 ILE A CD1 1 
ATOM   1454 N N   . TRP A 1 207 ? -3.669  17.227  0.591   1.00 16.69 ? 207 TRP A N   1 
ATOM   1455 C CA  . TRP A 1 207 ? -2.188  17.319  0.799   1.00 16.87 ? 207 TRP A CA  1 
ATOM   1456 C C   . TRP A 1 207 ? -1.678  18.725  0.499   1.00 18.05 ? 207 TRP A C   1 
ATOM   1457 O O   . TRP A 1 207 ? -0.948  19.316  1.300   1.00 18.36 ? 207 TRP A O   1 
ATOM   1458 C CB  . TRP A 1 207 ? -1.430  16.279  -0.025  1.00 16.45 ? 207 TRP A CB  1 
ATOM   1459 C CG  . TRP A 1 207 ? -1.441  14.949  0.581   1.00 16.04 ? 207 TRP A CG  1 
ATOM   1460 C CD1 . TRP A 1 207 ? -2.557  14.182  0.892   1.00 17.94 ? 207 TRP A CD1 1 
ATOM   1461 C CD2 . TRP A 1 207 ? -0.319  14.115  0.851   1.00 18.65 ? 207 TRP A CD2 1 
ATOM   1462 N NE1 . TRP A 1 207 ? -2.181  12.993  1.396   1.00 15.96 ? 207 TRP A NE1 1 
ATOM   1463 C CE2 . TRP A 1 207 ? -0.816  12.931  1.442   1.00 18.02 ? 207 TRP A CE2 1 
ATOM   1464 C CE3 . TRP A 1 207 ? 1.049   14.290  0.772   1.00 18.99 ? 207 TRP A CE3 1 
ATOM   1465 C CZ2 . TRP A 1 207 ? 0.010   11.873  1.835   1.00 20.99 ? 207 TRP A CZ2 1 
ATOM   1466 C CZ3 . TRP A 1 207 ? 1.880   13.219  1.200   1.00 21.08 ? 207 TRP A CZ3 1 
ATOM   1467 C CH2 . TRP A 1 207 ? 1.357   12.054  1.736   1.00 20.84 ? 207 TRP A CH2 1 
ATOM   1468 N N   . VAL A 1 208 ? -2.068  19.261  -0.633  1.00 18.23 ? 208 VAL A N   1 
ATOM   1469 C CA  . VAL A 1 208 ? -1.478  20.485  -1.067  1.00 20.98 ? 208 VAL A CA  1 
ATOM   1470 C C   . VAL A 1 208 ? -1.934  21.674  -0.217  1.00 20.74 ? 208 VAL A C   1 
ATOM   1471 O O   . VAL A 1 208 ? -1.106  22.497  0.165   1.00 21.62 ? 208 VAL A O   1 
ATOM   1472 C CB  . VAL A 1 208 ? -1.700  20.726  -2.580  1.00 22.48 ? 208 VAL A CB  1 
ATOM   1473 C CG1 . VAL A 1 208 ? -1.350  22.151  -2.983  1.00 30.40 ? 208 VAL A CG1 1 
ATOM   1474 C CG2 . VAL A 1 208 ? -0.851  19.715  -3.330  1.00 25.58 ? 208 VAL A CG2 1 
ATOM   1475 N N   . THR A 1 209 ? -3.221  21.722  0.085   1.00 20.56 ? 209 THR A N   1 
ATOM   1476 C CA  . THR A 1 209 ? -3.752  22.801  0.894   1.00 22.14 ? 209 THR A CA  1 
ATOM   1477 C C   . THR A 1 209 ? -3.207  22.754  2.292   1.00 21.32 ? 209 THR A C   1 
ATOM   1478 O O   . THR A 1 209 ? -2.907  23.809  2.872   1.00 19.53 ? 209 THR A O   1 
ATOM   1479 C CB  . THR A 1 209 ? -5.285  22.843  0.922   1.00 23.30 ? 209 THR A CB  1 
ATOM   1480 O OG1 . THR A 1 209 ? -5.808  21.579  1.309   1.00 18.92 ? 209 THR A OG1 1 
ATOM   1481 C CG2 . THR A 1 209 ? -5.829  23.258  -0.390  1.00 26.65 ? 209 THR A CG2 1 
ATOM   1482 N N   . SER A 1 210 ? -3.068  21.573  2.863   1.00 17.88 ? 210 SER A N   1 
ATOM   1483 C CA  . SER A 1 210 ? -2.626  21.526  4.240   1.00 20.79 ? 210 SER A CA  1 
ATOM   1484 C C   . SER A 1 210 ? -1.110  21.705  4.373   1.00 20.01 ? 210 SER A C   1 
ATOM   1485 O O   . SER A 1 210 ? -0.647  22.138  5.426   1.00 20.58 ? 210 SER A O   1 
ATOM   1486 C CB  . SER A 1 210 ? -3.101  20.248  4.959   1.00 22.24 ? 210 SER A CB  1 
ATOM   1487 O OG  . SER A 1 210 ? -2.464  19.095  4.459   1.00 20.66 ? 210 SER A OG  1 
ATOM   1488 N N   . ILE A 1 211 ? -0.349  21.326  3.346   1.00 18.50 ? 211 ILE A N   1 
ATOM   1489 C CA  . ILE A 1 211 ? 1.104   21.502  3.340   1.00 18.07 ? 211 ILE A CA  1 
ATOM   1490 C C   . ILE A 1 211 ? 1.441   22.944  3.047   1.00 20.49 ? 211 ILE A C   1 
ATOM   1491 O O   . ILE A 1 211 ? 2.320   23.513  3.687   1.00 21.68 ? 211 ILE A O   1 
ATOM   1492 C CB  . ILE A 1 211 ? 1.827   20.534  2.373   1.00 20.45 ? 211 ILE A CB  1 
ATOM   1493 C CG1 . ILE A 1 211 ? 1.689   19.120  2.938   1.00 18.91 ? 211 ILE A CG1 1 
ATOM   1494 C CG2 . ILE A 1 211 ? 3.301   20.906  2.195   1.00 20.78 ? 211 ILE A CG2 1 
ATOM   1495 C CD1 . ILE A 1 211 ? 2.147   18.033  2.022   1.00 20.18 ? 211 ILE A CD1 1 
ATOM   1496 N N   . TYR A 1 212 ? 0.707   23.567  2.155   1.00 20.94 ? 212 TYR A N   1 
ATOM   1497 C CA  . TYR A 1 212 ? 1.123   24.910  1.708   1.00 24.50 ? 212 TYR A CA  1 
ATOM   1498 C C   . TYR A 1 212 ? 0.294   26.027  2.287   1.00 26.11 ? 212 TYR A C   1 
ATOM   1499 O O   . TYR A 1 212 ? 0.647   27.199  2.126   1.00 28.78 ? 212 TYR A O   1 
ATOM   1500 C CB  . TYR A 1 212 ? 1.163   24.965  0.162   1.00 24.66 ? 212 TYR A CB  1 
ATOM   1501 C CG  . TYR A 1 212 ? 2.212   24.060  -0.410  1.00 23.71 ? 212 TYR A CG  1 
ATOM   1502 C CD1 . TYR A 1 212 ? 3.567   24.432  -0.435  1.00 25.79 ? 212 TYR A CD1 1 
ATOM   1503 C CD2 . TYR A 1 212 ? 1.876   22.792  -0.870  1.00 22.69 ? 212 TYR A CD2 1 
ATOM   1504 C CE1 . TYR A 1 212 ? 4.535   23.586  -0.931  1.00 21.63 ? 212 TYR A CE1 1 
ATOM   1505 C CE2 . TYR A 1 212 ? 2.816   21.939  -1.376  1.00 24.32 ? 212 TYR A CE2 1 
ATOM   1506 C CZ  . TYR A 1 212 ? 4.156   22.322  -1.410  1.00 25.29 ? 212 TYR A CZ  1 
ATOM   1507 O OH  . TYR A 1 212 ? 5.079   21.403  -1.892  1.00 25.60 ? 212 TYR A OH  1 
ATOM   1508 N N   . GLY A 1 213 ? -0.797  25.685  2.980   1.00 27.33 ? 213 GLY A N   1 
ATOM   1509 C CA  . GLY A 1 213 ? -1.774  26.658  3.429   1.00 30.02 ? 213 GLY A CA  1 
ATOM   1510 C C   . GLY A 1 213 ? -1.359  27.278  4.751   1.00 31.09 ? 213 GLY A C   1 
ATOM   1511 O O   . GLY A 1 213 ? -0.916  26.593  5.655   1.00 29.67 ? 213 GLY A O   1 
ATOM   1512 N N   . GLU A 1 214 ? -1.401  28.604  4.803   1.00 41.76 ? 214 GLU A N   1 
ATOM   1513 C CA  . GLU A 1 214 ? -0.907  29.371  5.957   1.00 44.82 ? 214 GLU A CA  1 
ATOM   1514 C C   . GLU A 1 214 ? -2.001  29.338  6.994   1.00 47.44 ? 214 GLU A C   1 
ATOM   1515 O O   . GLU A 1 214 ? -3.193  29.103  6.681   1.00 43.61 ? 214 GLU A O   1 
ATOM   1516 C CB  . GLU A 1 214 ? -0.561  30.817  5.562   1.00 44.42 ? 214 GLU A CB  1 
HETATM 1517 C CAO . 8YT B 2 .   ? 2.914   10.356  -0.991  1.00 44.36 ? 301 8YT A CAO 1 
HETATM 1518 C CAP . 8YT B 2 .   ? 3.884   10.825  -2.001  1.00 45.73 ? 301 8YT A CAP 1 
HETATM 1519 C CAQ . 8YT B 2 .   ? 5.015   11.564  -1.338  1.00 47.94 ? 301 8YT A CAQ 1 
HETATM 1520 C CAT . 8YT B 2 .   ? 6.159   11.931  -2.354  1.00 53.01 ? 301 8YT A CAT 1 
HETATM 1521 O OAU . 8YT B 2 .   ? 6.685   11.104  -3.105  1.00 61.14 ? 301 8YT A OAU 1 
HETATM 1522 N NAV . 8YT B 2 .   ? 6.542   13.195  -2.362  1.00 53.05 ? 301 8YT A NAV 1 
HETATM 1523 C CAR . 8YT B 2 .   ? 5.489   10.773  -0.129  1.00 44.27 ? 301 8YT A CAR 1 
HETATM 1524 C CAS . 8YT B 2 .   ? 4.956   9.368   -0.082  1.00 44.40 ? 301 8YT A CAS 1 
HETATM 1525 N NAN . 8YT B 2 .   ? 3.481   9.361   -0.142  1.00 51.18 ? 301 8YT A NAN 1 
HETATM 1526 C CAL . 8YT B 2 .   ? 2.745   8.322   0.407   1.00 58.87 ? 301 8YT A CAL 1 
HETATM 1527 O OAM . 8YT B 2 .   ? 3.287   7.466   1.115   1.00 77.18 ? 301 8YT A OAM 1 
HETATM 1528 C CAK . 8YT B 2 .   ? 1.228   8.499   0.568   1.00 50.08 ? 301 8YT A CAK 1 
HETATM 1529 C CAJ . 8YT B 2 .   ? 0.272   7.473   0.017   1.00 41.09 ? 301 8YT A CAJ 1 
HETATM 1530 C CAH . 8YT B 2 .   ? 0.168   6.253   0.942   1.00 42.22 ? 301 8YT A CAH 1 
HETATM 1531 O OAI . 8YT B 2 .   ? -0.959  5.255   0.839   1.00 50.33 ? 301 8YT A OAI 1 
HETATM 1532 C CAG . 8YT B 2 .   ? 0.964   5.815   1.936   1.00 51.11 ? 301 8YT A CAG 1 
HETATM 1533 C CAF . 8YT B 2 .   ? 0.413   4.672   2.428   1.00 46.94 ? 301 8YT A CAF 1 
HETATM 1534 C CAE . 8YT B 2 .   ? -0.702  4.374   1.736   1.00 45.78 ? 301 8YT A CAE 1 
HETATM 1535 C CAD . 8YT B 2 .   ? -1.648  3.262   1.967   1.00 53.07 ? 301 8YT A CAD 1 
HETATM 1536 C CAC . 8YT B 2 .   ? -1.321  2.038   2.778   1.00 51.49 ? 301 8YT A CAC 1 
HETATM 1537 C CAB . 8YT B 2 .   ? -1.435  1.997   1.228   1.00 58.23 ? 301 8YT A CAB 1 
HETATM 1538 C CAA . 8YT B 2 .   ? -2.713  1.656   0.440   1.00 58.80 ? 301 8YT A CAA 1 
HETATM 1539 S S   . SO4 C 3 .   ? -6.404  -24.303 6.622   0.50 48.04 ? 302 SO4 A S   1 
HETATM 1540 O O1  . SO4 C 3 .   ? -6.217  -24.885 5.288   0.50 40.88 ? 302 SO4 A O1  1 
HETATM 1541 O O2  . SO4 C 3 .   ? -7.548  -23.359 6.582   0.50 44.58 ? 302 SO4 A O2  1 
HETATM 1542 O O3  . SO4 C 3 .   ? -6.700  -25.470 7.488   0.50 49.99 ? 302 SO4 A O3  1 
HETATM 1543 O O4  . SO4 C 3 .   ? -5.223  -23.566 7.113   0.50 35.67 ? 302 SO4 A O4  1 
HETATM 1544 S S   . SO4 D 3 .   ? 4.574   25.677  -7.969  0.50 46.36 ? 303 SO4 A S   1 
HETATM 1545 O O1  . SO4 D 3 .   ? 5.051   26.402  -9.160  0.50 47.29 ? 303 SO4 A O1  1 
HETATM 1546 O O2  . SO4 D 3 .   ? 3.116   25.426  -8.109  0.50 42.09 ? 303 SO4 A O2  1 
HETATM 1547 O O3  . SO4 D 3 .   ? 5.376   24.458  -7.863  0.50 39.78 ? 303 SO4 A O3  1 
HETATM 1548 O O4  . SO4 D 3 .   ? 4.801   26.529  -6.795  0.50 44.60 ? 303 SO4 A O4  1 
HETATM 1549 O O   . HOH E 4 .   ? 4.957   14.383  17.399  0.50 22.25 ? 401 HOH A O   1 
HETATM 1550 O O   . HOH E 4 .   ? -15.904 3.638   4.853   1.00 35.65 ? 402 HOH A O   1 
HETATM 1551 O O   . HOH E 4 .   ? -6.927  -27.213 5.372   1.00 59.88 ? 403 HOH A O   1 
HETATM 1552 O O   . HOH E 4 .   ? 9.265   28.311  5.090   1.00 42.59 ? 404 HOH A O   1 
HETATM 1553 O O   . HOH E 4 .   ? -1.777  28.299  10.386  1.00 53.66 ? 405 HOH A O   1 
HETATM 1554 O O   . HOH E 4 .   ? 12.801  -4.702  1.401   1.00 54.19 ? 406 HOH A O   1 
HETATM 1555 O O   . HOH E 4 .   ? -13.059 15.343  -4.959  1.00 32.82 ? 407 HOH A O   1 
HETATM 1556 O O   . HOH E 4 .   ? -3.103  6.870   -12.183 1.00 23.00 ? 408 HOH A O   1 
HETATM 1557 O O   . HOH E 4 .   ? 0.495   24.448  6.374   1.00 21.53 ? 409 HOH A O   1 
HETATM 1558 O O   . HOH E 4 .   ? -6.783  16.003  -12.149 1.00 41.02 ? 410 HOH A O   1 
HETATM 1559 O O   . HOH E 4 .   ? 12.297  22.785  7.755   1.00 50.63 ? 411 HOH A O   1 
HETATM 1560 O O   . HOH E 4 .   ? 10.207  -6.376  3.549   1.00 37.97 ? 412 HOH A O   1 
HETATM 1561 O O   . HOH E 4 .   ? 10.423  16.387  10.481  1.00 34.84 ? 413 HOH A O   1 
HETATM 1562 O O   . HOH E 4 .   ? 0.283   -2.422  11.724  1.00 36.89 ? 414 HOH A O   1 
HETATM 1563 O O   . HOH E 4 .   ? 1.453   23.325  -8.094  1.00 41.05 ? 415 HOH A O   1 
HETATM 1564 O O   . HOH E 4 .   ? 11.828  12.789  8.199   1.00 28.96 ? 416 HOH A O   1 
HETATM 1565 O O   . HOH E 4 .   ? 4.685   18.330  18.891  1.00 34.30 ? 417 HOH A O   1 
HETATM 1566 O O   . HOH E 4 .   ? 14.404  17.470  4.499   1.00 35.86 ? 418 HOH A O   1 
HETATM 1567 O O   . HOH E 4 .   ? 6.893   -8.313  9.146   1.00 46.48 ? 419 HOH A O   1 
HETATM 1568 O O   . HOH E 4 .   ? 3.986   23.190  5.942   1.00 21.10 ? 420 HOH A O   1 
HETATM 1569 O O   . HOH E 4 .   ? -12.697 6.510   0.015   1.00 28.60 ? 421 HOH A O   1 
HETATM 1570 O O   . HOH E 4 .   ? 4.589   12.435  14.847  1.00 49.60 ? 422 HOH A O   1 
HETATM 1571 O O   . HOH E 4 .   ? -0.927  -13.496 -9.058  1.00 51.87 ? 423 HOH A O   1 
HETATM 1572 O O   . HOH E 4 .   ? -6.723  17.776  -6.937  1.00 25.92 ? 424 HOH A O   1 
HETATM 1573 O O   . HOH E 4 .   ? -9.527  9.596   -12.349 1.00 40.52 ? 425 HOH A O   1 
HETATM 1574 O O   . HOH E 4 .   ? 12.250  -1.382  -1.066  1.00 50.50 ? 426 HOH A O   1 
HETATM 1575 O O   . HOH E 4 .   ? -0.864  2.434   9.385   1.00 35.48 ? 427 HOH A O   1 
HETATM 1576 O O   . HOH E 4 .   ? 10.721  1.947   9.213   1.00 37.21 ? 428 HOH A O   1 
HETATM 1577 O O   . HOH E 4 .   ? -7.861  -24.152 -5.984  1.00 48.47 ? 429 HOH A O   1 
HETATM 1578 O O   . HOH E 4 .   ? -4.410  -8.604  -5.416  1.00 31.80 ? 430 HOH A O   1 
HETATM 1579 O O   . HOH E 4 .   ? 8.344   7.940   10.676  1.00 23.50 ? 431 HOH A O   1 
HETATM 1580 O O   . HOH E 4 .   ? 6.794   -32.093 2.194   1.00 24.77 ? 432 HOH A O   1 
HETATM 1581 O O   . HOH E 4 .   ? 0.640   -13.010 15.441  1.00 52.63 ? 433 HOH A O   1 
HETATM 1582 O O   . HOH E 4 .   ? -8.603  8.963   -8.855  1.00 20.16 ? 434 HOH A O   1 
HETATM 1583 O O   . HOH E 4 .   ? -7.012  -11.515 5.644   1.00 53.79 ? 435 HOH A O   1 
HETATM 1584 O O   . HOH E 4 .   ? 2.887   28.558  0.685   1.00 48.37 ? 436 HOH A O   1 
HETATM 1585 O O   . HOH E 4 .   ? -2.647  -22.441 7.320   1.00 38.95 ? 437 HOH A O   1 
HETATM 1586 O O   . HOH E 4 .   ? -11.221 18.161  -8.571  1.00 37.08 ? 438 HOH A O   1 
HETATM 1587 O O   . HOH E 4 .   ? -8.922  11.671  -9.152  1.00 20.47 ? 439 HOH A O   1 
HETATM 1588 O O   . HOH E 4 .   ? 0.260   0.323   12.573  1.00 51.12 ? 440 HOH A O   1 
HETATM 1589 O O   . HOH E 4 .   ? 15.288  22.782  0.988   1.00 41.64 ? 441 HOH A O   1 
HETATM 1590 O O   . HOH E 4 .   ? 7.332   -24.314 5.761   1.00 47.47 ? 442 HOH A O   1 
HETATM 1591 O O   . HOH E 4 .   ? 9.544   -8.207  -1.738  1.00 62.73 ? 443 HOH A O   1 
HETATM 1592 O O   . HOH E 4 .   ? -2.576  30.092  2.623   1.00 44.80 ? 444 HOH A O   1 
HETATM 1593 O O   . HOH E 4 .   ? -19.262 -0.715  3.388   1.00 46.28 ? 445 HOH A O   1 
HETATM 1594 O O   . HOH E 4 .   ? 6.058   30.236  8.179   1.00 46.17 ? 446 HOH A O   1 
HETATM 1595 O O   . HOH E 4 .   ? 3.447   -32.499 -4.865  1.00 32.15 ? 447 HOH A O   1 
HETATM 1596 O O   . HOH E 4 .   ? -3.569  31.659  8.786   1.00 62.36 ? 448 HOH A O   1 
HETATM 1597 O O   . HOH E 4 .   ? 12.535  29.289  4.992   1.00 51.86 ? 449 HOH A O   1 
HETATM 1598 O O   . HOH E 4 .   ? 8.508   17.774  12.314  1.00 33.80 ? 450 HOH A O   1 
HETATM 1599 O O   . HOH E 4 .   ? -2.729  -33.575 -0.601  1.00 36.71 ? 451 HOH A O   1 
HETATM 1600 O O   . HOH E 4 .   ? 14.383  28.870  -2.218  1.00 52.40 ? 452 HOH A O   1 
HETATM 1601 O O   . HOH E 4 .   ? 8.516   -6.579  -4.828  1.00 42.35 ? 453 HOH A O   1 
HETATM 1602 O O   . HOH E 4 .   ? 8.394   20.439  12.136  1.00 34.50 ? 454 HOH A O   1 
HETATM 1603 O O   . HOH E 4 .   ? -8.994  -11.995 3.942   1.00 45.91 ? 455 HOH A O   1 
HETATM 1604 O O   . HOH E 4 .   ? 10.569  0.949   -9.343  1.00 45.24 ? 456 HOH A O   1 
HETATM 1605 O O   . HOH E 4 .   ? 7.783   13.797  -9.429  1.00 40.74 ? 457 HOH A O   1 
HETATM 1606 O O   . HOH E 4 .   ? -14.727 5.103   -9.943  1.00 22.14 ? 458 HOH A O   1 
HETATM 1607 O O   . HOH E 4 .   ? 6.277   24.261  13.271  1.00 53.27 ? 459 HOH A O   1 
HETATM 1608 O O   . HOH E 4 .   ? 9.003   23.589  10.675  1.00 38.16 ? 460 HOH A O   1 
HETATM 1609 O O   . HOH E 4 .   ? 10.515  21.439  -12.644 1.00 66.96 ? 461 HOH A O   1 
HETATM 1610 O O   . HOH E 4 .   ? -6.730  -5.789  -8.327  1.00 35.97 ? 462 HOH A O   1 
HETATM 1611 O O   . HOH E 4 .   ? -5.331  28.289  4.440   1.00 49.81 ? 463 HOH A O   1 
HETATM 1612 O O   . HOH E 4 .   ? 1.970   23.996  15.477  1.00 49.64 ? 464 HOH A O   1 
HETATM 1613 O O   . HOH E 4 .   ? -5.532  0.300   -10.446 1.00 47.69 ? 465 HOH A O   1 
HETATM 1614 O O   . HOH E 4 .   ? -15.946 3.715   -7.779  1.00 45.72 ? 466 HOH A O   1 
HETATM 1615 O O   . HOH E 4 .   ? -20.439 6.441   -0.615  1.00 45.73 ? 467 HOH A O   1 
HETATM 1616 O O   . HOH E 4 .   ? -6.025  2.279   -9.471  1.00 45.50 ? 468 HOH A O   1 
HETATM 1617 O O   . HOH E 4 .   ? -5.207  19.712  -6.065  1.00 33.88 ? 469 HOH A O   1 
HETATM 1618 O O   . HOH E 4 .   ? 0.914   -36.659 -2.385  1.00 34.37 ? 470 HOH A O   1 
HETATM 1619 O O   . HOH E 4 .   ? 13.530  9.837   4.319   1.00 43.49 ? 471 HOH A O   1 
HETATM 1620 O O   . HOH E 4 .   ? 14.423  0.202   -6.097  1.00 63.25 ? 472 HOH A O   1 
HETATM 1621 O O   . HOH E 4 .   ? 13.941  11.168  7.851   1.00 46.91 ? 473 HOH A O   1 
HETATM 1622 O O   . HOH E 4 .   ? 11.873  -24.270 -0.445  1.00 55.42 ? 474 HOH A O   1 
HETATM 1623 O O   . HOH E 4 .   ? -7.529  8.506   -11.191 1.00 32.26 ? 475 HOH A O   1 
# 
